data_7YZP
#
_entry.id   7YZP
#
_cell.length_a   1.00
_cell.length_b   1.00
_cell.length_c   1.00
_cell.angle_alpha   90.00
_cell.angle_beta   90.00
_cell.angle_gamma   90.00
#
_symmetry.space_group_name_H-M   'P 1'
#
loop_
_entity.id
_entity.type
_entity.pdbx_description
1 polymer 'DNA hairpin (59-MER)'
2 polymer 'Nuclease SbcCD subunit D'
3 polymer 'Nuclease SbcCD subunit C'
4 non-polymer 'MANGANESE (II) ION'
5 non-polymer "ADENOSINE-5'-DIPHOSPHATE"
6 non-polymer 'MAGNESIUM ION'
#
loop_
_entity_poly.entity_id
_entity_poly.type
_entity_poly.pdbx_seq_one_letter_code
_entity_poly.pdbx_strand_id
1 'polydeoxyribonucleotide'
;(DC)(DG)(DC)(DT)(DT)(DT)(DA)(DT)(DC)(DA)(DG)(DA)(DA)(DG)(DC)(DC)(DA)(DG)(DA)(DC)
(DA)(DT)(DT)(DA)(DA)(DC)(DG)(DC)(DT)(DT)(DC)(DT)(DG)(DG)(DA)(DT)(DA)(DG)(DC)(DG)
(DT)(DC)(DC)(DA)(DG)(DA)(DA)(DG)(DC)(DG)(DT)(DT)(DA)(DA)(DT)(DG)(DT)(DC)(DT)(DG)
(DG)(DC)(DT)(DT)(DC)(DT)(DG)(DA)(DT)(DA)(DA)(DA)(DG)(DC)(DG)
;
F
2 'polypeptide(L)'
;MRILHTSDWHLGQNFYSKSREAEHQAFLDWLLETAQTHQVDAIIVAGDVFDTGSPPSYARTLYNRFVVNLQQTGCHLVVL
AGNQDSVATLNESRDIMAFLNTTVVASAGHAPQILPRRDGTPGAVLCPIPFLRPRDIITSQAGLNGIEKQQHLLAAITDY
YQQHYADACKLRGDQPLPIIATGHLTTVGASKSDAVRDIYIGTLDAFPAQNFPPADYIALGHIHRAQIIGGMEHVRYCGS
PIPLSFDECGKSKYVHLVTFSNGKLESVENLNVPVTQPMAVLKGDLASITAQLEQWRDVSQEPPVWLDIEITTDEYLHDI
QRKIQALTESLPVEVLLVRRSREQRERVLASQQRETLSELSVEEVFNRRLALEELDESQQQRLQHLFTTTLHTLAGEHEA
GHHHHHH
;
A,B
3 'polypeptide(L)'
;MKILSLRLKNLNSLKGEWKIDFTREPFASNGLFAITGPTGAGKTTLLDAICLALYHETPRLSNVSQSQNDLMTRDTAECL
AEVEFEVKGEAYRAFWSQNRARNQPDGNLQVPRVELARCADGKILADKVKDKLELTATLTGLDYGRFTRSMLLSQGQFAA
FLNAKPKERAELLEELTGTEIYGQISAMVFEQHKSARTELEKLQAQASGVTLLTPEQVQSLTASLQVLTDEEKQLITAQQ
QEQQSLNWLTRQDELQQEASRRQQALQQALAEEEKAQPQLAALSLAQPARNLRPHWERIAEHSAALAHIRQQIEEVNTRL
QSTMALRASIRHHAAKQSAELQQQQQSLNTWLQEHDRFRQWNNEPAGWRAQFSQQTSDREHLRQWQQQLTHAEQKLNALA
AITLTLTADEVATALAQHAEQRPLRQHLVALHGQIVPQQKRLAQLQVAIQNVTQEQTQRNAALNEMRQRYKEKTQQLADV
KTICEQEARIKTLEAQRAQLQAGQPCPLCGSTSHPAVEAYQALEPGVNQSRLLALENEVKKLGEEGATLRGQLDAITKQL
QRDENEAQSLRQDEQALTQQWQAVTASLNITLQPLDDIQPWLDAQDEHERQLRLLSQRHELQGQIAAHNQQIIQYQQQIE
QRQQLLLTTLTGYALTLPQEDEEESWLATRQQEAQSWQQRQNELTALQNRIQQLTPILETLPQSDELPHCEETVVLENWR
QVHEQCLALHSQQQTLQQQDVLAAQSLQKAQAQFDTALQASVFDDQQAFLAALMDEQTLTQLEQLKQNLENQRRQAQTLV
TQTAETLAQHQQHRPDDGLALTVTVEQIQQELAQTHQKLRENTTSQGEIRQQLKQDADNRQQQQTLMQQIAQMTQQVEDW
GYLNSLIGSKEGDKFRKFAQGLTLDNLVHLANQQLTRLHGRYLLQRKASEALEVEVVDTWQADAVRDTRTLSGGESFLVS
LALALALSDLVSHKTRIDSLFLDEGFGTLDSETLDTALDALDALNASGKTIGVISHVEAMKERIPVQIKVKKINGLGYSK
LESTFAVK
;
C,D
#
# COMPACT_ATOMS: atom_id res chain seq x y z
N MET B 1 28.54 -44.21 -10.39
CA MET B 1 27.54 -43.15 -10.50
C MET B 1 27.99 -41.85 -9.85
N ARG B 2 27.78 -40.76 -10.57
CA ARG B 2 28.06 -39.41 -10.08
C ARG B 2 26.80 -38.57 -10.18
N ILE B 3 26.53 -37.80 -9.13
CA ILE B 3 25.39 -36.90 -9.09
C ILE B 3 25.83 -35.57 -8.48
N LEU B 4 25.29 -34.47 -9.01
CA LEU B 4 25.60 -33.14 -8.50
C LEU B 4 24.54 -32.75 -7.48
N HIS B 5 25.00 -32.22 -6.34
CA HIS B 5 24.12 -31.84 -5.23
C HIS B 5 24.18 -30.33 -5.09
N THR B 6 23.12 -29.64 -5.53
CA THR B 6 23.03 -28.20 -5.46
C THR B 6 21.59 -27.82 -5.16
N SER B 7 21.39 -26.57 -4.72
CA SER B 7 20.07 -26.05 -4.42
C SER B 7 20.18 -24.55 -4.22
N ASP B 8 19.04 -23.92 -3.92
CA ASP B 8 18.97 -22.49 -3.61
C ASP B 8 19.54 -21.64 -4.74
N TRP B 9 19.13 -21.97 -5.97
CA TRP B 9 19.52 -21.14 -7.11
C TRP B 9 18.96 -19.74 -6.99
N HIS B 10 17.68 -19.62 -6.63
CA HIS B 10 16.99 -18.34 -6.48
C HIS B 10 17.13 -17.49 -7.73
N LEU B 11 16.67 -18.06 -8.85
CA LEU B 11 16.74 -17.37 -10.13
C LEU B 11 15.84 -16.13 -10.13
N GLY B 12 16.31 -15.06 -10.76
CA GLY B 12 15.55 -13.84 -10.84
C GLY B 12 15.54 -13.00 -9.58
N GLN B 13 16.34 -13.36 -8.58
CA GLN B 13 16.38 -12.60 -7.33
C GLN B 13 16.90 -11.19 -7.59
N ASN B 14 16.22 -10.20 -7.00
CA ASN B 14 16.66 -8.81 -7.08
C ASN B 14 17.39 -8.47 -5.79
N PHE B 15 18.66 -8.11 -5.89
CA PHE B 15 19.52 -7.82 -4.75
C PHE B 15 19.80 -6.33 -4.73
N TYR B 16 19.03 -5.59 -3.94
CA TYR B 16 19.11 -4.13 -3.87
C TYR B 16 18.98 -3.52 -5.27
N SER B 17 17.96 -3.97 -6.00
CA SER B 17 17.65 -3.54 -7.36
C SER B 17 18.75 -3.89 -8.35
N LYS B 18 19.56 -4.91 -8.06
CA LYS B 18 20.59 -5.39 -8.96
C LYS B 18 20.27 -6.82 -9.37
N SER B 19 20.36 -7.10 -10.66
CA SER B 19 20.03 -8.41 -11.19
C SER B 19 21.18 -9.38 -11.01
N ARG B 20 20.83 -10.66 -10.85
CA ARG B 20 21.81 -11.74 -10.71
C ARG B 20 21.92 -12.59 -11.98
N GLU B 21 21.42 -12.09 -13.11
CA GLU B 21 21.38 -12.89 -14.32
C GLU B 21 22.79 -13.26 -14.80
N ALA B 22 23.73 -12.32 -14.73
CA ALA B 22 25.07 -12.58 -15.22
C ALA B 22 25.75 -13.70 -14.43
N GLU B 23 25.74 -13.59 -13.11
CA GLU B 23 26.37 -14.62 -12.29
C GLU B 23 25.62 -15.95 -12.36
N HIS B 24 24.29 -15.90 -12.49
CA HIS B 24 23.54 -17.14 -12.63
C HIS B 24 23.89 -17.85 -13.93
N GLN B 25 24.01 -17.10 -15.04
CA GLN B 25 24.41 -17.71 -16.30
C GLN B 25 25.84 -18.23 -16.22
N ALA B 26 26.72 -17.50 -15.55
CA ALA B 26 28.10 -17.96 -15.38
C ALA B 26 28.13 -19.28 -14.62
N PHE B 27 27.36 -19.38 -13.53
CA PHE B 27 27.31 -20.63 -12.79
C PHE B 27 26.70 -21.75 -13.62
N LEU B 28 25.68 -21.44 -14.42
CA LEU B 28 25.05 -22.47 -15.23
C LEU B 28 26.02 -23.05 -16.25
N ASP B 29 26.78 -22.18 -16.94
CA ASP B 29 27.73 -22.68 -17.93
C ASP B 29 28.89 -23.39 -17.24
N TRP B 30 29.33 -22.90 -16.08
CA TRP B 30 30.38 -23.59 -15.35
C TRP B 30 29.94 -24.97 -14.89
N LEU B 31 28.70 -25.09 -14.43
CA LEU B 31 28.17 -26.38 -14.01
C LEU B 31 28.05 -27.33 -15.19
N LEU B 32 27.60 -26.82 -16.34
CA LEU B 32 27.51 -27.67 -17.53
C LEU B 32 28.90 -28.16 -17.95
N GLU B 33 29.90 -27.27 -17.92
CA GLU B 33 31.25 -27.66 -18.28
C GLU B 33 31.79 -28.69 -17.30
N THR B 34 31.54 -28.51 -16.00
CA THR B 34 31.99 -29.48 -15.01
C THR B 34 31.29 -30.82 -15.21
N ALA B 35 30.01 -30.80 -15.55
CA ALA B 35 29.29 -32.04 -15.83
C ALA B 35 29.88 -32.76 -17.02
N GLN B 36 30.19 -32.02 -18.09
CA GLN B 36 30.81 -32.63 -19.26
C GLN B 36 32.18 -33.21 -18.93
N THR B 37 32.95 -32.49 -18.11
CA THR B 37 34.29 -32.95 -17.76
C THR B 37 34.24 -34.21 -16.91
N HIS B 38 33.37 -34.23 -15.90
CA HIS B 38 33.32 -35.34 -14.96
C HIS B 38 32.43 -36.48 -15.44
N GLN B 39 31.75 -36.33 -16.58
CA GLN B 39 30.91 -37.38 -17.17
C GLN B 39 29.82 -37.82 -16.19
N VAL B 40 28.96 -36.87 -15.84
CA VAL B 40 27.88 -37.14 -14.89
C VAL B 40 26.74 -37.85 -15.62
N ASP B 41 25.88 -38.49 -14.84
CA ASP B 41 24.72 -39.20 -15.36
C ASP B 41 23.40 -38.57 -14.96
N ALA B 42 23.29 -38.06 -13.73
CA ALA B 42 22.07 -37.43 -13.25
C ALA B 42 22.43 -36.26 -12.34
N ILE B 43 21.66 -35.19 -12.44
CA ILE B 43 21.86 -33.99 -11.64
C ILE B 43 20.57 -33.71 -10.87
N ILE B 44 20.71 -33.42 -9.58
CA ILE B 44 19.57 -33.11 -8.72
C ILE B 44 19.78 -31.73 -8.11
N VAL B 45 18.74 -30.89 -8.20
CA VAL B 45 18.71 -29.61 -7.51
C VAL B 45 17.64 -29.70 -6.42
N ALA B 46 17.98 -29.29 -5.21
CA ALA B 46 17.20 -29.59 -4.02
C ALA B 46 16.28 -28.44 -3.61
N GLY B 47 15.73 -27.69 -4.56
CA GLY B 47 14.68 -26.75 -4.27
C GLY B 47 15.12 -25.30 -4.48
N ASP B 48 14.14 -24.41 -4.31
CA ASP B 48 14.34 -22.97 -4.46
C ASP B 48 14.93 -22.61 -5.83
N VAL B 49 14.41 -23.26 -6.88
CA VAL B 49 14.89 -22.96 -8.22
C VAL B 49 14.47 -21.55 -8.64
N PHE B 50 13.29 -21.09 -8.21
CA PHE B 50 12.80 -19.77 -8.52
C PHE B 50 12.60 -19.00 -7.23
N ASP B 51 13.08 -17.75 -7.20
CA ASP B 51 13.05 -16.97 -5.97
C ASP B 51 11.62 -16.65 -5.53
N THR B 52 10.75 -16.30 -6.47
CA THR B 52 9.39 -15.90 -6.16
C THR B 52 8.39 -16.83 -6.85
N GLY B 53 7.12 -16.67 -6.47
CA GLY B 53 6.07 -17.47 -7.09
C GLY B 53 5.90 -17.19 -8.58
N SER B 54 6.10 -15.94 -8.99
CA SER B 54 5.99 -15.53 -10.38
C SER B 54 7.32 -14.90 -10.79
N PRO B 55 8.30 -15.71 -11.19
CA PRO B 55 9.61 -15.18 -11.56
C PRO B 55 9.53 -14.38 -12.85
N PRO B 56 10.46 -13.44 -13.06
CA PRO B 56 10.45 -12.65 -14.29
C PRO B 56 10.75 -13.52 -15.51
N SER B 57 10.55 -12.91 -16.68
CA SER B 57 10.70 -13.65 -17.94
C SER B 57 12.13 -14.12 -18.15
N TYR B 58 13.11 -13.27 -17.84
CA TYR B 58 14.50 -13.63 -18.12
C TYR B 58 14.96 -14.81 -17.29
N ALA B 59 14.43 -14.97 -16.07
CA ALA B 59 14.74 -16.17 -15.29
C ALA B 59 14.24 -17.42 -15.98
N ARG B 60 13.03 -17.37 -16.54
CA ARG B 60 12.50 -18.51 -17.29
C ARG B 60 13.33 -18.78 -18.54
N THR B 61 13.78 -17.73 -19.22
CA THR B 61 14.65 -17.94 -20.37
C THR B 61 15.96 -18.59 -19.98
N LEU B 62 16.54 -18.16 -18.85
CA LEU B 62 17.76 -18.80 -18.35
C LEU B 62 17.54 -20.27 -18.05
N TYR B 63 16.41 -20.59 -17.38
CA TYR B 63 16.13 -21.98 -17.07
C TYR B 63 15.95 -22.82 -18.34
N ASN B 64 15.23 -22.28 -19.33
CA ASN B 64 15.03 -23.01 -20.57
C ASN B 64 16.35 -23.21 -21.32
N ARG B 65 17.20 -22.19 -21.35
CA ARG B 65 18.50 -22.33 -21.99
C ARG B 65 19.34 -23.37 -21.27
N PHE B 66 19.30 -23.37 -19.93
CA PHE B 66 20.07 -24.37 -19.19
C PHE B 66 19.59 -25.78 -19.48
N VAL B 67 18.28 -25.99 -19.52
CA VAL B 67 17.77 -27.34 -19.78
C VAL B 67 18.08 -27.76 -21.21
N VAL B 68 18.00 -26.82 -22.16
CA VAL B 68 18.34 -27.15 -23.55
C VAL B 68 19.81 -27.54 -23.66
N ASN B 69 20.69 -26.78 -23.01
CA ASN B 69 22.11 -27.08 -23.06
C ASN B 69 22.42 -28.40 -22.36
N LEU B 70 21.72 -28.71 -21.27
CA LEU B 70 21.94 -29.98 -20.59
C LEU B 70 21.41 -31.15 -21.41
N GLN B 71 20.40 -30.90 -22.27
CA GLN B 71 19.90 -31.97 -23.14
C GLN B 71 20.99 -32.50 -24.06
N GLN B 72 21.96 -31.66 -24.42
CA GLN B 72 23.03 -32.11 -25.32
C GLN B 72 23.85 -33.23 -24.70
N THR B 73 24.18 -33.12 -23.41
CA THR B 73 24.98 -34.14 -22.75
C THR B 73 24.22 -35.43 -22.51
N GLY B 74 22.89 -35.39 -22.52
CA GLY B 74 22.09 -36.57 -22.30
C GLY B 74 21.89 -36.93 -20.84
N CYS B 75 22.44 -36.15 -19.91
CA CYS B 75 22.30 -36.45 -18.49
C CYS B 75 20.88 -36.19 -18.02
N HIS B 76 20.51 -36.86 -16.93
CA HIS B 76 19.20 -36.68 -16.33
C HIS B 76 19.22 -35.52 -15.34
N LEU B 77 18.06 -34.86 -15.21
CA LEU B 77 17.92 -33.73 -14.31
C LEU B 77 16.68 -33.90 -13.45
N VAL B 78 16.82 -33.61 -12.17
CA VAL B 78 15.72 -33.69 -11.20
C VAL B 78 15.58 -32.33 -10.55
N VAL B 79 14.37 -31.77 -10.59
CA VAL B 79 14.08 -30.44 -10.06
C VAL B 79 13.18 -30.58 -8.85
N LEU B 80 13.64 -30.09 -7.70
CA LEU B 80 12.89 -30.14 -6.45
C LEU B 80 12.21 -28.80 -6.22
N ALA B 81 11.04 -28.84 -5.58
CA ALA B 81 10.32 -27.63 -5.23
C ALA B 81 10.75 -27.13 -3.85
N GLY B 82 10.93 -25.83 -3.73
CA GLY B 82 11.25 -25.17 -2.49
C GLY B 82 10.01 -24.65 -1.80
N ASN B 83 10.21 -23.62 -0.96
CA ASN B 83 9.08 -22.98 -0.25
C ASN B 83 8.79 -21.64 -0.92
N GLN B 84 9.85 -20.93 -1.32
CA GLN B 84 9.71 -19.61 -1.99
C GLN B 84 9.00 -19.76 -3.34
N ASP B 85 9.26 -20.85 -4.07
CA ASP B 85 8.72 -20.99 -5.45
C ASP B 85 7.23 -21.35 -5.50
N SER B 86 6.71 -21.63 -6.70
CA SER B 86 5.31 -21.95 -6.94
C SER B 86 5.19 -23.34 -7.53
N VAL B 87 4.40 -24.18 -6.87
CA VAL B 87 4.19 -25.55 -7.36
C VAL B 87 3.53 -25.53 -8.73
N ALA B 88 2.61 -24.58 -8.95
CA ALA B 88 2.00 -24.46 -10.27
C ALA B 88 3.01 -23.99 -11.31
N THR B 89 3.90 -23.07 -10.95
CA THR B 89 4.92 -22.59 -11.88
C THR B 89 5.91 -23.69 -12.22
N LEU B 90 6.08 -24.67 -11.34
CA LEU B 90 6.93 -25.81 -11.69
C LEU B 90 6.15 -26.85 -12.50
N ASN B 91 4.88 -27.07 -12.16
CA ASN B 91 4.08 -28.09 -12.84
C ASN B 91 3.71 -27.68 -14.26
N GLU B 92 3.69 -26.38 -14.56
CA GLU B 92 3.39 -25.96 -15.93
C GLU B 92 4.48 -26.39 -16.90
N SER B 93 5.68 -26.70 -16.41
CA SER B 93 6.75 -27.22 -17.25
C SER B 93 7.12 -28.66 -16.92
N ARG B 94 6.62 -29.20 -15.80
CA ARG B 94 6.88 -30.59 -15.46
C ARG B 94 6.36 -31.54 -16.54
N ASP B 95 5.18 -31.25 -17.08
CA ASP B 95 4.58 -32.15 -18.07
C ASP B 95 5.43 -32.24 -19.33
N ILE B 96 6.01 -31.12 -19.77
CA ILE B 96 6.77 -31.10 -21.02
C ILE B 96 8.23 -31.42 -20.81
N MET B 97 8.76 -31.29 -19.60
CA MET B 97 10.16 -31.65 -19.35
C MET B 97 10.39 -33.16 -19.39
N ALA B 98 9.33 -33.97 -19.40
CA ALA B 98 9.52 -35.42 -19.46
C ALA B 98 10.17 -35.85 -20.76
N PHE B 99 9.81 -35.21 -21.87
CA PHE B 99 10.38 -35.56 -23.17
C PHE B 99 11.88 -35.23 -23.25
N LEU B 100 12.39 -34.43 -22.32
CA LEU B 100 13.80 -34.04 -22.31
C LEU B 100 14.62 -34.85 -21.32
N ASN B 101 14.08 -35.97 -20.83
CA ASN B 101 14.76 -36.84 -19.88
C ASN B 101 15.08 -36.10 -18.58
N THR B 102 14.26 -35.12 -18.22
CA THR B 102 14.36 -34.41 -16.95
C THR B 102 13.04 -34.51 -16.21
N THR B 103 13.12 -34.60 -14.89
CA THR B 103 11.95 -34.82 -14.04
C THR B 103 11.79 -33.65 -13.08
N VAL B 104 10.56 -33.16 -12.98
CA VAL B 104 10.19 -32.15 -11.99
C VAL B 104 9.25 -32.81 -10.99
N VAL B 105 9.61 -32.76 -9.72
CA VAL B 105 8.90 -33.50 -8.69
C VAL B 105 8.27 -32.54 -7.69
N ALA B 106 7.84 -31.37 -8.18
CA ALA B 106 7.26 -30.36 -7.30
C ALA B 106 6.01 -30.90 -6.58
N SER B 107 5.14 -31.59 -7.31
CA SER B 107 3.93 -32.13 -6.70
C SER B 107 4.28 -33.23 -5.71
N ALA B 108 3.60 -33.23 -4.58
CA ALA B 108 3.83 -34.25 -3.56
C ALA B 108 3.23 -35.58 -4.00
N GLY B 109 3.61 -36.64 -3.30
CA GLY B 109 3.14 -37.98 -3.62
C GLY B 109 3.84 -38.65 -4.77
N HIS B 110 4.99 -38.16 -5.19
CA HIS B 110 5.71 -38.75 -6.31
C HIS B 110 6.30 -40.10 -5.90
N ALA B 111 6.07 -41.12 -6.71
CA ALA B 111 6.59 -42.45 -6.42
C ALA B 111 8.10 -42.49 -6.68
N PRO B 112 8.81 -43.39 -6.00
CA PRO B 112 10.24 -43.56 -6.29
C PRO B 112 10.48 -43.96 -7.73
N GLN B 113 11.57 -43.45 -8.31
CA GLN B 113 11.89 -43.67 -9.70
C GLN B 113 13.34 -44.12 -9.82
N ILE B 114 13.61 -44.94 -10.83
CA ILE B 114 14.95 -45.49 -11.08
C ILE B 114 15.73 -44.47 -11.90
N LEU B 115 16.94 -44.15 -11.43
CA LEU B 115 17.84 -43.26 -12.16
C LEU B 115 18.73 -44.10 -13.06
N PRO B 116 18.58 -44.02 -14.39
CA PRO B 116 19.41 -44.84 -15.27
C PRO B 116 20.79 -44.25 -15.46
N ARG B 117 21.76 -45.14 -15.66
CA ARG B 117 23.12 -44.74 -15.96
C ARG B 117 23.27 -44.45 -17.45
N ARG B 118 24.44 -43.95 -17.83
CA ARG B 118 24.69 -43.62 -19.24
C ARG B 118 24.64 -44.86 -20.12
N ASP B 119 24.95 -46.03 -19.57
CA ASP B 119 24.92 -47.27 -20.33
C ASP B 119 23.52 -47.88 -20.39
N GLY B 120 22.53 -47.28 -19.74
CA GLY B 120 21.19 -47.82 -19.70
C GLY B 120 20.90 -48.74 -18.54
N THR B 121 21.91 -49.12 -17.77
CA THR B 121 21.68 -49.97 -16.61
C THR B 121 21.05 -49.16 -15.48
N PRO B 122 20.23 -49.80 -14.65
CA PRO B 122 19.67 -49.10 -13.48
C PRO B 122 20.77 -48.65 -12.54
N GLY B 123 20.82 -47.34 -12.29
CA GLY B 123 21.88 -46.77 -11.48
C GLY B 123 21.55 -46.65 -10.02
N ALA B 124 20.41 -46.03 -9.69
CA ALA B 124 20.03 -45.80 -8.31
C ALA B 124 18.51 -45.67 -8.24
N VAL B 125 18.00 -45.50 -7.02
CA VAL B 125 16.58 -45.36 -6.77
C VAL B 125 16.35 -43.98 -6.14
N LEU B 126 15.43 -43.21 -6.73
CA LEU B 126 15.15 -41.86 -6.26
C LEU B 126 14.11 -41.88 -5.14
N CYS B 127 14.24 -40.91 -4.25
CA CYS B 127 13.20 -40.58 -3.27
C CYS B 127 12.93 -39.09 -3.36
N PRO B 128 12.32 -38.64 -4.45
CA PRO B 128 12.18 -37.20 -4.72
C PRO B 128 11.09 -36.52 -3.89
N ILE B 129 11.47 -36.12 -2.68
CA ILE B 129 10.56 -35.48 -1.74
C ILE B 129 10.76 -33.96 -1.87
N PRO B 130 9.78 -33.23 -2.41
CA PRO B 130 9.89 -31.76 -2.41
C PRO B 130 9.60 -31.19 -1.04
N PHE B 131 9.53 -29.87 -0.92
CA PHE B 131 9.07 -29.27 0.31
C PHE B 131 7.63 -29.70 0.58
N LEU B 132 7.38 -30.19 1.79
CA LEU B 132 6.07 -30.76 2.14
C LEU B 132 5.22 -29.66 2.76
N ARG B 133 4.42 -29.02 1.93
CA ARG B 133 3.46 -28.04 2.41
C ARG B 133 2.44 -28.71 3.32
N PRO B 134 2.09 -28.12 4.46
CA PRO B 134 1.10 -28.76 5.35
C PRO B 134 -0.24 -28.98 4.69
N ARG B 135 -0.60 -28.18 3.69
CA ARG B 135 -1.89 -28.32 3.04
C ARG B 135 -1.99 -29.56 2.16
N ASP B 136 -0.89 -30.27 1.93
CA ASP B 136 -0.90 -31.46 1.08
C ASP B 136 -0.71 -32.76 1.83
N ILE B 137 -0.39 -32.72 3.12
CA ILE B 137 -0.12 -33.95 3.87
C ILE B 137 -0.95 -34.08 5.14
N ILE B 138 -1.46 -33.01 5.74
CA ILE B 138 -2.21 -33.10 6.99
C ILE B 138 -3.60 -32.50 6.78
N THR B 139 -4.47 -32.75 7.75
CA THR B 139 -5.84 -32.26 7.75
C THR B 139 -6.09 -31.45 9.02
N SER B 140 -6.78 -30.32 8.87
CA SER B 140 -7.06 -29.46 10.02
C SER B 140 -8.02 -30.14 10.97
N GLN B 141 -7.79 -29.94 12.27
CA GLN B 141 -8.63 -30.51 13.32
C GLN B 141 -8.87 -29.47 14.41
N ALA B 142 -10.11 -29.42 14.90
CA ALA B 142 -10.46 -28.49 15.96
C ALA B 142 -10.02 -29.02 17.33
N GLY B 143 -10.26 -28.22 18.36
CA GLY B 143 -9.81 -28.59 19.69
C GLY B 143 -8.32 -28.70 19.83
N LEU B 144 -7.57 -27.86 19.11
CA LEU B 144 -6.12 -27.98 19.03
C LEU B 144 -5.46 -27.13 20.12
N ASN B 145 -4.14 -27.02 20.06
CA ASN B 145 -3.37 -26.24 21.03
C ASN B 145 -2.31 -25.46 20.28
N GLY B 146 -1.61 -24.58 21.00
CA GLY B 146 -0.60 -23.75 20.37
C GLY B 146 0.58 -24.53 19.84
N ILE B 147 1.06 -25.49 20.63
CA ILE B 147 2.25 -26.27 20.25
C ILE B 147 1.91 -27.65 19.71
N GLU B 148 0.65 -28.07 19.80
CA GLU B 148 0.28 -29.39 19.29
C GLU B 148 0.44 -29.47 17.78
N LYS B 149 0.30 -28.33 17.08
CA LYS B 149 0.45 -28.33 15.63
C LYS B 149 1.85 -28.75 15.21
N GLN B 150 2.87 -28.23 15.89
CA GLN B 150 4.24 -28.57 15.53
C GLN B 150 4.51 -30.06 15.71
N GLN B 151 4.05 -30.63 16.83
CA GLN B 151 4.25 -32.05 17.07
C GLN B 151 3.50 -32.89 16.05
N HIS B 152 2.26 -32.50 15.71
CA HIS B 152 1.49 -33.25 14.73
C HIS B 152 2.15 -33.19 13.36
N LEU B 153 2.63 -32.03 12.95
CA LEU B 153 3.31 -31.91 11.67
C LEU B 153 4.60 -32.72 11.64
N LEU B 154 5.35 -32.70 12.75
CA LEU B 154 6.58 -33.49 12.82
C LEU B 154 6.29 -34.98 12.71
N ALA B 155 5.25 -35.45 13.41
CA ALA B 155 4.88 -36.85 13.31
C ALA B 155 4.45 -37.20 11.90
N ALA B 156 3.68 -36.32 11.25
CA ALA B 156 3.22 -36.59 9.90
C ALA B 156 4.38 -36.68 8.92
N ILE B 157 5.34 -35.75 9.01
CA ILE B 157 6.46 -35.76 8.08
C ILE B 157 7.37 -36.96 8.34
N THR B 158 7.55 -37.33 9.61
CA THR B 158 8.33 -38.52 9.92
C THR B 158 7.67 -39.77 9.36
N ASP B 159 6.35 -39.88 9.50
CA ASP B 159 5.63 -41.02 8.94
C ASP B 159 5.74 -41.04 7.42
N TYR B 160 5.67 -39.86 6.78
CA TYR B 160 5.79 -39.81 5.33
C TYR B 160 7.16 -40.29 4.87
N TYR B 161 8.22 -39.83 5.55
CA TYR B 161 9.56 -40.30 5.20
C TYR B 161 9.73 -41.80 5.44
N GLN B 162 9.21 -42.31 6.55
CA GLN B 162 9.33 -43.74 6.81
C GLN B 162 8.60 -44.55 5.73
N GLN B 163 7.39 -44.14 5.38
CA GLN B 163 6.62 -44.86 4.36
C GLN B 163 7.32 -44.80 3.00
N HIS B 164 7.83 -43.62 2.63
CA HIS B 164 8.49 -43.49 1.34
C HIS B 164 9.77 -44.30 1.29
N TYR B 165 10.54 -44.31 2.38
CA TYR B 165 11.76 -45.11 2.43
C TYR B 165 11.45 -46.60 2.33
N ALA B 166 10.40 -47.05 3.03
CA ALA B 166 10.02 -48.46 2.94
C ALA B 166 9.58 -48.81 1.52
N ASP B 167 8.80 -47.93 0.88
CA ASP B 167 8.36 -48.19 -0.48
C ASP B 167 9.55 -48.26 -1.44
N ALA B 168 10.52 -47.34 -1.28
CA ALA B 168 11.70 -47.36 -2.14
C ALA B 168 12.51 -48.63 -1.93
N CYS B 169 12.67 -49.06 -0.67
CA CYS B 169 13.42 -50.27 -0.39
C CYS B 169 12.74 -51.49 -1.00
N LYS B 170 11.42 -51.60 -0.85
CA LYS B 170 10.71 -52.74 -1.43
C LYS B 170 10.66 -52.67 -2.95
N LEU B 171 10.75 -51.48 -3.53
CA LEU B 171 10.81 -51.37 -4.99
C LEU B 171 12.18 -51.78 -5.51
N ARG B 172 13.25 -51.38 -4.82
CA ARG B 172 14.58 -51.81 -5.24
C ARG B 172 14.83 -53.29 -4.96
N GLY B 173 14.13 -53.87 -4.00
CA GLY B 173 14.21 -55.31 -3.80
C GLY B 173 15.55 -55.73 -3.26
N ASP B 174 16.32 -56.46 -4.07
CA ASP B 174 17.58 -57.03 -3.66
C ASP B 174 18.79 -56.57 -4.48
N GLN B 175 18.56 -55.88 -5.60
CA GLN B 175 19.69 -55.43 -6.41
C GLN B 175 20.52 -54.40 -5.63
N PRO B 176 21.84 -54.53 -5.64
CA PRO B 176 22.67 -53.58 -4.90
C PRO B 176 22.73 -52.22 -5.56
N LEU B 177 21.63 -51.45 -5.44
CA LEU B 177 21.54 -50.12 -6.01
C LEU B 177 21.46 -49.07 -4.91
N PRO B 178 22.21 -47.98 -5.03
CA PRO B 178 22.17 -46.94 -4.00
C PRO B 178 20.81 -46.27 -3.93
N ILE B 179 20.48 -45.81 -2.73
CA ILE B 179 19.20 -45.14 -2.45
C ILE B 179 19.49 -43.67 -2.18
N ILE B 180 18.83 -42.79 -2.93
CA ILE B 180 19.03 -41.36 -2.80
C ILE B 180 17.70 -40.72 -2.40
N ALA B 181 17.76 -39.77 -1.48
CA ALA B 181 16.58 -39.09 -0.97
C ALA B 181 16.83 -37.59 -0.92
N THR B 182 15.85 -36.82 -1.37
CA THR B 182 15.92 -35.37 -1.40
C THR B 182 15.25 -34.77 -0.16
N GLY B 183 15.57 -33.51 0.10
CA GLY B 183 15.00 -32.81 1.24
C GLY B 183 15.21 -31.31 1.18
N HIS B 184 14.23 -30.56 1.65
CA HIS B 184 14.27 -29.09 1.62
C HIS B 184 13.82 -28.53 2.96
N LEU B 185 14.36 -29.06 4.05
CA LEU B 185 13.97 -28.65 5.38
C LEU B 185 15.20 -28.45 6.26
N THR B 186 15.07 -27.57 7.25
CA THR B 186 16.14 -27.35 8.20
C THR B 186 16.20 -28.51 9.19
N THR B 187 17.40 -28.74 9.73
CA THR B 187 17.62 -29.85 10.66
C THR B 187 18.57 -29.39 11.75
N VAL B 188 18.24 -29.75 12.99
CA VAL B 188 19.07 -29.40 14.13
C VAL B 188 20.42 -30.10 14.05
N THR B 203 12.68 -20.22 18.87
CA THR B 203 13.64 -20.92 18.02
C THR B 203 13.44 -22.42 18.08
N LEU B 204 12.32 -22.83 18.68
CA LEU B 204 12.01 -24.25 18.83
C LEU B 204 11.24 -24.79 17.63
N ASP B 205 11.78 -24.58 16.44
CA ASP B 205 11.22 -25.12 15.20
C ASP B 205 12.37 -25.71 14.39
N ALA B 206 12.45 -27.03 14.36
CA ALA B 206 13.52 -27.72 13.65
C ALA B 206 13.06 -29.14 13.36
N PHE B 207 14.00 -29.98 12.94
CA PHE B 207 13.73 -31.38 12.63
C PHE B 207 14.83 -32.24 13.25
N PRO B 208 14.48 -33.21 14.09
CA PRO B 208 15.53 -34.02 14.74
C PRO B 208 16.34 -34.80 13.71
N ALA B 209 17.64 -34.92 13.99
CA ALA B 209 18.54 -35.57 13.02
C ALA B 209 18.30 -37.07 12.94
N GLN B 210 18.08 -37.72 14.08
CA GLN B 210 18.02 -39.18 14.11
C GLN B 210 16.76 -39.74 13.45
N ASN B 211 15.75 -38.91 13.18
CA ASN B 211 14.50 -39.42 12.61
C ASN B 211 14.54 -39.63 11.10
N PHE B 212 15.61 -39.21 10.43
CA PHE B 212 15.74 -39.53 9.01
C PHE B 212 15.91 -41.03 8.82
N PRO B 213 15.33 -41.60 7.75
CA PRO B 213 15.53 -43.02 7.50
C PRO B 213 16.97 -43.33 7.16
N PRO B 214 17.46 -44.53 7.47
CA PRO B 214 18.87 -44.86 7.20
C PRO B 214 19.12 -45.09 5.72
N ALA B 215 18.89 -44.07 4.90
CA ALA B 215 19.14 -44.18 3.47
C ALA B 215 20.63 -44.07 3.18
N ASP B 216 21.00 -44.37 1.93
CA ASP B 216 22.41 -44.35 1.55
C ASP B 216 22.97 -42.93 1.56
N TYR B 217 22.23 -41.97 1.00
CA TYR B 217 22.65 -40.58 1.01
C TYR B 217 21.43 -39.69 1.06
N ILE B 218 21.51 -38.62 1.84
CA ILE B 218 20.40 -37.69 2.03
C ILE B 218 20.82 -36.33 1.48
N ALA B 219 20.05 -35.81 0.54
CA ALA B 219 20.28 -34.49 -0.03
C ALA B 219 19.34 -33.49 0.66
N LEU B 220 19.90 -32.62 1.47
CA LEU B 220 19.13 -31.64 2.24
C LEU B 220 19.49 -30.24 1.77
N GLY B 221 18.47 -29.39 1.61
CA GLY B 221 18.69 -28.02 1.19
C GLY B 221 18.15 -26.99 2.16
N HIS B 222 17.72 -25.84 1.64
CA HIS B 222 17.12 -24.75 2.40
C HIS B 222 18.06 -24.21 3.48
N ILE B 223 19.36 -24.49 3.38
CA ILE B 223 20.37 -23.87 4.21
C ILE B 223 21.48 -23.37 3.30
N HIS B 224 21.67 -22.05 3.27
CA HIS B 224 22.61 -21.45 2.33
C HIS B 224 24.06 -21.72 2.68
N ARG B 225 24.36 -22.07 3.93
CA ARG B 225 25.72 -22.41 4.34
C ARG B 225 25.91 -23.92 4.26
N ALA B 226 26.80 -24.35 3.37
CA ALA B 226 27.09 -25.78 3.25
C ALA B 226 27.75 -26.29 4.52
N GLN B 227 27.23 -27.39 5.06
CA GLN B 227 27.72 -27.93 6.32
C GLN B 227 27.15 -29.34 6.48
N ILE B 228 27.69 -30.05 7.46
CA ILE B 228 27.24 -31.40 7.81
C ILE B 228 26.39 -31.32 9.07
N ILE B 229 25.36 -32.15 9.13
CA ILE B 229 24.39 -32.14 10.22
C ILE B 229 24.61 -33.36 11.09
N GLY B 230 24.81 -33.12 12.39
CA GLY B 230 24.95 -34.20 13.35
C GLY B 230 26.21 -35.02 13.24
N GLY B 231 27.15 -34.60 12.39
CA GLY B 231 28.38 -35.35 12.22
C GLY B 231 28.25 -36.65 11.46
N MET B 232 27.11 -36.91 10.85
CA MET B 232 26.91 -38.12 10.08
C MET B 232 27.24 -37.84 8.62
N GLU B 233 27.95 -38.75 7.98
CA GLU B 233 28.60 -38.46 6.71
C GLU B 233 27.64 -38.39 5.53
N HIS B 234 26.51 -39.10 5.56
CA HIS B 234 25.64 -39.15 4.40
C HIS B 234 24.45 -38.19 4.49
N VAL B 235 24.49 -37.25 5.42
CA VAL B 235 23.55 -36.13 5.45
C VAL B 235 24.34 -34.86 5.28
N ARG B 236 24.07 -34.12 4.20
CA ARG B 236 24.89 -32.99 3.81
C ARG B 236 24.02 -31.83 3.36
N TYR B 237 24.50 -30.62 3.62
CA TYR B 237 23.89 -29.40 3.09
C TYR B 237 24.72 -28.92 1.90
N CYS B 238 24.11 -28.88 0.72
CA CYS B 238 24.83 -28.46 -0.47
C CYS B 238 25.23 -26.99 -0.38
N GLY B 239 24.33 -26.14 0.11
CA GLY B 239 24.60 -24.72 0.21
C GLY B 239 24.28 -24.00 -1.09
N SER B 240 24.30 -22.67 -1.01
CA SER B 240 24.00 -21.85 -2.17
C SER B 240 25.10 -21.98 -3.22
N PRO B 241 24.74 -21.86 -4.49
CA PRO B 241 25.76 -21.89 -5.54
C PRO B 241 26.54 -20.59 -5.62
N ILE B 242 25.87 -19.48 -5.31
CA ILE B 242 26.49 -18.17 -5.30
C ILE B 242 26.08 -17.46 -4.01
N PRO B 243 26.88 -16.53 -3.48
CA PRO B 243 26.45 -15.81 -2.28
C PRO B 243 25.17 -15.02 -2.53
N LEU B 244 24.29 -15.03 -1.53
CA LEU B 244 23.00 -14.37 -1.63
C LEU B 244 22.82 -13.24 -0.62
N SER B 245 23.81 -12.99 0.23
CA SER B 245 23.75 -11.88 1.19
C SER B 245 25.19 -11.51 1.54
N PHE B 246 25.33 -10.46 2.35
CA PHE B 246 26.64 -9.97 2.72
C PHE B 246 27.26 -10.73 3.89
N ASP B 247 26.55 -11.69 4.46
CA ASP B 247 27.12 -12.52 5.52
C ASP B 247 27.88 -13.73 4.97
N GLU B 248 27.81 -13.99 3.67
CA GLU B 248 28.58 -15.04 3.03
C GLU B 248 29.40 -14.52 1.86
N CYS B 249 29.65 -13.21 1.82
CA CYS B 249 30.43 -12.64 0.72
C CYS B 249 31.85 -13.18 0.70
N GLY B 250 32.47 -13.32 1.87
CA GLY B 250 33.83 -13.79 1.98
C GLY B 250 33.99 -15.29 2.06
N LYS B 251 32.92 -16.05 1.85
CA LYS B 251 32.95 -17.51 1.94
C LYS B 251 32.81 -18.11 0.55
N SER B 252 33.48 -19.24 0.33
CA SER B 252 33.44 -19.90 -0.97
C SER B 252 32.30 -20.91 -1.00
N LYS B 253 31.47 -20.82 -2.03
CA LYS B 253 30.36 -21.73 -2.22
C LYS B 253 30.84 -23.05 -2.81
N TYR B 254 30.07 -24.10 -2.59
CA TYR B 254 30.47 -25.45 -2.97
C TYR B 254 29.31 -26.19 -3.61
N VAL B 255 29.65 -27.16 -4.46
CA VAL B 255 28.70 -28.09 -5.04
C VAL B 255 29.27 -29.49 -4.89
N HIS B 256 28.42 -30.44 -4.50
CA HIS B 256 28.88 -31.77 -4.13
C HIS B 256 28.70 -32.75 -5.28
N LEU B 257 29.69 -33.62 -5.45
CA LEU B 257 29.59 -34.78 -6.33
C LEU B 257 29.68 -36.04 -5.49
N VAL B 258 28.86 -37.03 -5.81
CA VAL B 258 28.72 -38.23 -5.00
C VAL B 258 29.12 -39.44 -5.84
N THR B 259 29.98 -40.29 -5.28
CA THR B 259 30.41 -41.52 -5.93
C THR B 259 29.61 -42.69 -5.41
N PHE B 260 28.91 -43.39 -6.30
CA PHE B 260 28.07 -44.52 -5.94
C PHE B 260 28.50 -45.76 -6.71
N SER B 261 28.59 -46.88 -5.99
CA SER B 261 28.89 -48.17 -6.61
C SER B 261 28.47 -49.28 -5.66
N ASN B 262 27.91 -50.34 -6.24
CA ASN B 262 27.50 -51.54 -5.49
C ASN B 262 26.48 -51.21 -4.39
N GLY B 263 25.65 -50.19 -4.61
CA GLY B 263 24.60 -49.87 -3.68
C GLY B 263 25.04 -49.20 -2.40
N LYS B 264 26.26 -48.68 -2.35
CA LYS B 264 26.76 -48.02 -1.14
C LYS B 264 27.53 -46.76 -1.53
N LEU B 265 27.53 -45.79 -0.62
CA LEU B 265 28.26 -44.55 -0.85
C LEU B 265 29.74 -44.73 -0.59
N GLU B 266 30.57 -44.15 -1.46
CA GLU B 266 32.01 -44.24 -1.32
C GLU B 266 32.61 -42.97 -0.72
N SER B 267 32.41 -41.83 -1.37
CA SER B 267 32.97 -40.56 -0.92
C SER B 267 32.33 -39.44 -1.70
N VAL B 268 32.52 -38.22 -1.20
CA VAL B 268 32.06 -37.00 -1.87
C VAL B 268 33.20 -35.98 -1.84
N GLU B 269 33.24 -35.13 -2.86
CA GLU B 269 34.27 -34.11 -2.98
C GLU B 269 33.63 -32.75 -3.26
N ASN B 270 34.17 -31.72 -2.63
CA ASN B 270 33.64 -30.36 -2.78
C ASN B 270 34.30 -29.68 -3.97
N LEU B 271 33.51 -28.98 -4.78
CA LEU B 271 34.00 -28.24 -5.93
C LEU B 271 33.81 -26.75 -5.69
N ASN B 272 34.89 -25.99 -5.74
CA ASN B 272 34.81 -24.55 -5.53
C ASN B 272 34.06 -23.88 -6.69
N VAL B 273 33.20 -22.94 -6.34
CA VAL B 273 32.43 -22.18 -7.33
C VAL B 273 33.20 -20.90 -7.64
N PRO B 274 33.53 -20.62 -8.90
CA PRO B 274 34.21 -19.36 -9.23
C PRO B 274 33.39 -18.15 -8.82
N VAL B 275 34.08 -17.14 -8.31
CA VAL B 275 33.43 -15.92 -7.84
C VAL B 275 33.52 -14.91 -8.99
N THR B 276 32.49 -14.91 -9.84
CA THR B 276 32.45 -13.97 -10.95
C THR B 276 32.15 -12.55 -10.50
N GLN B 277 31.42 -12.38 -9.39
CA GLN B 277 31.07 -11.07 -8.87
C GLN B 277 31.52 -10.99 -7.42
N PRO B 278 32.73 -10.51 -7.15
CA PRO B 278 33.22 -10.44 -5.77
C PRO B 278 32.41 -9.43 -4.95
N MET B 279 32.33 -9.70 -3.65
CA MET B 279 31.64 -8.83 -2.72
C MET B 279 32.44 -8.74 -1.43
N ALA B 280 32.26 -7.63 -0.72
CA ALA B 280 32.97 -7.41 0.55
C ALA B 280 32.13 -6.49 1.43
N VAL B 281 32.43 -6.53 2.73
CA VAL B 281 31.73 -5.74 3.74
C VAL B 281 32.77 -5.05 4.61
N LEU B 282 32.47 -3.80 4.99
CA LEU B 282 33.38 -2.98 5.77
C LEU B 282 32.75 -2.61 7.10
N LYS B 283 33.56 -2.63 8.16
CA LYS B 283 33.15 -2.19 9.50
C LYS B 283 34.23 -1.29 10.06
N GLY B 284 33.82 -0.16 10.61
CA GLY B 284 34.75 0.74 11.25
C GLY B 284 34.33 2.19 11.09
N ASP B 285 35.11 3.07 11.69
CA ASP B 285 34.86 4.50 11.63
C ASP B 285 35.27 5.06 10.26
N LEU B 286 35.16 6.38 10.10
CA LEU B 286 35.37 7.00 8.79
C LEU B 286 36.79 6.76 8.28
N ALA B 287 37.79 6.92 9.15
CA ALA B 287 39.17 6.75 8.72
C ALA B 287 39.45 5.32 8.26
N SER B 288 38.99 4.34 9.04
CA SER B 288 39.20 2.95 8.67
C SER B 288 38.46 2.59 7.38
N ILE B 289 37.22 3.08 7.23
CA ILE B 289 36.46 2.81 6.02
C ILE B 289 37.16 3.40 4.80
N THR B 290 37.65 4.64 4.92
CA THR B 290 38.36 5.26 3.80
C THR B 290 39.64 4.51 3.47
N ALA B 291 40.37 4.09 4.51
CA ALA B 291 41.63 3.36 4.27
C ALA B 291 41.36 2.03 3.58
N GLN B 292 40.29 1.32 3.98
CA GLN B 292 39.96 0.06 3.34
C GLN B 292 39.42 0.26 1.94
N LEU B 293 38.75 1.38 1.68
CA LEU B 293 38.19 1.65 0.37
C LEU B 293 39.26 2.08 -0.63
N GLU B 294 40.28 2.80 -0.17
CA GLU B 294 41.32 3.29 -1.08
C GLU B 294 42.24 2.19 -1.59
N GLN B 295 42.16 0.98 -1.03
CA GLN B 295 43.02 -0.10 -1.49
C GLN B 295 42.67 -0.58 -2.89
N TRP B 296 41.50 -0.21 -3.40
CA TRP B 296 41.07 -0.59 -4.74
C TRP B 296 41.62 0.34 -5.82
N ARG B 297 42.38 1.37 -5.44
CA ARG B 297 42.95 2.28 -6.44
C ARG B 297 43.98 1.58 -7.31
N ASP B 298 44.68 0.58 -6.77
CA ASP B 298 45.70 -0.11 -7.54
C ASP B 298 45.10 -0.93 -8.66
N VAL B 299 44.24 -1.89 -8.31
CA VAL B 299 43.63 -2.74 -9.33
C VAL B 299 42.49 -2.01 -10.02
N SER B 300 42.07 -2.54 -11.16
CA SER B 300 40.96 -2.00 -11.93
C SER B 300 39.99 -3.13 -12.24
N GLN B 301 38.85 -3.14 -11.56
CA GLN B 301 37.85 -4.17 -11.75
C GLN B 301 36.91 -3.74 -12.86
N GLU B 302 37.03 -4.39 -14.02
CA GLU B 302 36.10 -4.09 -15.12
C GLU B 302 34.66 -4.37 -14.74
N PRO B 303 34.31 -5.49 -14.11
CA PRO B 303 32.99 -5.59 -13.48
C PRO B 303 33.03 -4.99 -12.08
N PRO B 304 32.14 -4.03 -11.79
CA PRO B 304 32.20 -3.34 -10.51
C PRO B 304 32.01 -4.30 -9.34
N VAL B 305 32.74 -4.04 -8.26
CA VAL B 305 32.66 -4.86 -7.05
C VAL B 305 31.64 -4.25 -6.11
N TRP B 306 30.79 -5.10 -5.55
CA TRP B 306 29.72 -4.67 -4.65
C TRP B 306 30.25 -4.64 -3.23
N LEU B 307 30.00 -3.53 -2.53
CA LEU B 307 30.57 -3.30 -1.21
C LEU B 307 29.47 -2.91 -0.23
N ASP B 308 29.64 -3.35 1.02
CA ASP B 308 28.73 -3.02 2.11
C ASP B 308 29.48 -2.19 3.13
N ILE B 309 28.79 -1.21 3.71
CA ILE B 309 29.37 -0.31 4.70
C ILE B 309 28.55 -0.45 5.99
N GLU B 310 29.23 -0.79 7.08
CA GLU B 310 28.61 -0.93 8.39
C GLU B 310 29.36 -0.02 9.36
N ILE B 311 28.92 1.24 9.44
CA ILE B 311 29.57 2.23 10.28
C ILE B 311 29.16 2.01 11.72
N THR B 312 30.14 1.94 12.62
CA THR B 312 29.92 1.79 14.06
C THR B 312 30.66 2.91 14.77
N THR B 313 29.95 4.00 15.02
CA THR B 313 30.54 5.16 15.69
C THR B 313 29.43 5.93 16.40
N ASP B 314 29.80 7.05 17.02
CA ASP B 314 28.87 7.86 17.78
C ASP B 314 28.67 9.27 17.24
N GLU B 315 29.57 9.76 16.39
CA GLU B 315 29.45 11.13 15.88
C GLU B 315 28.41 11.19 14.76
N TYR B 316 28.08 12.43 14.38
CA TYR B 316 26.94 12.67 13.49
C TYR B 316 27.17 12.11 12.09
N LEU B 317 28.31 12.43 11.48
CA LEU B 317 28.56 12.15 10.06
C LEU B 317 27.48 12.78 9.19
N HIS B 318 27.45 14.10 9.21
CA HIS B 318 26.44 14.83 8.44
C HIS B 318 26.55 14.48 6.95
N ASP B 319 25.40 14.18 6.34
CA ASP B 319 25.31 13.86 4.92
C ASP B 319 26.13 12.63 4.56
N ILE B 320 25.75 11.48 5.14
CA ILE B 320 26.41 10.23 4.84
C ILE B 320 26.24 9.88 3.37
N GLN B 321 25.01 10.04 2.85
CA GLN B 321 24.71 9.61 1.48
C GLN B 321 25.48 10.41 0.44
N ARG B 322 25.97 11.61 0.80
CA ARG B 322 26.79 12.37 -0.12
C ARG B 322 28.28 12.17 0.15
N LYS B 323 28.68 12.06 1.41
CA LYS B 323 30.09 11.84 1.72
C LYS B 323 30.57 10.50 1.17
N ILE B 324 29.77 9.44 1.35
CA ILE B 324 30.16 8.13 0.82
C ILE B 324 30.20 8.17 -0.71
N GLN B 325 29.25 8.85 -1.33
CA GLN B 325 29.25 8.97 -2.78
C GLN B 325 30.50 9.69 -3.27
N ALA B 326 30.90 10.75 -2.59
CA ALA B 326 32.13 11.45 -2.95
C ALA B 326 33.35 10.55 -2.76
N LEU B 327 33.38 9.77 -1.69
CA LEU B 327 34.50 8.87 -1.45
C LEU B 327 34.57 7.74 -2.47
N THR B 328 33.43 7.33 -3.03
CA THR B 328 33.38 6.20 -3.96
C THR B 328 33.23 6.63 -5.41
N GLU B 329 33.18 7.93 -5.70
CA GLU B 329 32.99 8.38 -7.07
C GLU B 329 34.18 8.05 -7.95
N SER B 330 35.39 8.10 -7.39
CA SER B 330 36.61 7.92 -8.16
C SER B 330 36.99 6.45 -8.36
N LEU B 331 36.23 5.51 -7.80
CA LEU B 331 36.54 4.10 -7.94
C LEU B 331 35.31 3.34 -8.41
N PRO B 332 35.50 2.26 -9.16
CA PRO B 332 34.36 1.42 -9.60
C PRO B 332 33.87 0.50 -8.50
N VAL B 333 33.47 1.09 -7.38
CA VAL B 333 32.97 0.36 -6.22
C VAL B 333 31.52 0.80 -6.02
N GLU B 334 30.59 -0.10 -6.30
CA GLU B 334 29.16 0.21 -6.20
C GLU B 334 28.73 0.08 -4.74
N VAL B 335 28.44 1.21 -4.11
CA VAL B 335 27.92 1.20 -2.75
C VAL B 335 26.43 0.85 -2.79
N LEU B 336 26.02 -0.12 -1.99
CA LEU B 336 24.65 -0.62 -2.00
C LEU B 336 23.84 -0.22 -0.78
N LEU B 337 24.45 -0.22 0.40
CA LEU B 337 23.71 0.13 1.61
C LEU B 337 24.69 0.63 2.66
N VAL B 338 24.14 1.35 3.64
CA VAL B 338 24.90 1.87 4.78
C VAL B 338 24.12 1.56 6.04
N ARG B 339 24.84 1.60 7.17
CA ARG B 339 24.20 1.38 8.47
C ARG B 339 25.02 2.09 9.53
N ARG B 340 24.33 2.59 10.55
CA ARG B 340 24.97 3.28 11.65
C ARG B 340 24.36 2.81 12.96
N SER B 341 25.11 2.97 14.05
CA SER B 341 24.63 2.63 15.39
C SER B 341 23.77 3.78 15.91
N ARG B 342 22.63 3.98 15.22
CA ARG B 342 21.74 5.10 15.49
C ARG B 342 20.84 4.87 16.70
N GLU B 343 20.72 3.64 17.19
CA GLU B 343 19.83 3.33 18.30
C GLU B 343 20.22 4.09 19.55
N GLN B 344 19.37 5.03 19.97
CA GLN B 344 19.67 5.89 21.11
C GLN B 344 18.36 6.47 21.64
N ARG B 345 18.24 6.55 22.96
CA ARG B 345 17.06 7.10 23.62
C ARG B 345 17.46 8.34 24.40
N GLU B 346 16.53 9.30 24.48
CA GLU B 346 16.78 10.57 25.14
C GLU B 346 15.58 10.95 26.00
N ARG B 347 15.86 11.48 27.19
CA ARG B 347 14.82 11.90 28.11
C ARG B 347 15.44 12.61 29.30
N VAL B 348 14.66 13.47 29.93
CA VAL B 348 15.02 14.02 31.23
C VAL B 348 14.72 12.99 32.32
N LEU B 349 15.66 12.83 33.24
CA LEU B 349 15.53 11.84 34.30
C LEU B 349 14.46 12.30 35.30
N ALA B 350 14.29 11.52 36.37
CA ALA B 350 13.29 11.85 37.38
C ALA B 350 13.55 13.20 38.03
N SER B 351 14.82 13.59 38.15
CA SER B 351 15.22 14.87 38.75
C SER B 351 14.68 15.01 40.18
N GLN B 352 14.78 13.93 40.95
CA GLN B 352 14.45 13.88 42.37
C GLN B 352 12.98 14.20 42.65
N GLN B 353 12.12 14.16 41.64
CA GLN B 353 10.67 14.34 41.79
C GLN B 353 10.32 15.72 42.33
N ARG B 354 11.30 16.60 42.47
CA ARG B 354 11.09 17.92 43.06
C ARG B 354 11.34 19.07 42.11
N GLU B 355 12.24 18.91 41.14
CA GLU B 355 12.55 19.99 40.22
C GLU B 355 11.34 20.33 39.35
N THR B 356 11.24 21.58 38.95
CA THR B 356 10.19 22.04 38.05
C THR B 356 10.83 22.89 36.95
N LEU B 357 10.18 22.88 35.78
CA LEU B 357 10.74 23.58 34.62
C LEU B 357 10.78 25.09 34.83
N SER B 358 9.89 25.63 35.66
CA SER B 358 9.83 27.07 35.85
C SER B 358 11.13 27.59 36.48
N GLU B 359 11.55 27.00 37.59
CA GLU B 359 12.76 27.44 38.28
C GLU B 359 14.03 26.80 37.74
N LEU B 360 13.92 25.80 36.87
CA LEU B 360 15.09 25.19 36.27
C LEU B 360 15.66 26.11 35.19
N SER B 361 16.97 25.99 34.96
CA SER B 361 17.67 26.87 34.04
C SER B 361 17.89 26.20 32.69
N VAL B 362 17.82 27.01 31.63
CA VAL B 362 18.04 26.49 30.28
C VAL B 362 19.46 25.94 30.16
N GLU B 363 20.42 26.60 30.82
CA GLU B 363 21.79 26.07 30.83
C GLU B 363 21.83 24.69 31.48
N GLU B 364 21.09 24.51 32.59
CA GLU B 364 21.06 23.21 33.24
C GLU B 364 20.44 22.14 32.35
N VAL B 365 19.33 22.47 31.68
CA VAL B 365 18.70 21.47 30.82
C VAL B 365 19.59 21.15 29.62
N PHE B 366 20.32 22.13 29.10
CA PHE B 366 21.28 21.84 28.02
C PHE B 366 22.41 20.95 28.50
N ASN B 367 22.93 21.19 29.71
CA ASN B 367 23.96 20.34 30.25
C ASN B 367 23.45 18.92 30.46
N ARG B 368 22.21 18.79 30.94
CA ARG B 368 21.61 17.47 31.10
C ARG B 368 21.45 16.76 29.76
N ARG B 369 21.03 17.50 28.73
CA ARG B 369 20.88 16.89 27.41
C ARG B 369 22.21 16.41 26.86
N LEU B 370 23.26 17.22 27.00
CA LEU B 370 24.56 16.85 26.46
C LEU B 370 25.23 15.77 27.29
N ALA B 371 24.88 15.68 28.58
CA ALA B 371 25.46 14.65 29.44
C ALA B 371 25.10 13.25 28.96
N LEU B 372 23.95 13.10 28.28
CA LEU B 372 23.57 11.79 27.75
C LEU B 372 24.48 11.38 26.61
N GLU B 373 25.02 12.34 25.86
CA GLU B 373 25.92 12.06 24.77
C GLU B 373 27.32 11.72 25.30
N GLU B 374 28.10 11.02 24.48
CA GLU B 374 29.40 10.53 24.89
C GLU B 374 30.53 11.54 24.73
N LEU B 375 30.27 12.69 24.12
CA LEU B 375 31.30 13.73 24.02
C LEU B 375 31.64 14.27 25.41
N ASP B 376 32.91 14.64 25.60
CA ASP B 376 33.38 15.08 26.91
C ASP B 376 33.77 16.54 26.94
N GLU B 377 34.76 16.97 26.14
CA GLU B 377 35.14 18.38 26.16
C GLU B 377 35.33 18.97 24.76
N SER B 378 35.80 18.14 23.82
CA SER B 378 36.35 18.67 22.56
C SER B 378 35.28 19.43 21.78
N GLN B 379 34.24 18.74 21.34
CA GLN B 379 33.11 19.42 20.73
C GLN B 379 32.14 19.96 21.76
N GLN B 380 32.28 19.56 23.03
CA GLN B 380 31.39 20.05 24.07
C GLN B 380 31.53 21.55 24.25
N GLN B 381 32.77 22.04 24.32
CA GLN B 381 32.97 23.48 24.50
C GLN B 381 32.43 24.26 23.31
N ARG B 382 32.68 23.77 22.10
CA ARG B 382 32.20 24.45 20.91
C ARG B 382 30.67 24.48 20.87
N LEU B 383 30.02 23.37 21.22
CA LEU B 383 28.56 23.34 21.25
C LEU B 383 28.00 24.28 22.31
N GLN B 384 28.64 24.32 23.48
CA GLN B 384 28.18 25.22 24.54
C GLN B 384 28.31 26.68 24.11
N HIS B 385 29.44 27.04 23.48
CA HIS B 385 29.59 28.40 22.97
C HIS B 385 28.55 28.70 21.89
N LEU B 386 28.28 27.72 21.03
CA LEU B 386 27.29 27.90 19.97
C LEU B 386 25.91 28.17 20.55
N PHE B 387 25.52 27.40 21.57
CA PHE B 387 24.21 27.65 22.18
C PHE B 387 24.18 28.96 22.93
N THR B 388 25.29 29.38 23.55
CA THR B 388 25.29 30.70 24.17
C THR B 388 25.05 31.79 23.14
N THR B 389 25.69 31.67 21.98
CA THR B 389 25.45 32.63 20.91
C THR B 389 24.00 32.61 20.46
N THR B 390 23.41 31.41 20.33
CA THR B 390 22.01 31.32 19.92
C THR B 390 21.09 31.96 20.98
N LEU B 391 21.36 31.69 22.25
CA LEU B 391 20.53 32.26 23.32
C LEU B 391 20.63 33.78 23.36
N HIS B 392 21.81 34.32 23.05
CA HIS B 392 22.03 35.76 23.17
C HIS B 392 21.25 36.59 22.16
N THR B 393 20.70 35.98 21.09
CA THR B 393 20.00 36.76 20.09
C THR B 393 18.53 37.00 20.44
N LEU B 394 18.01 36.37 21.49
CA LEU B 394 16.63 36.58 21.92
C LEU B 394 16.53 37.47 23.14
N ALA B 395 17.64 38.05 23.61
CA ALA B 395 17.62 38.93 24.77
C ALA B 395 17.42 40.39 24.35
N MET C 1 -2.44 -30.58 -49.65
CA MET C 1 -1.93 -30.54 -48.29
C MET C 1 -2.90 -29.74 -47.43
N ARG C 2 -3.10 -30.18 -46.19
CA ARG C 2 -4.15 -29.67 -45.32
C ARG C 2 -3.57 -28.83 -44.20
N ILE C 3 -4.29 -27.76 -43.85
CA ILE C 3 -3.88 -26.82 -42.81
C ILE C 3 -5.09 -26.46 -41.97
N LEU C 4 -4.92 -26.46 -40.65
CA LEU C 4 -5.94 -25.98 -39.72
C LEU C 4 -5.60 -24.56 -39.30
N HIS C 5 -6.58 -23.66 -39.39
CA HIS C 5 -6.37 -22.24 -39.15
C HIS C 5 -7.19 -21.81 -37.94
N THR C 6 -6.55 -21.09 -37.02
CA THR C 6 -7.19 -20.60 -35.82
C THR C 6 -6.50 -19.33 -35.36
N SER C 7 -7.19 -18.54 -34.55
CA SER C 7 -6.65 -17.29 -34.05
C SER C 7 -7.44 -16.84 -32.84
N ASP C 8 -6.87 -15.87 -32.12
CA ASP C 8 -7.51 -15.24 -30.96
C ASP C 8 -7.96 -16.28 -29.93
N TRP C 9 -7.03 -17.18 -29.57
CA TRP C 9 -7.32 -18.14 -28.51
C TRP C 9 -7.58 -17.43 -27.18
N HIS C 10 -6.75 -16.43 -26.86
CA HIS C 10 -6.94 -15.58 -25.68
C HIS C 10 -7.03 -16.41 -24.40
N LEU C 11 -6.03 -17.26 -24.18
CA LEU C 11 -5.98 -18.06 -22.97
C LEU C 11 -5.78 -17.16 -21.75
N GLY C 12 -6.39 -17.57 -20.64
CA GLY C 12 -6.28 -16.82 -19.40
C GLY C 12 -7.20 -15.62 -19.28
N GLN C 13 -8.21 -15.52 -20.15
CA GLN C 13 -9.14 -14.39 -20.12
C GLN C 13 -10.15 -14.57 -19.00
N ASN C 14 -10.09 -13.69 -18.00
CA ASN C 14 -11.05 -13.73 -16.90
C ASN C 14 -12.35 -13.10 -17.38
N PHE C 15 -13.32 -13.95 -17.75
CA PHE C 15 -14.60 -13.49 -18.29
C PHE C 15 -15.50 -13.10 -17.12
N TYR C 16 -15.33 -11.87 -16.66
CA TYR C 16 -16.11 -11.31 -15.54
C TYR C 16 -15.95 -12.19 -14.29
N SER C 17 -14.72 -12.26 -13.80
CA SER C 17 -14.35 -13.01 -12.60
C SER C 17 -14.63 -14.50 -12.73
N LYS C 18 -14.65 -15.02 -13.95
CA LYS C 18 -14.82 -16.44 -14.20
C LYS C 18 -13.56 -17.01 -14.85
N SER C 19 -13.62 -18.28 -15.19
CA SER C 19 -12.50 -18.99 -15.81
C SER C 19 -12.95 -19.64 -17.12
N ARG C 20 -11.96 -20.12 -17.88
CA ARG C 20 -12.22 -20.77 -19.16
C ARG C 20 -11.47 -22.10 -19.28
N GLU C 21 -11.07 -22.69 -18.15
CA GLU C 21 -10.23 -23.88 -18.17
C GLU C 21 -10.94 -25.05 -18.85
N ALA C 22 -12.16 -25.35 -18.44
CA ALA C 22 -12.85 -26.53 -18.96
C ALA C 22 -13.13 -26.40 -20.45
N GLU C 23 -13.64 -25.24 -20.88
CA GLU C 23 -13.94 -25.06 -22.29
C GLU C 23 -12.68 -25.04 -23.14
N HIS C 24 -11.60 -24.43 -22.62
CA HIS C 24 -10.34 -24.43 -23.34
C HIS C 24 -9.82 -25.86 -23.52
N GLN C 25 -9.85 -26.65 -22.44
CA GLN C 25 -9.36 -28.02 -22.53
C GLN C 25 -10.21 -28.85 -23.48
N ALA C 26 -11.53 -28.67 -23.42
CA ALA C 26 -12.41 -29.41 -24.32
C ALA C 26 -12.15 -29.04 -25.78
N PHE C 27 -11.99 -27.75 -26.05
CA PHE C 27 -11.71 -27.32 -27.43
C PHE C 27 -10.37 -27.86 -27.91
N LEU C 28 -9.36 -27.85 -27.04
CA LEU C 28 -8.06 -28.37 -27.42
C LEU C 28 -8.12 -29.87 -27.70
N ASP C 29 -8.84 -30.62 -26.88
CA ASP C 29 -9.00 -32.05 -27.13
C ASP C 29 -9.74 -32.31 -28.42
N TRP C 30 -10.79 -31.53 -28.70
CA TRP C 30 -11.49 -31.65 -29.97
C TRP C 30 -10.58 -31.34 -31.14
N LEU C 31 -9.74 -30.31 -31.01
CA LEU C 31 -8.81 -29.94 -32.07
C LEU C 31 -7.83 -31.08 -32.35
N LEU C 32 -7.29 -31.68 -31.28
CA LEU C 32 -6.37 -32.81 -31.46
C LEU C 32 -7.07 -33.99 -32.14
N GLU C 33 -8.30 -34.29 -31.70
CA GLU C 33 -9.02 -35.42 -32.29
C GLU C 33 -9.32 -35.17 -33.76
N THR C 34 -9.76 -33.95 -34.10
CA THR C 34 -10.04 -33.63 -35.50
C THR C 34 -8.79 -33.67 -36.35
N ALA C 35 -7.67 -33.16 -35.82
CA ALA C 35 -6.41 -33.20 -36.56
C ALA C 35 -5.99 -34.64 -36.84
N GLN C 36 -6.09 -35.51 -35.82
CA GLN C 36 -5.73 -36.91 -36.01
C GLN C 36 -6.65 -37.59 -37.01
N THR C 37 -7.96 -37.30 -36.92
CA THR C 37 -8.92 -37.93 -37.84
C THR C 37 -8.69 -37.49 -39.28
N HIS C 38 -8.47 -36.19 -39.50
CA HIS C 38 -8.32 -35.67 -40.85
C HIS C 38 -6.89 -35.78 -41.38
N GLN C 39 -5.94 -36.24 -40.57
CA GLN C 39 -4.55 -36.42 -40.99
C GLN C 39 -3.99 -35.12 -41.55
N VAL C 40 -4.27 -34.01 -40.86
CA VAL C 40 -3.79 -32.71 -41.30
C VAL C 40 -2.26 -32.67 -41.25
N ASP C 41 -1.67 -31.98 -42.24
CA ASP C 41 -0.22 -31.93 -42.33
C ASP C 41 0.39 -31.02 -41.27
N ALA C 42 -0.20 -29.86 -41.02
CA ALA C 42 0.37 -28.91 -40.08
C ALA C 42 -0.73 -28.03 -39.52
N ILE C 43 -0.40 -27.35 -38.41
CA ILE C 43 -1.32 -26.46 -37.70
C ILE C 43 -0.74 -25.06 -37.73
N ILE C 44 -1.61 -24.07 -37.94
CA ILE C 44 -1.22 -22.67 -37.89
C ILE C 44 -2.15 -21.93 -36.95
N VAL C 45 -1.60 -20.98 -36.21
CA VAL C 45 -2.38 -20.09 -35.35
C VAL C 45 -1.93 -18.65 -35.62
N ALA C 46 -2.89 -17.74 -35.76
CA ALA C 46 -2.58 -16.36 -36.11
C ALA C 46 -2.47 -15.46 -34.88
N GLY C 47 -1.63 -15.85 -33.93
CA GLY C 47 -1.30 -15.00 -32.81
C GLY C 47 -2.36 -14.94 -31.74
N ASP C 48 -2.09 -14.08 -30.75
CA ASP C 48 -2.99 -13.84 -29.61
C ASP C 48 -3.27 -15.14 -28.85
N VAL C 49 -2.20 -15.89 -28.55
CA VAL C 49 -2.36 -17.10 -27.77
C VAL C 49 -2.72 -16.78 -26.32
N PHE C 50 -2.08 -15.77 -25.75
CA PHE C 50 -2.30 -15.39 -24.36
C PHE C 50 -3.07 -14.07 -24.29
N ASP C 51 -3.82 -13.89 -23.20
CA ASP C 51 -4.60 -12.68 -23.02
C ASP C 51 -3.69 -11.46 -22.82
N THR C 52 -2.71 -11.58 -21.93
CA THR C 52 -1.81 -10.48 -21.61
C THR C 52 -0.37 -11.01 -21.57
N GLY C 53 0.56 -10.11 -21.27
CA GLY C 53 1.96 -10.46 -21.17
C GLY C 53 2.32 -11.27 -19.95
N SER C 54 1.42 -11.37 -18.97
CA SER C 54 1.62 -12.18 -17.77
C SER C 54 0.40 -13.07 -17.58
N PRO C 55 0.27 -14.12 -18.40
CA PRO C 55 -0.88 -15.00 -18.31
C PRO C 55 -0.86 -15.81 -17.01
N PRO C 56 -2.02 -16.24 -16.53
CA PRO C 56 -2.05 -17.06 -15.31
C PRO C 56 -1.41 -18.42 -15.55
N SER C 57 -1.19 -19.12 -14.44
CA SER C 57 -0.45 -20.39 -14.50
C SER C 57 -1.20 -21.44 -15.32
N TYR C 58 -2.52 -21.50 -15.18
CA TYR C 58 -3.27 -22.57 -15.84
C TYR C 58 -3.24 -22.44 -17.36
N ALA C 59 -3.10 -21.21 -17.88
CA ALA C 59 -2.97 -21.04 -19.31
C ALA C 59 -1.71 -21.71 -19.84
N ARG C 60 -0.59 -21.54 -19.12
CA ARG C 60 0.64 -22.21 -19.51
C ARG C 60 0.49 -23.72 -19.49
N THR C 61 -0.18 -24.25 -18.45
CA THR C 61 -0.39 -25.70 -18.39
C THR C 61 -1.23 -26.18 -19.56
N LEU C 62 -2.29 -25.45 -19.90
CA LEU C 62 -3.13 -25.84 -21.02
C LEU C 62 -2.34 -25.83 -22.33
N TYR C 63 -1.55 -24.78 -22.55
CA TYR C 63 -0.79 -24.67 -23.79
C TYR C 63 0.26 -25.76 -23.88
N ASN C 64 0.96 -26.05 -22.78
CA ASN C 64 1.97 -27.11 -22.77
C ASN C 64 1.33 -28.48 -22.99
N ARG C 65 0.19 -28.73 -22.37
CA ARG C 65 -0.49 -30.02 -22.59
C ARG C 65 -0.96 -30.15 -24.03
N PHE C 66 -1.45 -29.06 -24.62
CA PHE C 66 -1.83 -29.07 -26.03
C PHE C 66 -0.65 -29.42 -26.91
N VAL C 67 0.49 -28.79 -26.65
CA VAL C 67 1.68 -29.06 -27.46
C VAL C 67 2.15 -30.50 -27.28
N VAL C 68 2.12 -30.99 -26.04
CA VAL C 68 2.54 -32.37 -25.76
C VAL C 68 1.65 -33.36 -26.49
N ASN C 69 0.33 -33.14 -26.44
CA ASN C 69 -0.59 -34.00 -27.18
C ASN C 69 -0.35 -33.92 -28.68
N LEU C 70 -0.02 -32.73 -29.18
CA LEU C 70 0.31 -32.57 -30.59
C LEU C 70 1.57 -33.34 -30.96
N GLN C 71 2.49 -33.52 -30.02
CA GLN C 71 3.74 -34.22 -30.31
C GLN C 71 3.46 -35.65 -30.81
N GLN C 72 2.53 -36.35 -30.16
CA GLN C 72 2.22 -37.71 -30.57
C GLN C 72 1.65 -37.76 -31.97
N THR C 73 0.99 -36.69 -32.43
CA THR C 73 0.46 -36.66 -33.78
C THR C 73 1.57 -36.54 -34.82
N GLY C 74 2.65 -35.82 -34.48
CA GLY C 74 3.74 -35.63 -35.41
C GLY C 74 3.56 -34.50 -36.40
N CYS C 75 2.52 -33.69 -36.24
CA CYS C 75 2.27 -32.57 -37.15
C CYS C 75 3.20 -31.41 -36.81
N HIS C 76 3.07 -30.33 -37.58
CA HIS C 76 3.87 -29.12 -37.39
C HIS C 76 2.97 -27.98 -36.94
N LEU C 77 3.42 -27.26 -35.92
CA LEU C 77 2.67 -26.14 -35.35
C LEU C 77 3.52 -24.87 -35.44
N VAL C 78 2.91 -23.78 -35.86
CA VAL C 78 3.57 -22.48 -35.93
C VAL C 78 2.74 -21.48 -35.13
N VAL C 79 3.42 -20.71 -34.28
CA VAL C 79 2.77 -19.78 -33.38
C VAL C 79 3.29 -18.36 -33.67
N LEU C 80 2.37 -17.41 -33.79
CA LEU C 80 2.70 -16.02 -34.05
C LEU C 80 2.44 -15.18 -32.80
N ALA C 81 3.07 -14.02 -32.76
CA ALA C 81 2.87 -13.09 -31.65
C ALA C 81 1.69 -12.18 -31.94
N GLY C 82 0.76 -12.10 -31.00
CA GLY C 82 -0.42 -11.29 -31.16
C GLY C 82 -0.17 -9.83 -30.82
N ASN C 83 -1.24 -9.04 -30.81
CA ASN C 83 -1.10 -7.59 -30.50
C ASN C 83 -0.99 -7.40 -28.99
N GLN C 84 -2.04 -7.76 -28.24
CA GLN C 84 -2.02 -7.64 -26.76
C GLN C 84 -0.93 -8.57 -26.21
N ASP C 85 -0.79 -9.76 -26.78
CA ASP C 85 0.22 -10.74 -26.31
C ASP C 85 1.62 -10.17 -26.53
N SER C 86 2.49 -10.22 -25.50
CA SER C 86 3.85 -9.74 -25.60
C SER C 86 4.76 -10.86 -26.08
N VAL C 87 5.73 -10.50 -26.93
CA VAL C 87 6.67 -11.49 -27.45
C VAL C 87 7.61 -12.00 -26.38
N ALA C 88 7.71 -11.30 -25.24
CA ALA C 88 8.62 -11.72 -24.18
C ALA C 88 8.25 -13.08 -23.63
N THR C 89 6.96 -13.33 -23.40
CA THR C 89 6.52 -14.61 -22.85
C THR C 89 6.52 -15.72 -23.89
N LEU C 90 6.48 -15.38 -25.18
CA LEU C 90 6.52 -16.40 -26.22
C LEU C 90 7.96 -16.83 -26.52
N ASN C 91 8.90 -15.90 -26.48
CA ASN C 91 10.30 -16.20 -26.77
C ASN C 91 10.96 -17.03 -25.67
N GLU C 92 10.32 -17.18 -24.51
CA GLU C 92 10.92 -17.91 -23.41
C GLU C 92 11.18 -19.37 -23.78
N SER C 93 10.22 -20.01 -24.44
CA SER C 93 10.30 -21.43 -24.76
C SER C 93 10.71 -21.69 -26.21
N ARG C 94 11.18 -20.66 -26.92
CA ARG C 94 11.47 -20.80 -28.34
C ARG C 94 12.46 -21.92 -28.61
N ASP C 95 13.47 -22.05 -27.77
CA ASP C 95 14.48 -23.10 -27.98
C ASP C 95 13.89 -24.48 -27.76
N ILE C 96 13.08 -24.64 -26.71
CA ILE C 96 12.48 -25.95 -26.43
C ILE C 96 11.42 -26.28 -27.48
N MET C 97 10.64 -25.26 -27.90
CA MET C 97 9.56 -25.51 -28.85
C MET C 97 10.12 -26.03 -30.17
N ALA C 98 11.24 -25.45 -30.63
CA ALA C 98 11.87 -25.93 -31.85
C ALA C 98 12.32 -27.38 -31.70
N PHE C 99 12.87 -27.73 -30.53
CA PHE C 99 13.24 -29.11 -30.27
C PHE C 99 12.02 -30.03 -30.27
N LEU C 100 10.84 -29.49 -29.93
CA LEU C 100 9.60 -30.26 -29.91
C LEU C 100 8.83 -30.15 -31.21
N ASN C 101 9.51 -29.86 -32.33
CA ASN C 101 8.90 -29.88 -33.67
C ASN C 101 7.77 -28.87 -33.78
N THR C 102 8.05 -27.63 -33.38
CA THR C 102 7.12 -26.53 -33.60
C THR C 102 7.89 -25.22 -33.55
N THR C 103 7.37 -24.21 -34.26
CA THR C 103 8.06 -22.95 -34.45
C THR C 103 7.25 -21.80 -33.87
N VAL C 104 7.94 -20.86 -33.23
CA VAL C 104 7.33 -19.65 -32.70
C VAL C 104 8.11 -18.45 -33.20
N VAL C 105 7.43 -17.31 -33.31
CA VAL C 105 8.06 -16.08 -33.77
C VAL C 105 7.78 -14.95 -32.79
N GLY C 109 10.74 -9.88 -37.31
CA GLY C 109 11.74 -10.17 -38.33
C GLY C 109 12.14 -11.63 -38.37
N HIS C 110 11.85 -12.29 -39.48
CA HIS C 110 12.18 -13.69 -39.65
C HIS C 110 12.24 -14.02 -41.14
N ALA C 111 12.86 -15.17 -41.44
CA ALA C 111 12.98 -15.66 -42.81
C ALA C 111 11.96 -16.77 -43.06
N PRO C 112 11.46 -16.86 -44.30
CA PRO C 112 10.51 -17.94 -44.62
C PRO C 112 11.14 -19.31 -44.43
N GLN C 113 10.31 -20.26 -44.00
CA GLN C 113 10.76 -21.61 -43.71
C GLN C 113 9.94 -22.61 -44.52
N ILE C 114 10.58 -23.72 -44.88
CA ILE C 114 9.93 -24.79 -45.63
C ILE C 114 9.11 -25.64 -44.67
N LEU C 115 7.86 -25.92 -45.04
CA LEU C 115 7.00 -26.72 -44.20
C LEU C 115 7.05 -28.16 -44.66
N PRO C 116 7.63 -29.08 -43.90
CA PRO C 116 7.70 -30.48 -44.31
C PRO C 116 6.37 -31.20 -44.11
N ARG C 117 6.20 -32.27 -44.87
CA ARG C 117 5.02 -33.12 -44.74
C ARG C 117 5.21 -34.10 -43.59
N ARG C 118 4.23 -35.02 -43.44
CA ARG C 118 4.32 -36.02 -42.39
C ARG C 118 5.46 -36.99 -42.64
N ASP C 119 5.79 -37.25 -43.90
CA ASP C 119 6.91 -38.12 -44.26
C ASP C 119 8.23 -37.37 -44.35
N GLY C 120 8.23 -36.06 -44.09
CA GLY C 120 9.43 -35.26 -44.16
C GLY C 120 9.67 -34.57 -45.49
N THR C 121 8.89 -34.89 -46.52
CA THR C 121 9.06 -34.25 -47.81
C THR C 121 8.57 -32.79 -47.73
N PRO C 122 9.19 -31.89 -48.47
CA PRO C 122 8.72 -30.49 -48.49
C PRO C 122 7.34 -30.39 -49.11
N GLY C 123 6.39 -29.90 -48.32
CA GLY C 123 5.02 -29.77 -48.78
C GLY C 123 4.69 -28.38 -49.30
N ALA C 124 5.04 -27.36 -48.51
CA ALA C 124 4.76 -25.98 -48.89
C ALA C 124 5.70 -25.06 -48.11
N VAL C 125 5.55 -23.76 -48.33
CA VAL C 125 6.34 -22.75 -47.65
C VAL C 125 5.40 -21.74 -47.02
N LEU C 126 5.72 -21.31 -45.81
CA LEU C 126 4.91 -20.36 -45.06
C LEU C 126 5.71 -19.08 -44.83
N CYS C 127 4.98 -17.97 -44.62
CA CYS C 127 5.59 -16.67 -44.38
C CYS C 127 5.30 -16.24 -42.94
N PRO C 128 6.24 -16.44 -42.00
CA PRO C 128 6.00 -16.09 -40.61
C PRO C 128 6.16 -14.60 -40.36
N ILE C 129 5.03 -13.91 -40.15
CA ILE C 129 5.06 -12.49 -39.81
C ILE C 129 4.29 -12.29 -38.51
N PRO C 130 4.96 -11.98 -37.40
CA PRO C 130 4.25 -11.67 -36.16
C PRO C 130 3.63 -10.29 -36.20
N PHE C 131 3.05 -9.85 -35.09
CA PHE C 131 2.49 -8.51 -35.01
C PHE C 131 3.59 -7.48 -35.20
N LEU C 132 3.56 -6.78 -36.33
CA LEU C 132 4.60 -5.81 -36.67
C LEU C 132 4.42 -4.57 -35.80
N ARG C 133 5.21 -4.48 -34.74
CA ARG C 133 5.09 -3.36 -33.82
C ARG C 133 5.58 -2.08 -34.49
N PRO C 134 4.97 -0.93 -34.18
CA PRO C 134 5.41 0.33 -34.80
C PRO C 134 6.86 0.67 -34.51
N ARG C 135 7.36 0.32 -33.31
CA ARG C 135 8.76 0.57 -33.02
C ARG C 135 9.68 -0.26 -33.91
N ASP C 136 9.30 -1.51 -34.21
CA ASP C 136 10.10 -2.33 -35.10
C ASP C 136 10.16 -1.74 -36.50
N ILE C 137 9.02 -1.27 -37.01
CA ILE C 137 8.95 -0.69 -38.35
C ILE C 137 8.39 0.72 -38.28
N GLN C 151 0.12 6.49 -42.96
CA GLN C 151 0.89 7.07 -44.06
C GLN C 151 2.20 6.33 -44.28
N HIS C 152 3.23 6.72 -43.51
CA HIS C 152 4.53 6.08 -43.63
C HIS C 152 4.49 4.62 -43.19
N LEU C 153 3.76 4.32 -42.11
CA LEU C 153 3.71 2.95 -41.61
C LEU C 153 2.98 2.03 -42.59
N LEU C 154 2.00 2.55 -43.32
CA LEU C 154 1.31 1.74 -44.32
C LEU C 154 2.26 1.30 -45.43
N ALA C 155 3.06 2.25 -45.93
CA ALA C 155 4.07 1.89 -46.93
C ALA C 155 5.12 0.95 -46.34
N ALA C 156 5.48 1.16 -45.07
CA ALA C 156 6.46 0.30 -44.43
C ALA C 156 5.97 -1.15 -44.36
N ILE C 157 4.73 -1.36 -43.93
CA ILE C 157 4.22 -2.72 -43.85
C ILE C 157 4.02 -3.30 -45.25
N THR C 158 3.58 -2.47 -46.20
CA THR C 158 3.36 -2.95 -47.55
C THR C 158 4.65 -3.45 -48.19
N ASP C 159 5.70 -2.63 -48.16
CA ASP C 159 6.94 -3.08 -48.77
C ASP C 159 7.70 -4.09 -47.91
N TYR C 160 7.41 -4.17 -46.60
CA TYR C 160 7.92 -5.29 -45.82
C TYR C 160 7.32 -6.60 -46.28
N TYR C 161 6.01 -6.64 -46.50
CA TYR C 161 5.38 -7.82 -47.07
C TYR C 161 5.90 -8.11 -48.46
N GLN C 162 6.15 -7.05 -49.24
CA GLN C 162 6.72 -7.24 -50.57
C GLN C 162 8.11 -7.89 -50.50
N GLN C 163 8.95 -7.43 -49.57
CA GLN C 163 10.27 -8.02 -49.41
C GLN C 163 10.19 -9.46 -48.95
N HIS C 164 9.27 -9.75 -48.04
CA HIS C 164 9.11 -11.13 -47.57
C HIS C 164 8.61 -12.03 -48.71
N TYR C 165 7.70 -11.53 -49.53
CA TYR C 165 7.25 -12.29 -50.69
C TYR C 165 8.39 -12.52 -51.68
N ALA C 166 9.24 -11.51 -51.87
CA ALA C 166 10.39 -11.67 -52.75
C ALA C 166 11.35 -12.74 -52.22
N ASP C 167 11.58 -12.73 -50.90
CA ASP C 167 12.44 -13.75 -50.30
C ASP C 167 11.82 -15.14 -50.46
N ALA C 168 10.50 -15.26 -50.27
CA ALA C 168 9.84 -16.54 -50.46
C ALA C 168 9.94 -17.01 -51.90
N CYS C 169 9.78 -16.10 -52.87
CA CYS C 169 9.92 -16.47 -54.27
C CYS C 169 11.34 -16.90 -54.60
N LYS C 170 12.34 -16.21 -54.02
CA LYS C 170 13.73 -16.61 -54.23
C LYS C 170 13.98 -18.00 -53.66
N LEU C 171 13.42 -18.30 -52.48
CA LEU C 171 13.56 -19.62 -51.90
C LEU C 171 12.88 -20.68 -52.77
N ARG C 172 11.71 -20.35 -53.31
CA ARG C 172 10.97 -21.31 -54.13
C ARG C 172 11.70 -21.61 -55.44
N GLY C 173 11.93 -20.58 -56.25
CA GLY C 173 12.47 -20.80 -57.58
C GLY C 173 11.49 -21.54 -58.46
N ASP C 174 11.84 -22.75 -58.86
CA ASP C 174 10.95 -23.61 -59.63
C ASP C 174 10.32 -24.72 -58.80
N GLN C 175 10.46 -24.66 -57.48
CA GLN C 175 9.86 -25.68 -56.63
C GLN C 175 8.34 -25.57 -56.67
N PRO C 176 7.62 -26.69 -56.61
CA PRO C 176 6.15 -26.64 -56.64
C PRO C 176 5.49 -26.32 -55.31
N LEU C 177 6.23 -25.84 -54.34
CA LEU C 177 5.67 -25.58 -53.01
C LEU C 177 4.73 -24.39 -53.05
N PRO C 178 3.47 -24.54 -52.62
CA PRO C 178 2.60 -23.37 -52.50
C PRO C 178 3.09 -22.42 -51.41
N ILE C 179 2.79 -21.15 -51.59
CA ILE C 179 3.23 -20.09 -50.68
C ILE C 179 2.08 -19.72 -49.77
N ILE C 180 2.34 -19.67 -48.47
CA ILE C 180 1.35 -19.32 -47.45
C ILE C 180 1.86 -18.10 -46.71
N ALA C 181 0.99 -17.09 -46.55
CA ALA C 181 1.34 -15.86 -45.86
C ALA C 181 0.54 -15.75 -44.57
N THR C 182 1.20 -15.26 -43.52
CA THR C 182 0.58 -15.11 -42.21
C THR C 182 0.73 -13.67 -41.73
N GLY C 183 -0.25 -13.21 -40.97
CA GLY C 183 -0.21 -11.86 -40.44
C GLY C 183 -1.26 -11.67 -39.37
N HIS C 184 -1.05 -10.64 -38.55
CA HIS C 184 -1.94 -10.28 -37.45
C HIS C 184 -2.27 -8.80 -37.58
N LEU C 185 -3.32 -8.50 -38.34
CA LEU C 185 -3.69 -7.12 -38.63
C LEU C 185 -5.13 -7.09 -39.11
N THR C 186 -5.68 -5.88 -39.19
CA THR C 186 -7.00 -5.66 -39.75
C THR C 186 -6.87 -4.95 -41.09
N THR C 187 -7.80 -5.24 -42.00
CA THR C 187 -7.75 -4.71 -43.35
C THR C 187 -9.07 -4.02 -43.68
N VAL C 188 -9.04 -3.23 -44.76
CA VAL C 188 -10.24 -2.54 -45.21
C VAL C 188 -11.26 -3.56 -45.71
N GLY C 189 -12.53 -3.19 -45.63
CA GLY C 189 -13.60 -4.09 -46.01
C GLY C 189 -14.01 -5.08 -44.94
N ALA C 190 -13.39 -5.03 -43.77
CA ALA C 190 -13.72 -5.92 -42.66
C ALA C 190 -14.42 -5.14 -41.55
N SER C 191 -15.22 -5.86 -40.77
CA SER C 191 -15.98 -5.28 -39.67
C SER C 191 -15.76 -6.08 -38.41
N LYS C 192 -15.79 -5.39 -37.27
CA LYS C 192 -15.61 -6.02 -35.97
C LYS C 192 -16.83 -6.87 -35.60
N ASP C 205 -3.02 2.63 -40.35
CA ASP C 205 -4.40 2.32 -40.00
C ASP C 205 -4.75 0.89 -40.41
N ALA C 206 -5.37 0.75 -41.58
CA ALA C 206 -5.79 -0.54 -42.11
C ALA C 206 -5.04 -0.83 -43.39
N PHE C 207 -4.44 -2.02 -43.46
CA PHE C 207 -3.74 -2.44 -44.67
C PHE C 207 -4.75 -2.65 -45.81
N PRO C 208 -4.54 -2.05 -46.97
CA PRO C 208 -5.51 -2.22 -48.07
C PRO C 208 -5.64 -3.67 -48.49
N ALA C 209 -6.88 -4.07 -48.79
CA ALA C 209 -7.14 -5.45 -49.18
C ALA C 209 -6.46 -5.80 -50.49
N GLN C 210 -6.50 -4.89 -51.47
CA GLN C 210 -5.96 -5.20 -52.79
C GLN C 210 -4.44 -5.22 -52.82
N ASN C 211 -3.77 -4.67 -51.80
CA ASN C 211 -2.32 -4.61 -51.76
C ASN C 211 -1.68 -5.93 -51.35
N PHE C 212 -2.45 -7.02 -51.31
CA PHE C 212 -1.90 -8.30 -50.89
C PHE C 212 -0.88 -8.80 -51.91
N PRO C 213 0.23 -9.40 -51.46
CA PRO C 213 1.13 -10.04 -52.40
C PRO C 213 0.46 -11.26 -53.04
N PRO C 214 0.83 -11.60 -54.28
CA PRO C 214 0.16 -12.73 -54.95
C PRO C 214 0.58 -14.07 -54.38
N ALA C 215 -0.02 -14.45 -53.25
CA ALA C 215 0.26 -15.72 -52.60
C ALA C 215 -0.94 -16.65 -52.74
N ASP C 216 -0.67 -17.95 -52.60
CA ASP C 216 -1.73 -18.94 -52.74
C ASP C 216 -2.80 -18.78 -51.65
N TYR C 217 -2.37 -18.54 -50.41
CA TYR C 217 -3.30 -18.37 -49.31
C TYR C 217 -2.66 -17.49 -48.25
N ILE C 218 -3.41 -16.50 -47.77
CA ILE C 218 -2.94 -15.57 -46.75
C ILE C 218 -3.87 -15.67 -45.54
N ALA C 219 -3.29 -15.85 -44.36
CA ALA C 219 -4.04 -16.02 -43.13
C ALA C 219 -3.99 -14.75 -42.30
N LEU C 220 -5.14 -14.33 -41.80
CA LEU C 220 -5.26 -13.12 -40.98
C LEU C 220 -5.92 -13.43 -39.65
N GLY C 221 -5.55 -12.65 -38.64
CA GLY C 221 -6.13 -12.78 -37.32
C GLY C 221 -6.63 -11.47 -36.76
N HIS C 222 -6.53 -11.31 -35.43
CA HIS C 222 -6.83 -10.06 -34.75
C HIS C 222 -8.32 -9.73 -34.76
N ILE C 223 -9.11 -10.51 -35.50
CA ILE C 223 -10.55 -10.31 -35.58
C ILE C 223 -11.22 -11.63 -35.21
N HIS C 224 -12.02 -11.59 -34.14
CA HIS C 224 -12.68 -12.80 -33.66
C HIS C 224 -13.80 -13.25 -34.59
N ARG C 225 -14.34 -12.35 -35.42
CA ARG C 225 -15.47 -12.66 -36.28
C ARG C 225 -14.97 -13.06 -37.66
N ALA C 226 -15.14 -14.33 -38.00
CA ALA C 226 -14.79 -14.80 -39.33
C ALA C 226 -15.74 -14.23 -40.37
N GLN C 227 -15.19 -13.80 -41.50
CA GLN C 227 -16.01 -13.19 -42.55
C GLN C 227 -15.28 -13.28 -43.87
N ILE C 228 -16.03 -13.13 -44.95
CA ILE C 228 -15.47 -13.12 -46.30
C ILE C 228 -14.77 -11.79 -46.55
N ILE C 229 -13.70 -11.83 -47.33
CA ILE C 229 -12.93 -10.63 -47.63
C ILE C 229 -12.21 -10.83 -48.96
N GLY C 230 -12.20 -9.78 -49.78
CA GLY C 230 -11.45 -9.75 -51.02
C GLY C 230 -12.09 -10.49 -52.17
N GLY C 231 -13.22 -11.17 -51.96
CA GLY C 231 -13.85 -11.94 -53.01
C GLY C 231 -13.08 -13.16 -53.49
N MET C 232 -11.86 -13.36 -53.00
CA MET C 232 -11.04 -14.50 -53.39
C MET C 232 -10.60 -15.24 -52.13
N GLU C 233 -10.48 -16.56 -52.25
CA GLU C 233 -10.14 -17.41 -51.11
C GLU C 233 -8.68 -17.28 -50.69
N HIS C 234 -7.86 -16.52 -51.42
CA HIS C 234 -6.47 -16.36 -51.05
C HIS C 234 -6.33 -15.69 -49.69
N VAL C 235 -7.31 -14.88 -49.29
CA VAL C 235 -7.32 -14.25 -47.98
C VAL C 235 -8.61 -14.66 -47.29
N ARG C 236 -8.49 -15.29 -46.12
CA ARG C 236 -9.65 -15.78 -45.39
C ARG C 236 -9.46 -15.50 -43.90
N TYR C 237 -10.59 -15.36 -43.20
CA TYR C 237 -10.60 -15.10 -41.77
C TYR C 237 -11.10 -16.34 -41.04
N CYS C 238 -10.24 -16.89 -40.18
CA CYS C 238 -10.65 -18.02 -39.34
C CYS C 238 -11.49 -17.56 -38.15
N GLY C 239 -11.23 -16.36 -37.64
CA GLY C 239 -11.96 -15.88 -36.48
C GLY C 239 -11.53 -16.57 -35.20
N SER C 240 -12.37 -16.44 -34.18
CA SER C 240 -12.00 -17.12 -32.95
C SER C 240 -12.82 -18.39 -32.78
N PRO C 241 -12.23 -19.45 -32.23
CA PRO C 241 -12.98 -20.70 -32.01
C PRO C 241 -13.83 -20.70 -30.75
N ILE C 242 -13.72 -19.68 -29.90
CA ILE C 242 -14.45 -19.63 -28.64
C ILE C 242 -15.14 -18.28 -28.54
N PRO C 243 -16.24 -18.20 -27.78
CA PRO C 243 -16.93 -16.91 -27.61
C PRO C 243 -16.18 -15.95 -26.71
N LEU C 244 -15.62 -14.89 -27.29
CA LEU C 244 -14.93 -13.88 -26.50
C LEU C 244 -15.89 -12.86 -25.90
N SER C 245 -17.12 -12.79 -26.39
CA SER C 245 -18.11 -11.86 -25.87
C SER C 245 -19.49 -12.32 -26.30
N PHE C 246 -20.51 -11.80 -25.62
CA PHE C 246 -21.89 -12.14 -25.96
C PHE C 246 -22.28 -11.61 -27.34
N ASP C 247 -21.65 -10.51 -27.78
CA ASP C 247 -21.98 -9.95 -29.08
C ASP C 247 -21.54 -10.87 -30.22
N GLU C 248 -20.55 -11.73 -29.98
CA GLU C 248 -20.05 -12.65 -30.99
C GLU C 248 -20.51 -14.08 -30.75
N CYS C 249 -21.64 -14.25 -30.06
CA CYS C 249 -22.17 -15.57 -29.73
C CYS C 249 -22.93 -16.22 -30.89
N GLY C 250 -22.78 -15.70 -32.11
CA GLY C 250 -23.49 -16.23 -33.25
C GLY C 250 -22.94 -17.57 -33.71
N LYS C 251 -23.61 -18.13 -34.72
CA LYS C 251 -23.22 -19.42 -35.26
C LYS C 251 -21.87 -19.38 -35.96
N SER C 252 -21.40 -18.19 -36.35
CA SER C 252 -20.13 -18.06 -37.07
C SER C 252 -18.96 -18.24 -36.09
N LYS C 253 -18.82 -19.49 -35.65
CA LYS C 253 -17.78 -19.84 -34.69
C LYS C 253 -16.92 -20.94 -35.31
N TYR C 254 -16.52 -20.73 -36.56
CA TYR C 254 -16.00 -21.80 -37.39
C TYR C 254 -14.47 -21.86 -37.32
N VAL C 255 -13.93 -22.99 -37.80
CA VAL C 255 -12.51 -23.20 -37.97
C VAL C 255 -12.27 -23.66 -39.40
N HIS C 256 -11.35 -22.99 -40.10
CA HIS C 256 -11.20 -23.17 -41.53
C HIS C 256 -10.22 -24.29 -41.86
N LEU C 257 -10.58 -25.10 -42.86
CA LEU C 257 -9.70 -26.10 -43.45
C LEU C 257 -9.34 -25.67 -44.86
N VAL C 258 -8.04 -25.62 -45.15
CA VAL C 258 -7.53 -25.26 -46.46
C VAL C 258 -6.80 -26.45 -47.05
N THR C 259 -7.23 -26.90 -48.22
CA THR C 259 -6.68 -28.06 -48.89
C THR C 259 -5.96 -27.66 -50.17
N PHE C 260 -4.90 -28.39 -50.50
CA PHE C 260 -4.07 -28.10 -51.65
C PHE C 260 -3.98 -29.32 -52.55
N SER C 261 -3.82 -29.07 -53.85
CA SER C 261 -3.77 -30.13 -54.85
C SER C 261 -2.59 -29.84 -55.79
N ASN C 262 -1.61 -30.75 -55.79
CA ASN C 262 -0.41 -30.69 -56.64
C ASN C 262 0.13 -29.27 -56.75
N GLY C 263 0.27 -28.61 -55.60
CA GLY C 263 0.81 -27.27 -55.55
C GLY C 263 -0.19 -26.16 -55.78
N LYS C 264 -1.44 -26.49 -56.12
CA LYS C 264 -2.49 -25.50 -56.30
C LYS C 264 -3.56 -25.70 -55.23
N LEU C 265 -4.36 -24.66 -55.01
CA LEU C 265 -5.44 -24.73 -54.04
C LEU C 265 -6.45 -25.78 -54.47
N GLU C 266 -6.87 -26.62 -53.52
CA GLU C 266 -7.89 -27.62 -53.79
C GLU C 266 -9.28 -27.11 -53.45
N SER C 267 -9.49 -26.75 -52.17
CA SER C 267 -10.76 -26.21 -51.71
C SER C 267 -10.55 -25.62 -50.33
N VAL C 268 -11.54 -24.85 -49.88
CA VAL C 268 -11.56 -24.28 -48.54
C VAL C 268 -12.75 -24.88 -47.80
N GLU C 269 -12.53 -25.29 -46.56
CA GLU C 269 -13.55 -25.94 -45.76
C GLU C 269 -13.65 -25.25 -44.41
N ASN C 270 -14.85 -25.27 -43.84
CA ASN C 270 -15.12 -24.68 -42.53
C ASN C 270 -15.66 -25.75 -41.59
N LEU C 271 -15.24 -25.70 -40.33
CA LEU C 271 -15.57 -26.72 -39.34
C LEU C 271 -16.40 -26.11 -38.23
N ASN C 272 -17.50 -26.79 -37.89
CA ASN C 272 -18.32 -26.38 -36.75
C ASN C 272 -17.68 -26.90 -35.47
N VAL C 273 -17.64 -26.06 -34.45
CA VAL C 273 -17.00 -26.41 -33.19
C VAL C 273 -18.07 -26.77 -32.16
N PRO C 274 -17.79 -27.66 -31.21
CA PRO C 274 -18.72 -27.90 -30.11
C PRO C 274 -18.66 -26.77 -29.10
N VAL C 275 -19.67 -26.72 -28.23
CA VAL C 275 -19.78 -25.72 -27.19
C VAL C 275 -19.97 -26.40 -25.85
N THR C 276 -19.18 -26.01 -24.86
CA THR C 276 -19.30 -26.53 -23.50
C THR C 276 -19.75 -25.45 -22.51
N GLN C 277 -20.18 -24.29 -23.00
CA GLN C 277 -20.68 -23.21 -22.17
C GLN C 277 -21.57 -22.31 -23.01
N PRO C 278 -22.85 -22.61 -23.12
CA PRO C 278 -23.73 -21.80 -23.96
C PRO C 278 -23.90 -20.39 -23.41
N MET C 279 -24.13 -19.46 -24.33
CA MET C 279 -24.33 -18.05 -24.00
C MET C 279 -25.76 -17.66 -24.32
N ALA C 280 -26.38 -16.92 -23.40
CA ALA C 280 -27.76 -16.47 -23.56
C ALA C 280 -27.84 -14.97 -23.28
N VAL C 281 -28.55 -14.25 -24.14
CA VAL C 281 -28.74 -12.82 -24.02
C VAL C 281 -30.23 -12.53 -23.90
N LEU C 282 -30.61 -11.72 -22.91
CA LEU C 282 -32.00 -11.40 -22.66
C LEU C 282 -32.21 -9.89 -22.72
N LYS C 283 -33.32 -9.49 -23.33
CA LYS C 283 -33.68 -8.07 -23.41
C LYS C 283 -35.19 -7.94 -23.34
N GLY C 284 -35.65 -6.81 -22.81
CA GLY C 284 -37.06 -6.51 -22.68
C GLY C 284 -37.36 -5.99 -21.29
N ASP C 285 -38.64 -6.04 -20.94
CA ASP C 285 -39.10 -5.58 -19.64
C ASP C 285 -38.84 -6.65 -18.59
N LEU C 286 -39.02 -6.26 -17.31
CA LEU C 286 -38.78 -7.19 -16.22
C LEU C 286 -39.72 -8.39 -16.29
N ALA C 287 -41.01 -8.15 -16.55
CA ALA C 287 -41.95 -9.26 -16.66
C ALA C 287 -41.58 -10.17 -17.83
N SER C 288 -41.22 -9.58 -18.98
CA SER C 288 -40.85 -10.39 -20.14
C SER C 288 -39.63 -11.25 -19.86
N ILE C 289 -38.60 -10.66 -19.24
CA ILE C 289 -37.39 -11.44 -18.98
C ILE C 289 -37.65 -12.51 -17.93
N THR C 290 -38.47 -12.21 -16.92
CA THR C 290 -38.81 -13.23 -15.93
C THR C 290 -39.56 -14.39 -16.59
N ALA C 291 -40.42 -14.08 -17.56
CA ALA C 291 -41.06 -15.14 -18.33
C ALA C 291 -40.03 -15.91 -19.15
N GLN C 292 -39.02 -15.22 -19.69
CA GLN C 292 -38.00 -15.90 -20.48
C GLN C 292 -37.20 -16.89 -19.65
N LEU C 293 -36.84 -16.52 -18.41
CA LEU C 293 -36.12 -17.45 -17.55
C LEU C 293 -36.91 -18.72 -17.25
N GLU C 294 -38.23 -18.70 -17.44
CA GLU C 294 -39.01 -19.93 -17.24
C GLU C 294 -38.71 -21.00 -18.29
N GLN C 295 -38.03 -20.65 -19.38
CA GLN C 295 -37.62 -21.66 -20.35
C GLN C 295 -36.61 -22.64 -19.74
N TRP C 296 -35.75 -22.16 -18.85
CA TRP C 296 -34.74 -22.98 -18.18
C TRP C 296 -35.22 -23.46 -16.82
N ARG C 297 -36.51 -23.75 -16.68
CA ARG C 297 -37.10 -24.11 -15.39
C ARG C 297 -36.65 -25.49 -14.94
N ASP C 298 -35.57 -25.53 -14.14
CA ASP C 298 -35.06 -26.76 -13.54
C ASP C 298 -34.75 -27.80 -14.63
N VAL C 299 -34.06 -27.36 -15.68
CA VAL C 299 -33.58 -28.29 -16.69
C VAL C 299 -32.49 -29.19 -16.11
N SER C 300 -31.66 -28.66 -15.21
CA SER C 300 -30.61 -29.41 -14.52
C SER C 300 -29.58 -29.96 -15.49
N GLN C 301 -29.31 -29.25 -16.58
CA GLN C 301 -28.23 -29.63 -17.47
C GLN C 301 -26.89 -29.42 -16.80
N GLU C 302 -25.90 -30.23 -17.20
CA GLU C 302 -24.59 -30.19 -16.54
C GLU C 302 -23.80 -28.90 -16.81
N PRO C 303 -23.88 -28.26 -17.97
CA PRO C 303 -23.21 -26.96 -18.11
C PRO C 303 -24.12 -25.83 -17.65
N PRO C 304 -23.71 -25.08 -16.62
CA PRO C 304 -24.53 -23.95 -16.17
C PRO C 304 -24.54 -22.84 -17.23
N VAL C 305 -25.75 -22.45 -17.64
CA VAL C 305 -25.89 -21.46 -18.69
C VAL C 305 -25.58 -20.07 -18.12
N TRP C 306 -24.68 -19.36 -18.79
CA TRP C 306 -24.32 -18.00 -18.40
C TRP C 306 -25.26 -17.01 -19.08
N LEU C 307 -25.76 -16.06 -18.30
CA LEU C 307 -26.82 -15.15 -18.76
C LEU C 307 -26.30 -13.73 -18.88
N ASP C 308 -26.66 -13.08 -19.99
CA ASP C 308 -26.44 -11.65 -20.17
C ASP C 308 -27.80 -10.97 -20.12
N ILE C 309 -27.95 -10.00 -19.23
CA ILE C 309 -29.24 -9.39 -18.92
C ILE C 309 -29.22 -7.94 -19.38
N GLU C 310 -30.23 -7.57 -20.16
CA GLU C 310 -30.40 -6.20 -20.66
C GLU C 310 -31.82 -5.75 -20.29
N ILE C 311 -31.93 -4.86 -19.32
CA ILE C 311 -33.22 -4.39 -18.81
C ILE C 311 -33.42 -2.94 -19.21
N THR C 312 -34.58 -2.63 -19.79
CA THR C 312 -34.89 -1.29 -20.26
C THR C 312 -35.55 -0.42 -19.19
N THR C 313 -35.85 -0.97 -18.02
CA THR C 313 -36.54 -0.20 -16.99
C THR C 313 -35.59 0.83 -16.37
N ASP C 314 -36.19 1.75 -15.60
CA ASP C 314 -35.44 2.82 -14.94
C ASP C 314 -35.05 2.46 -13.51
N GLU C 315 -35.38 1.26 -13.05
CA GLU C 315 -35.07 0.88 -11.68
C GLU C 315 -33.56 0.81 -11.47
N TYR C 316 -33.14 1.13 -10.25
CA TYR C 316 -31.73 1.24 -9.93
C TYR C 316 -31.05 -0.13 -9.99
N LEU C 317 -29.75 -0.12 -10.31
CA LEU C 317 -29.01 -1.35 -10.46
C LEU C 317 -28.89 -2.11 -9.14
N HIS C 318 -28.63 -1.40 -8.05
CA HIS C 318 -28.31 -2.06 -6.79
C HIS C 318 -29.45 -2.91 -6.25
N ASP C 319 -30.70 -2.56 -6.57
CA ASP C 319 -31.83 -3.39 -6.16
C ASP C 319 -32.46 -4.18 -7.29
N ILE C 320 -32.26 -3.77 -8.55
CA ILE C 320 -32.71 -4.63 -9.64
C ILE C 320 -31.87 -5.91 -9.67
N GLN C 321 -30.60 -5.83 -9.25
CA GLN C 321 -29.78 -7.03 -9.12
C GLN C 321 -30.35 -7.96 -8.05
N ARG C 322 -30.80 -7.39 -6.93
CA ARG C 322 -31.45 -8.19 -5.90
C ARG C 322 -32.73 -8.83 -6.41
N LYS C 323 -33.50 -8.08 -7.21
CA LYS C 323 -34.71 -8.63 -7.80
C LYS C 323 -34.39 -9.81 -8.72
N ILE C 324 -33.32 -9.68 -9.53
CA ILE C 324 -32.92 -10.77 -10.42
C ILE C 324 -32.46 -11.97 -9.61
N GLN C 325 -31.67 -11.73 -8.55
CA GLN C 325 -31.21 -12.81 -7.68
C GLN C 325 -32.37 -13.48 -6.94
N ALA C 326 -33.47 -12.77 -6.72
CA ALA C 326 -34.64 -13.37 -6.10
C ALA C 326 -35.29 -14.44 -6.96
N LEU C 327 -34.92 -14.54 -8.24
CA LEU C 327 -35.43 -15.57 -9.12
C LEU C 327 -34.36 -16.52 -9.64
N THR C 328 -33.13 -16.04 -9.85
CA THR C 328 -32.10 -16.89 -10.44
C THR C 328 -31.54 -17.90 -9.47
N GLU C 329 -31.77 -17.72 -8.16
CA GLU C 329 -31.14 -18.60 -7.17
C GLU C 329 -31.64 -20.04 -7.29
N SER C 330 -32.82 -20.25 -7.86
CA SER C 330 -33.38 -21.59 -7.99
C SER C 330 -33.11 -22.22 -9.35
N LEU C 331 -33.06 -21.42 -10.41
CA LEU C 331 -32.83 -21.95 -11.73
C LEU C 331 -31.38 -22.42 -11.86
N PRO C 332 -31.11 -23.39 -12.76
CA PRO C 332 -29.74 -23.84 -13.02
C PRO C 332 -28.97 -22.92 -13.98
N VAL C 333 -28.97 -21.63 -13.66
CA VAL C 333 -28.30 -20.62 -14.48
C VAL C 333 -27.45 -19.74 -13.59
N GLU C 334 -26.53 -19.01 -14.22
CA GLU C 334 -25.65 -18.09 -13.52
C GLU C 334 -25.72 -16.73 -14.18
N VAL C 335 -25.76 -15.68 -13.37
CA VAL C 335 -25.85 -14.30 -13.84
C VAL C 335 -24.45 -13.70 -13.87
N LEU C 336 -24.08 -13.15 -15.02
CA LEU C 336 -22.77 -12.54 -15.20
C LEU C 336 -22.78 -11.02 -15.02
N LEU C 337 -23.66 -10.33 -15.74
CA LEU C 337 -23.72 -8.88 -15.66
C LEU C 337 -25.15 -8.41 -15.91
N VAL C 338 -25.43 -7.19 -15.45
CA VAL C 338 -26.71 -6.54 -15.65
C VAL C 338 -26.46 -5.19 -16.31
N ARG C 339 -27.22 -4.90 -17.36
CA ARG C 339 -27.03 -3.68 -18.13
C ARG C 339 -28.37 -3.02 -18.40
N ARG C 340 -28.39 -1.69 -18.35
CA ARG C 340 -29.57 -0.90 -18.68
C ARG C 340 -29.39 -0.31 -20.07
N SER C 341 -30.36 -0.55 -20.95
CA SER C 341 -30.29 -0.09 -22.33
C SER C 341 -30.87 1.32 -22.41
N ARG C 342 -30.05 2.27 -22.86
CA ARG C 342 -30.48 3.65 -23.01
C ARG C 342 -29.86 4.28 -24.26
N ARG C 354 -28.97 7.59 -8.96
CA ARG C 354 -28.84 7.74 -10.40
C ARG C 354 -28.35 6.45 -11.06
N GLU C 355 -27.03 6.36 -11.25
CA GLU C 355 -26.42 5.23 -11.92
C GLU C 355 -25.12 4.85 -11.23
N THR C 356 -24.74 3.58 -11.36
CA THR C 356 -23.54 3.04 -10.74
C THR C 356 -22.36 3.15 -11.71
N LEU C 357 -21.15 3.18 -11.13
CA LEU C 357 -19.95 3.34 -11.94
C LEU C 357 -19.79 2.21 -12.96
N SER C 358 -20.32 1.02 -12.67
CA SER C 358 -20.21 -0.08 -13.62
C SER C 358 -20.95 0.19 -14.92
N GLU C 359 -21.97 1.06 -14.88
CA GLU C 359 -22.72 1.37 -16.09
C GLU C 359 -21.95 2.30 -17.03
N LEU C 360 -21.12 3.17 -16.48
CA LEU C 360 -20.42 4.19 -17.27
C LEU C 360 -18.99 3.76 -17.57
N SER C 361 -18.48 4.19 -18.71
CA SER C 361 -17.14 3.88 -19.14
C SER C 361 -16.15 4.97 -18.73
N VAL C 362 -14.86 4.65 -18.85
CA VAL C 362 -13.82 5.60 -18.48
C VAL C 362 -13.88 6.83 -19.37
N GLU C 363 -14.07 6.64 -20.67
CA GLU C 363 -14.16 7.77 -21.58
C GLU C 363 -15.36 8.66 -21.25
N GLU C 364 -16.50 8.05 -20.94
CA GLU C 364 -17.69 8.83 -20.61
C GLU C 364 -17.48 9.61 -19.30
N VAL C 365 -16.91 8.97 -18.29
CA VAL C 365 -16.70 9.69 -17.03
C VAL C 365 -15.66 10.79 -17.19
N PHE C 366 -14.65 10.58 -18.03
CA PHE C 366 -13.68 11.64 -18.29
C PHE C 366 -14.31 12.81 -19.04
N ASN C 367 -15.19 12.52 -20.00
CA ASN C 367 -15.91 13.58 -20.68
C ASN C 367 -16.80 14.34 -19.71
N ARG C 368 -17.42 13.63 -18.77
CA ARG C 368 -18.20 14.30 -17.73
C ARG C 368 -17.30 15.20 -16.88
N ARG C 369 -16.07 14.75 -16.60
CA ARG C 369 -15.13 15.59 -15.87
C ARG C 369 -14.79 16.86 -16.64
N LEU C 370 -14.79 16.80 -17.97
CA LEU C 370 -14.45 17.94 -18.79
C LEU C 370 -15.58 18.94 -18.94
N ALA C 371 -16.77 18.63 -18.41
CA ALA C 371 -17.90 19.54 -18.54
C ALA C 371 -17.65 20.86 -17.82
N LEU C 372 -16.84 20.84 -16.76
CA LEU C 372 -16.55 22.06 -16.01
C LEU C 372 -15.50 22.93 -16.65
N GLU C 373 -14.79 22.39 -17.64
CA GLU C 373 -13.68 23.14 -18.30
C GLU C 373 -14.16 23.67 -19.65
N GLU C 374 -13.43 24.62 -20.25
CA GLU C 374 -13.79 25.13 -21.59
C GLU C 374 -13.15 24.23 -22.64
N LEU C 375 -13.95 23.42 -23.33
CA LEU C 375 -13.43 22.49 -24.37
C LEU C 375 -12.82 23.29 -25.52
N ASP C 376 -13.46 24.39 -25.92
CA ASP C 376 -13.00 25.23 -27.07
C ASP C 376 -12.84 24.37 -28.33
N GLU C 377 -11.73 24.51 -29.06
CA GLU C 377 -11.59 23.78 -30.35
C GLU C 377 -10.49 22.71 -30.29
N SER C 378 -9.30 23.04 -29.79
CA SER C 378 -8.17 22.07 -29.87
C SER C 378 -7.76 21.53 -28.49
N GLN C 379 -7.83 22.36 -27.45
CA GLN C 379 -7.48 21.91 -26.11
C GLN C 379 -8.17 20.58 -25.78
N GLN C 380 -9.46 20.48 -26.09
CA GLN C 380 -10.17 19.23 -25.80
C GLN C 380 -9.65 18.08 -26.65
N GLN C 381 -9.33 18.34 -27.92
CA GLN C 381 -8.78 17.27 -28.76
C GLN C 381 -7.45 16.79 -28.22
N ARG C 382 -6.57 17.72 -27.85
CA ARG C 382 -5.27 17.33 -27.29
C ARG C 382 -5.44 16.55 -25.99
N LEU C 383 -6.35 17.02 -25.12
CA LEU C 383 -6.55 16.36 -23.83
C LEU C 383 -7.11 14.95 -24.01
N GLN C 384 -8.08 14.78 -24.91
CA GLN C 384 -8.63 13.44 -25.11
C GLN C 384 -7.62 12.52 -25.76
N HIS C 385 -6.80 13.03 -26.68
CA HIS C 385 -5.75 12.21 -27.26
C HIS C 385 -4.74 11.78 -26.19
N LEU C 386 -4.35 12.69 -25.31
CA LEU C 386 -3.41 12.34 -24.26
C LEU C 386 -4.03 11.35 -23.27
N PHE C 387 -5.32 11.50 -22.98
CA PHE C 387 -5.98 10.54 -22.10
C PHE C 387 -6.04 9.17 -22.73
N THR C 388 -6.28 9.10 -24.04
CA THR C 388 -6.24 7.80 -24.73
C THR C 388 -4.85 7.20 -24.65
N THR C 389 -3.81 8.01 -24.84
CA THR C 389 -2.45 7.50 -24.72
C THR C 389 -2.18 6.97 -23.32
N THR C 390 -2.65 7.68 -22.29
CA THR C 390 -2.44 7.24 -20.92
C THR C 390 -3.16 5.93 -20.64
N LEU C 391 -4.42 5.81 -21.08
CA LEU C 391 -5.15 4.56 -20.84
C LEU C 391 -4.55 3.41 -21.63
N HIS C 392 -3.94 3.69 -22.79
CA HIS C 392 -3.28 2.64 -23.54
C HIS C 392 -1.99 2.21 -22.88
N THR C 393 -1.21 3.16 -22.37
CA THR C 393 0.07 2.84 -21.74
C THR C 393 -0.09 2.33 -20.31
N LEU C 394 -1.28 2.44 -19.72
CA LEU C 394 -1.50 1.88 -18.39
C LEU C 394 -1.36 0.37 -18.40
N ALA C 395 -1.91 -0.29 -19.41
CA ALA C 395 -1.84 -1.74 -19.51
C ALA C 395 -0.92 -2.15 -20.66
N MET D 1 -21.84 -13.44 5.04
CA MET D 1 -20.86 -14.10 5.87
C MET D 1 -21.25 -13.96 7.34
N LYS D 2 -21.48 -15.10 8.00
CA LYS D 2 -21.93 -15.11 9.39
C LYS D 2 -20.99 -15.98 10.22
N ILE D 3 -20.96 -15.71 11.51
CA ILE D 3 -20.03 -16.35 12.45
C ILE D 3 -20.72 -17.54 13.08
N LEU D 4 -20.04 -18.69 13.11
CA LEU D 4 -20.61 -19.92 13.62
C LEU D 4 -19.97 -20.41 14.92
N SER D 5 -18.82 -19.87 15.31
CA SER D 5 -18.14 -20.32 16.52
C SER D 5 -17.12 -19.27 16.93
N LEU D 6 -16.40 -19.58 18.01
CA LEU D 6 -15.37 -18.70 18.55
C LEU D 6 -14.65 -19.46 19.66
N ARG D 7 -13.36 -19.18 19.81
CA ARG D 7 -12.56 -19.76 20.88
C ARG D 7 -11.42 -18.81 21.20
N LEU D 8 -11.03 -18.78 22.48
CA LEU D 8 -9.94 -17.92 22.90
C LEU D 8 -9.34 -18.47 24.19
N LYS D 9 -8.15 -17.99 24.51
CA LYS D 9 -7.46 -18.41 25.73
C LYS D 9 -6.45 -17.33 26.11
N ASN D 10 -6.58 -16.79 27.32
CA ASN D 10 -5.68 -15.75 27.83
C ASN D 10 -5.64 -14.54 26.89
N LEU D 11 -6.76 -14.27 26.22
CA LEU D 11 -6.78 -13.25 25.19
C LEU D 11 -6.45 -11.87 25.73
N ASN D 12 -7.32 -11.31 26.56
CA ASN D 12 -7.06 -10.04 27.22
C ASN D 12 -7.10 -10.16 28.73
N SER D 13 -8.18 -10.70 29.29
CA SER D 13 -8.29 -10.90 30.73
C SER D 13 -9.03 -12.20 31.07
N LEU D 14 -9.08 -13.14 30.13
CA LEU D 14 -9.87 -14.36 30.28
C LEU D 14 -8.90 -15.54 30.34
N LYS D 15 -8.44 -15.86 31.54
CA LYS D 15 -7.55 -17.00 31.73
C LYS D 15 -8.27 -18.30 31.43
N GLY D 16 -7.53 -19.27 30.91
CA GLY D 16 -8.12 -20.53 30.51
C GLY D 16 -8.74 -20.46 29.12
N GLU D 17 -9.21 -21.61 28.67
CA GLU D 17 -9.80 -21.74 27.34
C GLU D 17 -11.31 -21.60 27.41
N TRP D 18 -11.87 -20.78 26.53
CA TRP D 18 -13.31 -20.57 26.45
C TRP D 18 -13.75 -20.72 25.01
N LYS D 19 -14.98 -21.21 24.83
CA LYS D 19 -15.49 -21.47 23.49
C LYS D 19 -17.00 -21.33 23.50
N ILE D 20 -17.52 -20.54 22.56
CA ILE D 20 -18.96 -20.35 22.39
C ILE D 20 -19.32 -20.73 20.95
N ASP D 21 -20.39 -21.50 20.79
CA ASP D 21 -20.85 -21.96 19.49
C ASP D 21 -22.26 -21.43 19.26
N PHE D 22 -22.48 -20.82 18.10
CA PHE D 22 -23.81 -20.29 17.77
C PHE D 22 -24.62 -21.34 17.01
N THR D 23 -24.63 -22.57 17.53
CA THR D 23 -25.43 -23.66 16.99
C THR D 23 -26.00 -24.55 18.09
N ARG D 24 -26.28 -23.96 19.25
CA ARG D 24 -26.65 -24.71 20.45
C ARG D 24 -28.11 -24.42 20.80
N GLU D 25 -28.55 -24.92 21.96
CA GLU D 25 -29.89 -24.62 22.43
C GLU D 25 -30.11 -23.10 22.57
N PRO D 26 -29.23 -22.33 23.19
CA PRO D 26 -29.25 -20.88 22.96
C PRO D 26 -28.74 -20.57 21.56
N PHE D 27 -29.18 -19.43 21.03
CA PHE D 27 -28.87 -18.97 19.69
C PHE D 27 -29.51 -19.84 18.62
N ALA D 28 -30.49 -20.68 18.98
CA ALA D 28 -31.12 -21.54 17.99
C ALA D 28 -31.80 -20.72 16.90
N SER D 29 -32.50 -19.66 17.28
CA SER D 29 -33.05 -18.72 16.33
C SER D 29 -32.03 -17.64 16.01
N ASN D 30 -32.31 -16.88 14.96
CA ASN D 30 -31.47 -15.76 14.56
C ASN D 30 -31.77 -14.49 15.33
N GLY D 31 -32.42 -14.61 16.50
CA GLY D 31 -32.76 -13.43 17.27
C GLY D 31 -31.53 -12.72 17.80
N LEU D 32 -31.66 -11.41 17.96
CA LEU D 32 -30.56 -10.61 18.48
C LEU D 32 -30.27 -10.96 19.93
N PHE D 33 -28.99 -10.98 20.27
CA PHE D 33 -28.52 -11.29 21.62
C PHE D 33 -27.75 -10.10 22.18
N ALA D 34 -27.22 -10.27 23.39
CA ALA D 34 -26.47 -9.21 24.04
C ALA D 34 -25.47 -9.83 25.02
N ILE D 35 -24.48 -9.03 25.38
CA ILE D 35 -23.47 -9.40 26.37
C ILE D 35 -23.44 -8.31 27.43
N THR D 36 -23.52 -8.72 28.70
CA THR D 36 -23.57 -7.76 29.79
C THR D 36 -22.61 -8.20 30.89
N GLY D 37 -22.29 -7.25 31.77
CA GLY D 37 -21.39 -7.50 32.87
C GLY D 37 -20.81 -6.21 33.41
N PRO D 38 -19.99 -6.31 34.45
CA PRO D 38 -19.32 -5.12 34.99
C PRO D 38 -18.38 -4.51 33.96
N THR D 39 -18.22 -3.19 34.05
CA THR D 39 -17.33 -2.50 33.14
C THR D 39 -15.88 -2.96 33.32
N GLY D 40 -15.16 -3.10 32.21
CA GLY D 40 -13.80 -3.57 32.29
C GLY D 40 -13.64 -5.03 32.62
N ALA D 41 -14.64 -5.85 32.32
CA ALA D 41 -14.60 -7.28 32.59
C ALA D 41 -14.52 -8.09 31.30
N GLY D 42 -13.75 -7.60 30.33
CA GLY D 42 -13.61 -8.30 29.08
C GLY D 42 -14.86 -8.29 28.22
N LYS D 43 -15.71 -7.27 28.37
CA LYS D 43 -16.94 -7.21 27.58
C LYS D 43 -16.63 -7.09 26.09
N THR D 44 -15.68 -6.24 25.72
CA THR D 44 -15.27 -6.11 24.33
C THR D 44 -14.32 -7.21 23.89
N THR D 45 -13.69 -7.91 24.84
CA THR D 45 -12.76 -8.98 24.49
C THR D 45 -13.47 -10.07 23.71
N LEU D 46 -14.70 -10.42 24.10
CA LEU D 46 -15.48 -11.38 23.34
C LEU D 46 -15.69 -10.90 21.91
N LEU D 47 -15.75 -9.59 21.69
CA LEU D 47 -15.84 -9.02 20.36
C LEU D 47 -14.46 -8.78 19.74
N ASP D 48 -13.40 -8.91 20.52
CA ASP D 48 -12.05 -8.77 19.99
C ASP D 48 -11.51 -10.07 19.42
N ALA D 49 -12.00 -11.22 19.89
CA ALA D 49 -11.53 -12.50 19.36
C ALA D 49 -11.85 -12.64 17.88
N ILE D 50 -13.07 -12.27 17.49
CA ILE D 50 -13.47 -12.37 16.08
C ILE D 50 -12.55 -11.51 15.21
N CYS D 51 -12.33 -10.26 15.61
CA CYS D 51 -11.54 -9.35 14.81
C CYS D 51 -10.08 -9.78 14.75
N LEU D 52 -9.54 -10.22 15.88
CA LEU D 52 -8.15 -10.68 15.91
C LEU D 52 -7.95 -11.91 15.02
N ALA D 53 -8.77 -12.94 15.23
CA ALA D 53 -8.60 -14.16 14.46
C ALA D 53 -8.94 -13.97 12.99
N LEU D 54 -9.66 -12.92 12.64
CA LEU D 54 -9.96 -12.71 11.23
C LEU D 54 -8.90 -11.85 10.52
N TYR D 55 -8.46 -10.76 11.14
CA TYR D 55 -7.63 -9.78 10.44
C TYR D 55 -6.37 -9.35 11.19
N HIS D 56 -5.93 -10.12 12.19
CA HIS D 56 -4.61 -9.94 12.79
C HIS D 56 -4.43 -8.54 13.38
N GLU D 57 -5.54 -7.87 13.71
CA GLU D 57 -5.49 -6.49 14.14
C GLU D 57 -6.71 -6.18 14.97
N THR D 58 -6.52 -5.98 16.27
CA THR D 58 -7.61 -5.58 17.15
C THR D 58 -8.05 -4.15 16.81
N PRO D 59 -9.29 -3.79 17.10
CA PRO D 59 -9.74 -2.41 16.83
C PRO D 59 -8.98 -1.37 17.64
N ARG D 60 -8.34 -1.75 18.74
CA ARG D 60 -7.60 -0.81 19.58
C ARG D 60 -6.10 -0.86 19.29
N LEU D 61 -5.48 -2.03 19.41
CA LEU D 61 -4.06 -2.18 19.11
C LEU D 61 -3.86 -2.22 17.60
N SER D 62 -2.91 -1.42 17.11
CA SER D 62 -2.70 -1.31 15.68
C SER D 62 -2.28 -2.64 15.06
N ASN D 63 -1.38 -3.37 15.72
CA ASN D 63 -0.93 -4.65 15.20
C ASN D 63 -0.40 -5.51 16.34
N VAL D 64 -0.39 -6.82 16.10
CA VAL D 64 0.17 -7.80 17.03
C VAL D 64 1.20 -8.63 16.26
N SER D 65 2.38 -8.78 16.85
CA SER D 65 3.50 -9.42 16.17
C SER D 65 4.49 -9.91 17.22
N GLN D 66 5.72 -10.22 16.78
CA GLN D 66 6.75 -10.65 17.70
C GLN D 66 7.05 -9.61 18.78
N SER D 67 6.73 -8.35 18.52
CA SER D 67 6.93 -7.27 19.49
C SER D 67 5.59 -6.62 19.81
N GLN D 68 5.62 -5.79 20.86
CA GLN D 68 4.49 -4.96 21.31
C GLN D 68 3.17 -5.74 21.33
N ASN D 69 3.22 -6.93 21.94
CA ASN D 69 2.01 -7.73 22.13
C ASN D 69 1.47 -7.45 23.53
N ASP D 70 0.74 -6.34 23.64
CA ASP D 70 0.11 -5.94 24.88
C ASP D 70 -1.25 -6.59 25.11
N LEU D 71 -1.72 -7.41 24.17
CA LEU D 71 -3.04 -8.02 24.30
C LEU D 71 -3.05 -9.08 25.40
N MET D 72 -2.01 -9.92 25.44
CA MET D 72 -2.02 -11.08 26.33
C MET D 72 -2.15 -10.66 27.78
N THR D 73 -2.92 -11.43 28.54
CA THR D 73 -3.02 -11.22 29.97
C THR D 73 -1.71 -11.56 30.66
N ARG D 74 -1.46 -10.90 31.78
CA ARG D 74 -0.20 -11.09 32.50
C ARG D 74 -0.14 -12.48 33.13
N ASP D 75 1.08 -12.91 33.45
CA ASP D 75 1.34 -14.21 34.07
C ASP D 75 0.90 -15.36 33.19
N THR D 76 0.96 -15.17 31.86
CA THR D 76 0.65 -16.22 30.90
C THR D 76 1.70 -16.24 29.81
N ALA D 77 1.85 -17.39 29.16
CA ALA D 77 2.88 -17.59 28.16
C ALA D 77 2.34 -18.00 26.80
N GLU D 78 1.02 -18.14 26.64
CA GLU D 78 0.47 -18.56 25.36
C GLU D 78 -0.95 -17.99 25.21
N CYS D 79 -1.34 -17.75 23.96
CA CYS D 79 -2.67 -17.30 23.64
C CYS D 79 -3.04 -17.78 22.25
N LEU D 80 -4.34 -17.86 21.99
CA LEU D 80 -4.83 -18.20 20.66
C LEU D 80 -6.27 -17.76 20.52
N ALA D 81 -6.72 -17.69 19.28
CA ALA D 81 -8.10 -17.30 18.98
C ALA D 81 -8.49 -17.93 17.65
N GLU D 82 -9.60 -18.68 17.66
CA GLU D 82 -10.06 -19.40 16.48
C GLU D 82 -11.49 -19.01 16.16
N VAL D 83 -11.80 -18.93 14.87
CA VAL D 83 -13.12 -18.57 14.38
C VAL D 83 -13.55 -19.55 13.30
N GLU D 84 -14.79 -20.02 13.38
CA GLU D 84 -15.42 -20.78 12.32
C GLU D 84 -16.58 -19.98 11.77
N PHE D 85 -16.51 -19.63 10.48
CA PHE D 85 -17.53 -18.84 9.83
C PHE D 85 -17.97 -19.52 8.53
N GLU D 86 -19.15 -19.12 8.06
CA GLU D 86 -19.77 -19.72 6.89
C GLU D 86 -20.11 -18.65 5.86
N VAL D 87 -19.89 -18.98 4.59
CA VAL D 87 -20.26 -18.08 3.49
C VAL D 87 -20.61 -18.93 2.27
N LYS D 88 -21.68 -18.53 1.58
CA LYS D 88 -22.14 -19.20 0.36
C LYS D 88 -22.35 -20.70 0.60
N GLY D 89 -23.04 -21.02 1.70
CA GLY D 89 -23.38 -22.40 1.99
C GLY D 89 -22.22 -23.29 2.33
N GLU D 90 -21.03 -22.74 2.59
CA GLU D 90 -19.88 -23.53 2.96
C GLU D 90 -19.16 -22.84 4.11
N ALA D 91 -18.52 -23.64 4.96
CA ALA D 91 -17.91 -23.15 6.18
C ALA D 91 -16.39 -23.19 6.08
N TYR D 92 -15.74 -22.22 6.72
CA TYR D 92 -14.29 -22.17 6.77
C TYR D 92 -13.82 -22.05 8.22
N ARG D 93 -12.53 -21.80 8.42
CA ARG D 93 -11.98 -21.76 9.77
C ARG D 93 -10.70 -20.93 9.76
N ALA D 94 -10.66 -19.90 10.59
CA ALA D 94 -9.47 -19.06 10.74
C ALA D 94 -8.84 -19.34 12.08
N PHE D 95 -7.57 -18.96 12.24
CA PHE D 95 -6.84 -19.28 13.44
C PHE D 95 -5.72 -18.28 13.66
N TRP D 96 -5.30 -18.16 14.92
CA TRP D 96 -4.18 -17.30 15.30
C TRP D 96 -3.67 -17.77 16.66
N SER D 97 -2.35 -17.67 16.87
CA SER D 97 -1.77 -18.12 18.13
C SER D 97 -0.40 -17.46 18.29
N GLN D 98 0.10 -17.50 19.52
CA GLN D 98 1.41 -16.97 19.84
C GLN D 98 1.86 -17.52 21.19
N ASN D 99 3.16 -17.76 21.32
CA ASN D 99 3.76 -18.30 22.53
C ASN D 99 4.89 -17.40 22.98
N ARG D 100 5.42 -17.69 24.17
CA ARG D 100 6.59 -17.00 24.70
C ARG D 100 7.79 -17.95 24.70
N ALA D 101 8.92 -17.44 25.17
CA ALA D 101 10.17 -18.21 25.14
C ALA D 101 10.11 -19.35 26.14
N ARG D 102 10.23 -20.58 25.65
CA ARG D 102 10.24 -21.78 26.49
C ARG D 102 8.99 -21.89 27.36
N ASN D 103 7.87 -21.38 26.85
CA ASN D 103 6.59 -21.38 27.58
C ASN D 103 6.72 -20.73 28.95
N GLN D 104 7.53 -19.67 29.04
CA GLN D 104 7.77 -19.00 30.30
C GLN D 104 7.03 -17.67 30.35
N PRO D 105 6.69 -17.19 31.56
CA PRO D 105 6.05 -15.87 31.68
C PRO D 105 6.97 -14.72 31.31
N ASP D 106 8.24 -14.96 31.01
CA ASP D 106 9.18 -13.92 30.64
C ASP D 106 10.02 -14.40 29.47
N GLY D 107 10.59 -13.45 28.74
CA GLY D 107 11.39 -13.73 27.58
C GLY D 107 10.75 -13.21 26.30
N ASN D 108 11.51 -13.34 25.21
CA ASN D 108 11.06 -12.85 23.92
C ASN D 108 9.90 -13.70 23.39
N LEU D 109 9.27 -13.19 22.34
CA LEU D 109 8.11 -13.83 21.72
C LEU D 109 8.52 -14.54 20.43
N GLN D 110 7.68 -15.49 20.02
CA GLN D 110 7.87 -16.21 18.78
C GLN D 110 6.95 -15.66 17.69
N VAL D 111 7.28 -15.99 16.46
CA VAL D 111 6.45 -15.54 15.33
C VAL D 111 5.08 -16.19 15.42
N PRO D 112 3.98 -15.44 15.35
CA PRO D 112 2.65 -16.06 15.43
C PRO D 112 2.41 -17.02 14.27
N ARG D 113 1.71 -18.10 14.57
CA ARG D 113 1.33 -19.10 13.57
C ARG D 113 -0.15 -18.97 13.29
N VAL D 114 -0.50 -18.94 12.01
CA VAL D 114 -1.88 -18.72 11.58
C VAL D 114 -2.36 -19.94 10.80
N GLU D 115 -3.65 -19.92 10.45
CA GLU D 115 -4.25 -21.03 9.71
C GLU D 115 -5.57 -20.57 9.11
N LEU D 116 -5.80 -20.94 7.86
CA LEU D 116 -7.11 -20.80 7.23
C LEU D 116 -7.45 -22.14 6.58
N ALA D 117 -8.63 -22.68 6.91
CA ALA D 117 -8.97 -24.02 6.48
C ALA D 117 -10.47 -24.12 6.24
N ARG D 118 -10.85 -25.14 5.48
CA ARG D 118 -12.25 -25.47 5.25
C ARG D 118 -12.68 -26.56 6.21
N CYS D 119 -13.80 -26.35 6.89
CA CYS D 119 -14.24 -27.30 7.91
C CYS D 119 -14.80 -28.59 7.32
N ALA D 120 -15.23 -28.56 6.06
CA ALA D 120 -15.81 -29.76 5.46
C ALA D 120 -14.74 -30.76 5.08
N ASP D 121 -13.83 -30.38 4.18
CA ASP D 121 -12.80 -31.30 3.71
C ASP D 121 -11.69 -31.50 4.73
N GLY D 122 -11.40 -30.48 5.54
CA GLY D 122 -10.32 -30.54 6.50
C GLY D 122 -8.99 -30.01 6.01
N LYS D 123 -8.86 -29.71 4.72
CA LYS D 123 -7.62 -29.14 4.21
C LYS D 123 -7.52 -27.67 4.61
N ILE D 124 -6.29 -27.14 4.54
CA ILE D 124 -6.02 -25.75 4.87
C ILE D 124 -5.66 -25.02 3.59
N LEU D 125 -6.13 -23.78 3.47
CA LEU D 125 -5.93 -22.99 2.27
C LEU D 125 -4.87 -21.91 2.42
N ALA D 126 -4.38 -21.66 3.63
CA ALA D 126 -3.35 -20.65 3.84
C ALA D 126 -2.64 -20.93 5.15
N ASP D 127 -1.35 -20.61 5.19
CA ASP D 127 -0.55 -20.80 6.39
C ASP D 127 0.40 -19.65 6.66
N LYS D 128 0.40 -18.60 5.84
CA LYS D 128 1.25 -17.45 6.02
C LYS D 128 0.39 -16.20 6.17
N VAL D 129 0.93 -15.20 6.87
CA VAL D 129 0.16 -14.00 7.16
C VAL D 129 -0.12 -13.21 5.88
N LYS D 130 0.92 -12.98 5.07
CA LYS D 130 0.79 -12.12 3.91
C LYS D 130 -0.17 -12.68 2.85
N ASP D 131 -0.37 -14.00 2.84
CA ASP D 131 -1.31 -14.62 1.92
C ASP D 131 -2.68 -14.85 2.54
N LYS D 132 -2.73 -15.20 3.84
CA LYS D 132 -3.99 -15.41 4.51
C LYS D 132 -4.79 -14.12 4.62
N LEU D 133 -4.12 -13.00 4.93
CA LEU D 133 -4.83 -11.73 5.07
C LEU D 133 -5.45 -11.27 3.74
N GLU D 134 -4.92 -11.74 2.61
CA GLU D 134 -5.50 -11.43 1.31
C GLU D 134 -6.55 -12.46 0.91
N LEU D 135 -6.32 -13.74 1.23
CA LEU D 135 -7.29 -14.77 0.86
C LEU D 135 -8.58 -14.62 1.64
N THR D 136 -8.49 -14.26 2.93
CA THR D 136 -9.70 -14.01 3.72
C THR D 136 -10.50 -12.86 3.14
N ALA D 137 -9.81 -11.78 2.74
CA ALA D 137 -10.50 -10.64 2.13
C ALA D 137 -11.17 -11.03 0.82
N THR D 138 -10.46 -11.78 -0.03
CA THR D 138 -11.04 -12.21 -1.30
C THR D 138 -12.24 -13.13 -1.08
N LEU D 139 -12.16 -14.02 -0.09
CA LEU D 139 -13.23 -14.98 0.14
C LEU D 139 -14.47 -14.29 0.72
N THR D 140 -14.29 -13.56 1.82
CA THR D 140 -15.43 -12.93 2.49
C THR D 140 -15.96 -11.72 1.75
N GLY D 141 -15.18 -11.14 0.84
CA GLY D 141 -15.57 -9.90 0.20
C GLY D 141 -15.27 -8.65 0.99
N LEU D 142 -14.71 -8.78 2.18
CA LEU D 142 -14.40 -7.62 3.02
C LEU D 142 -13.14 -7.90 3.82
N ASP D 143 -12.19 -6.96 3.77
CA ASP D 143 -10.95 -7.04 4.54
C ASP D 143 -11.16 -6.34 5.88
N TYR D 144 -10.07 -6.03 6.59
CA TYR D 144 -10.19 -5.32 7.86
C TYR D 144 -10.81 -3.94 7.69
N GLY D 145 -10.40 -3.21 6.65
CA GLY D 145 -10.88 -1.86 6.47
C GLY D 145 -12.38 -1.79 6.28
N ARG D 146 -12.93 -2.67 5.44
CA ARG D 146 -14.37 -2.72 5.25
C ARG D 146 -15.08 -3.39 6.43
N PHE D 147 -14.40 -4.33 7.09
CA PHE D 147 -14.98 -5.04 8.23
C PHE D 147 -15.28 -4.07 9.37
N THR D 148 -14.27 -3.30 9.78
CA THR D 148 -14.35 -2.47 10.98
C THR D 148 -15.38 -1.36 10.87
N ARG D 149 -15.82 -1.02 9.65
CA ARG D 149 -16.85 0.00 9.49
C ARG D 149 -18.04 -0.49 8.68
N SER D 150 -18.16 -1.80 8.46
CA SER D 150 -19.36 -2.36 7.86
C SER D 150 -20.07 -3.38 8.73
N MET D 151 -19.37 -4.10 9.61
CA MET D 151 -20.07 -5.07 10.43
C MET D 151 -19.58 -5.10 11.88
N LEU D 152 -18.80 -4.11 12.32
CA LEU D 152 -18.39 -4.06 13.71
C LEU D 152 -18.18 -2.59 14.08
N LEU D 153 -19.21 -1.97 14.66
CA LEU D 153 -19.15 -0.57 15.08
C LEU D 153 -18.64 -0.56 16.52
N SER D 154 -17.32 -0.50 16.67
CA SER D 154 -16.71 -0.55 17.98
C SER D 154 -17.04 0.70 18.80
N GLN D 155 -16.91 0.57 20.11
CA GLN D 155 -17.24 1.67 21.01
C GLN D 155 -16.32 2.85 20.77
N GLY D 156 -16.91 4.04 20.63
CA GLY D 156 -16.18 5.24 20.35
C GLY D 156 -15.89 5.50 18.89
N GLN D 157 -16.05 4.49 18.03
CA GLN D 157 -15.82 4.63 16.60
C GLN D 157 -17.10 4.52 15.78
N PHE D 158 -18.26 4.70 16.42
CA PHE D 158 -19.53 4.56 15.69
C PHE D 158 -19.66 5.62 14.61
N ALA D 159 -19.24 6.86 14.90
CA ALA D 159 -19.30 7.95 13.95
C ALA D 159 -18.04 8.10 13.13
N ALA D 160 -17.28 7.02 12.95
CA ALA D 160 -16.03 7.10 12.20
C ALA D 160 -16.27 7.48 10.75
N PHE D 161 -17.29 6.90 10.11
CA PHE D 161 -17.54 7.15 8.70
C PHE D 161 -17.89 8.62 8.44
N LEU D 162 -18.73 9.21 9.29
CA LEU D 162 -19.17 10.58 9.06
C LEU D 162 -18.01 11.56 9.20
N ASN D 163 -17.13 11.35 10.17
CA ASN D 163 -16.02 12.26 10.43
C ASN D 163 -14.72 11.80 9.79
N ALA D 164 -14.77 10.77 8.95
CA ALA D 164 -13.57 10.31 8.26
C ALA D 164 -13.14 11.33 7.21
N LYS D 165 -11.86 11.27 6.86
CA LYS D 165 -11.33 12.17 5.84
C LYS D 165 -11.95 11.85 4.48
N PRO D 166 -12.12 12.85 3.62
CA PRO D 166 -12.68 12.58 2.29
C PRO D 166 -11.86 11.58 1.48
N LYS D 167 -10.53 11.62 1.61
CA LYS D 167 -9.70 10.64 0.91
C LYS D 167 -9.96 9.24 1.44
N GLU D 168 -10.11 9.09 2.76
CA GLU D 168 -10.42 7.79 3.33
C GLU D 168 -11.78 7.29 2.84
N ARG D 169 -12.77 8.18 2.80
CA ARG D 169 -14.09 7.77 2.35
C ARG D 169 -14.09 7.37 0.88
N ALA D 170 -13.38 8.13 0.04
CA ALA D 170 -13.28 7.77 -1.36
C ALA D 170 -12.57 6.44 -1.55
N GLU D 171 -11.50 6.22 -0.79
CA GLU D 171 -10.80 4.94 -0.85
C GLU D 171 -11.72 3.80 -0.44
N LEU D 172 -12.49 4.00 0.63
CA LEU D 172 -13.42 2.97 1.08
C LEU D 172 -14.45 2.65 0.01
N LEU D 173 -15.04 3.69 -0.59
CA LEU D 173 -16.06 3.46 -1.61
C LEU D 173 -15.49 2.73 -2.83
N GLU D 174 -14.32 3.16 -3.30
CA GLU D 174 -13.73 2.52 -4.46
C GLU D 174 -13.29 1.09 -4.16
N GLU D 175 -12.80 0.84 -2.94
CA GLU D 175 -12.39 -0.50 -2.58
C GLU D 175 -13.60 -1.43 -2.43
N LEU D 176 -14.71 -0.91 -1.90
CA LEU D 176 -15.91 -1.73 -1.76
C LEU D 176 -16.53 -2.04 -3.12
N THR D 177 -16.69 -1.02 -3.97
CA THR D 177 -17.32 -1.22 -5.27
C THR D 177 -16.54 -0.48 -6.34
N GLY D 178 -16.61 -0.99 -7.56
CA GLY D 178 -15.89 -0.40 -8.67
C GLY D 178 -14.52 -1.01 -8.87
N THR D 179 -13.86 -0.57 -9.94
CA THR D 179 -12.54 -1.04 -10.32
C THR D 179 -11.53 0.08 -10.16
N GLU D 180 -10.35 -0.25 -9.65
CA GLU D 180 -9.30 0.71 -9.32
C GLU D 180 -8.67 1.38 -10.53
N ILE D 181 -9.18 1.14 -11.75
CA ILE D 181 -8.59 1.73 -12.94
C ILE D 181 -8.57 3.25 -12.84
N TYR D 182 -9.59 3.84 -12.18
CA TYR D 182 -9.56 5.28 -11.92
C TYR D 182 -8.36 5.64 -11.06
N GLY D 183 -8.08 4.84 -10.03
CA GLY D 183 -6.93 5.10 -9.18
C GLY D 183 -5.61 4.99 -9.92
N GLN D 184 -5.46 3.96 -10.75
CA GLN D 184 -4.23 3.84 -11.52
C GLN D 184 -4.06 4.99 -12.50
N ILE D 185 -5.14 5.42 -13.16
CA ILE D 185 -5.06 6.55 -14.08
C ILE D 185 -4.62 7.80 -13.32
N SER D 186 -5.23 8.04 -12.16
CA SER D 186 -4.90 9.23 -11.38
C SER D 186 -3.45 9.19 -10.90
N ALA D 187 -2.98 8.03 -10.43
CA ALA D 187 -1.63 7.94 -9.90
C ALA D 187 -0.57 7.90 -11.00
N MET D 188 -0.95 7.59 -12.24
CA MET D 188 0.01 7.47 -13.33
C MET D 188 0.09 8.75 -14.18
N VAL D 189 -1.01 9.48 -14.32
CA VAL D 189 -0.94 10.77 -15.02
C VAL D 189 0.00 11.72 -14.28
N PHE D 190 -0.04 11.69 -12.95
CA PHE D 190 0.86 12.54 -12.18
C PHE D 190 2.31 12.12 -12.38
N GLU D 191 2.59 10.82 -12.45
CA GLU D 191 3.95 10.37 -12.71
C GLU D 191 4.44 10.82 -14.08
N GLN D 192 3.57 10.72 -15.10
CA GLN D 192 3.96 11.21 -16.42
C GLN D 192 4.22 12.70 -16.41
N HIS D 193 3.37 13.47 -15.72
CA HIS D 193 3.58 14.91 -15.63
C HIS D 193 4.89 15.23 -14.92
N LYS D 194 5.20 14.51 -13.85
CA LYS D 194 6.45 14.73 -13.14
C LYS D 194 7.64 14.40 -14.03
N SER D 195 7.56 13.31 -14.79
CA SER D 195 8.65 12.97 -15.70
C SER D 195 8.83 14.06 -16.75
N ALA D 196 7.73 14.56 -17.32
CA ALA D 196 7.81 15.61 -18.33
C ALA D 196 8.41 16.89 -17.75
N ARG D 197 8.01 17.24 -16.52
CA ARG D 197 8.54 18.44 -15.90
C ARG D 197 10.03 18.29 -15.57
N THR D 198 10.44 17.11 -15.11
CA THR D 198 11.84 16.90 -14.79
C THR D 198 12.72 16.93 -16.05
N GLU D 199 12.26 16.31 -17.13
CA GLU D 199 13.04 16.34 -18.37
C GLU D 199 13.01 17.72 -19.00
N LEU D 200 11.93 18.48 -18.79
CA LEU D 200 11.92 19.87 -19.18
C LEU D 200 12.99 20.65 -18.43
N GLU D 201 13.11 20.44 -17.13
CA GLU D 201 14.22 20.98 -16.35
C GLU D 201 15.48 20.21 -16.70
N LYS D 202 16.62 20.74 -16.23
CA LYS D 202 17.96 20.23 -16.55
C LYS D 202 18.32 20.56 -17.99
N LEU D 203 17.37 21.12 -18.73
CA LEU D 203 17.66 21.69 -20.04
C LEU D 203 17.77 23.21 -19.94
N GLN D 204 16.86 23.83 -19.19
CA GLN D 204 17.00 25.25 -18.87
C GLN D 204 18.25 25.50 -18.04
N ALA D 205 18.55 24.60 -17.10
CA ALA D 205 19.77 24.74 -16.31
C ALA D 205 21.01 24.63 -17.19
N GLN D 206 21.02 23.69 -18.14
CA GLN D 206 22.13 23.60 -19.08
C GLN D 206 22.21 24.85 -19.95
N ALA D 207 21.07 25.36 -20.40
CA ALA D 207 21.08 26.59 -21.21
C ALA D 207 21.61 27.77 -20.41
N SER D 208 21.18 27.93 -19.16
CA SER D 208 21.66 29.02 -18.32
C SER D 208 23.07 28.79 -17.80
N GLY D 209 23.53 27.54 -17.76
CA GLY D 209 24.84 27.23 -17.20
C GLY D 209 26.03 27.57 -18.09
N VAL D 210 25.81 27.78 -19.38
CA VAL D 210 26.89 28.10 -20.30
C VAL D 210 27.04 29.62 -20.35
N THR D 211 28.25 30.11 -20.08
CA THR D 211 28.51 31.54 -20.05
C THR D 211 28.57 32.08 -21.46
N LEU D 212 27.85 33.17 -21.71
CA LEU D 212 27.87 33.84 -23.01
C LEU D 212 28.42 35.26 -22.87
N LEU D 213 29.17 35.69 -23.88
CA LEU D 213 29.68 37.05 -23.89
C LEU D 213 28.57 38.02 -24.28
N THR D 214 28.49 39.13 -23.54
CA THR D 214 27.49 40.15 -23.82
C THR D 214 27.80 40.85 -25.14
N PRO D 215 26.80 41.44 -25.79
CA PRO D 215 27.05 42.12 -27.07
C PRO D 215 28.10 43.22 -26.97
N GLU D 216 28.18 43.93 -25.85
CA GLU D 216 29.21 44.95 -25.68
C GLU D 216 30.61 44.32 -25.71
N GLN D 217 30.77 43.19 -25.03
CA GLN D 217 32.06 42.50 -25.08
C GLN D 217 32.34 41.94 -26.46
N VAL D 218 31.28 41.49 -27.16
CA VAL D 218 31.45 41.02 -28.53
C VAL D 218 31.95 42.15 -29.42
N GLN D 219 31.35 43.33 -29.29
CA GLN D 219 31.85 44.50 -30.02
C GLN D 219 33.23 44.91 -29.52
N SER D 220 33.46 44.82 -28.22
CA SER D 220 34.77 45.14 -27.66
C SER D 220 35.85 44.24 -28.23
N LEU D 221 35.55 42.92 -28.32
CA LEU D 221 36.48 42.01 -28.97
C LEU D 221 36.63 42.33 -30.45
N THR D 222 35.52 42.63 -31.12
CA THR D 222 35.59 42.99 -32.53
C THR D 222 36.35 44.28 -32.75
N ALA D 223 36.12 45.27 -31.88
CA ALA D 223 36.84 46.54 -32.01
C ALA D 223 38.34 46.34 -31.82
N SER D 224 38.73 45.53 -30.84
CA SER D 224 40.15 45.27 -30.63
C SER D 224 40.75 44.51 -31.80
N LEU D 225 39.95 43.65 -32.45
CA LEU D 225 40.43 42.92 -33.61
C LEU D 225 40.81 43.87 -34.75
N GLN D 226 39.93 44.82 -35.07
CA GLN D 226 40.23 45.76 -36.15
C GLN D 226 41.31 46.75 -35.72
N VAL D 227 41.35 47.09 -34.44
CA VAL D 227 42.40 47.97 -33.92
C VAL D 227 43.76 47.31 -34.08
N LEU D 228 43.84 46.01 -33.77
CA LEU D 228 45.10 45.29 -33.95
C LEU D 228 45.34 44.97 -35.42
N THR D 229 44.31 45.08 -36.25
CA THR D 229 44.44 44.74 -37.67
C THR D 229 45.10 45.86 -38.46
N ASP D 230 44.84 47.12 -38.09
CA ASP D 230 45.30 48.23 -38.90
C ASP D 230 46.80 48.47 -38.80
N GLU D 231 47.38 48.41 -37.60
CA GLU D 231 48.78 48.81 -37.44
C GLU D 231 49.72 47.73 -37.96
N GLU D 232 49.25 46.49 -38.06
CA GLU D 232 50.09 45.44 -38.62
C GLU D 232 50.33 45.68 -40.11
N LYS D 233 49.35 46.27 -40.80
CA LYS D 233 49.58 46.76 -42.15
C LYS D 233 50.51 47.96 -42.15
N GLN D 234 50.41 48.80 -41.12
CA GLN D 234 51.26 49.97 -40.97
C GLN D 234 52.69 49.62 -40.59
N LEU D 235 52.95 48.38 -40.17
CA LEU D 235 54.30 47.96 -39.81
C LEU D 235 55.15 47.73 -41.04
N THR D 835 60.30 44.91 -35.78
CA THR D 835 59.06 44.75 -36.55
C THR D 835 58.57 43.31 -36.50
N HIS D 836 59.49 42.37 -36.73
CA HIS D 836 59.13 40.96 -36.67
C HIS D 836 58.65 40.56 -35.28
N GLN D 837 59.33 41.04 -34.24
CA GLN D 837 58.86 40.80 -32.88
C GLN D 837 57.52 41.50 -32.64
N LYS D 838 57.38 42.72 -33.17
CA LYS D 838 56.10 43.42 -33.06
C LYS D 838 55.00 42.67 -33.79
N LEU D 839 55.32 42.12 -34.96
CA LEU D 839 54.33 41.33 -35.70
C LEU D 839 53.94 40.08 -34.92
N ARG D 840 54.91 39.45 -34.25
CA ARG D 840 54.63 38.24 -33.49
C ARG D 840 53.64 38.50 -32.36
N GLU D 841 53.83 39.59 -31.62
CA GLU D 841 52.95 39.87 -30.50
C GLU D 841 51.59 40.40 -30.97
N ASN D 842 51.59 41.15 -32.08
CA ASN D 842 50.34 41.72 -32.58
C ASN D 842 49.41 40.62 -33.09
N THR D 843 49.93 39.72 -33.92
CA THR D 843 49.09 38.66 -34.46
C THR D 843 48.72 37.64 -33.38
N THR D 844 49.56 37.51 -32.36
CA THR D 844 49.23 36.64 -31.23
C THR D 844 47.96 37.11 -30.53
N SER D 845 47.84 38.42 -30.31
CA SER D 845 46.64 38.97 -29.71
C SER D 845 45.44 38.79 -30.63
N GLN D 846 45.68 38.79 -31.95
CA GLN D 846 44.59 38.55 -32.90
C GLN D 846 44.00 37.16 -32.71
N GLY D 847 44.86 36.16 -32.50
CA GLY D 847 44.36 34.80 -32.29
C GLY D 847 43.54 34.67 -31.03
N GLU D 848 43.91 35.40 -29.98
CA GLU D 848 43.16 35.34 -28.72
C GLU D 848 41.74 35.84 -28.91
N ILE D 849 41.57 36.92 -29.68
CA ILE D 849 40.23 37.44 -29.94
C ILE D 849 39.45 36.50 -30.84
N ARG D 850 40.12 35.95 -31.87
CA ARG D 850 39.43 35.10 -32.84
C ARG D 850 38.87 33.85 -32.19
N GLN D 851 39.65 33.18 -31.34
CA GLN D 851 39.15 31.99 -30.67
C GLN D 851 38.04 32.35 -29.69
N GLN D 852 38.16 33.50 -29.02
CA GLN D 852 37.10 33.94 -28.12
C GLN D 852 35.80 34.18 -28.89
N LEU D 853 35.90 34.83 -30.05
CA LEU D 853 34.72 35.01 -30.89
C LEU D 853 34.21 33.67 -31.43
N LYS D 854 35.14 32.76 -31.75
CA LYS D 854 34.74 31.46 -32.27
C LYS D 854 34.02 30.64 -31.22
N GLN D 855 34.55 30.60 -30.00
CA GLN D 855 33.91 29.81 -28.94
C GLN D 855 32.60 30.45 -28.50
N ASP D 856 32.55 31.79 -28.49
CA ASP D 856 31.31 32.48 -28.13
C ASP D 856 30.20 32.15 -29.13
N ALA D 857 30.51 32.16 -30.42
CA ALA D 857 29.53 31.80 -31.43
C ALA D 857 29.09 30.35 -31.28
N ASP D 858 30.04 29.45 -31.03
CA ASP D 858 29.70 28.06 -30.81
C ASP D 858 28.85 27.88 -29.56
N ASN D 859 29.21 28.57 -28.47
CA ASN D 859 28.40 28.53 -27.26
C ASN D 859 27.05 29.17 -27.50
N ARG D 860 27.02 30.27 -28.26
CA ARG D 860 25.75 30.90 -28.60
C ARG D 860 24.89 29.96 -29.44
N GLN D 861 25.50 29.27 -30.40
CA GLN D 861 24.75 28.38 -31.29
C GLN D 861 24.10 27.25 -30.51
N GLN D 862 24.83 26.68 -29.54
CA GLN D 862 24.26 25.61 -28.73
C GLN D 862 23.07 26.10 -27.91
N GLN D 863 23.16 27.32 -27.38
CA GLN D 863 22.07 27.88 -26.60
C GLN D 863 20.82 28.07 -27.45
N GLN D 864 20.99 28.54 -28.69
CA GLN D 864 19.85 28.67 -29.59
C GLN D 864 19.19 27.32 -29.85
N THR D 865 19.99 26.26 -29.94
CA THR D 865 19.43 24.92 -30.12
C THR D 865 18.58 24.53 -28.91
N LEU D 866 19.06 24.83 -27.71
CA LEU D 866 18.30 24.50 -26.51
C LEU D 866 17.00 25.31 -26.45
N MET D 867 17.04 26.58 -26.86
CA MET D 867 15.84 27.41 -26.83
C MET D 867 14.75 26.85 -27.74
N GLN D 868 15.12 26.39 -28.94
CA GLN D 868 14.14 25.83 -29.84
C GLN D 868 13.49 24.57 -29.25
N GLN D 869 14.30 23.71 -28.63
CA GLN D 869 13.74 22.54 -27.96
C GLN D 869 12.85 22.93 -26.79
N ILE D 870 13.28 23.91 -26.00
CA ILE D 870 12.50 24.35 -24.84
C ILE D 870 11.23 25.04 -25.30
N ALA D 871 11.31 25.88 -26.33
CA ALA D 871 10.13 26.54 -26.86
C ALA D 871 9.12 25.52 -27.38
N GLN D 872 9.60 24.49 -28.08
CA GLN D 872 8.72 23.39 -28.46
C GLN D 872 8.23 22.63 -27.24
N MET D 873 9.09 22.45 -26.24
CA MET D 873 8.71 21.68 -25.06
C MET D 873 7.70 22.43 -24.22
N THR D 874 7.72 23.77 -24.25
CA THR D 874 6.71 24.57 -23.57
C THR D 874 5.33 24.30 -24.14
N GLN D 875 5.25 23.98 -25.43
CA GLN D 875 3.98 23.54 -26.01
C GLN D 875 3.64 22.14 -25.53
N GLN D 876 4.65 21.33 -25.23
CA GLN D 876 4.39 19.99 -24.72
C GLN D 876 3.91 20.01 -23.28
N VAL D 877 4.43 20.93 -22.47
CA VAL D 877 4.17 20.86 -21.03
C VAL D 877 2.71 21.16 -20.72
N GLU D 878 2.05 21.99 -21.53
CA GLU D 878 0.63 22.27 -21.32
C GLU D 878 -0.25 21.07 -21.59
N ASP D 879 0.22 20.11 -22.40
CA ASP D 879 -0.51 18.86 -22.60
C ASP D 879 -0.75 18.15 -21.27
N TRP D 880 0.26 18.13 -20.41
CA TRP D 880 0.19 17.41 -19.15
C TRP D 880 -0.22 18.29 -17.97
N GLY D 881 0.10 19.58 -17.99
CA GLY D 881 -0.23 20.43 -16.85
C GLY D 881 -1.72 20.55 -16.63
N TYR D 882 -2.48 20.80 -17.69
CA TYR D 882 -3.93 20.90 -17.57
C TYR D 882 -4.52 19.57 -17.14
N LEU D 883 -4.01 18.47 -17.69
CA LEU D 883 -4.52 17.16 -17.31
C LEU D 883 -4.25 16.86 -15.84
N ASN D 884 -3.05 17.16 -15.37
CA ASN D 884 -2.71 16.92 -13.97
C ASN D 884 -3.47 17.84 -13.03
N SER D 885 -3.81 19.04 -13.48
CA SER D 885 -4.61 19.94 -12.65
C SER D 885 -6.05 19.45 -12.57
N LEU D 886 -6.64 19.05 -13.70
CA LEU D 886 -8.02 18.59 -13.70
C LEU D 886 -8.17 17.27 -12.94
N ILE D 887 -7.35 16.28 -13.27
CA ILE D 887 -7.41 14.97 -12.66
C ILE D 887 -6.00 14.53 -12.31
N GLY D 888 -5.91 13.41 -11.59
CA GLY D 888 -4.61 12.81 -11.32
C GLY D 888 -3.84 13.45 -10.18
N SER D 889 -3.23 12.60 -9.35
CA SER D 889 -2.40 13.03 -8.24
C SER D 889 -1.73 11.79 -7.67
N LYS D 890 -0.80 12.01 -6.75
CA LYS D 890 -0.16 10.89 -6.07
C LYS D 890 -1.18 10.12 -5.24
N GLU D 891 -1.09 8.80 -5.28
CA GLU D 891 -1.98 7.87 -4.59
C GLU D 891 -3.42 7.94 -5.09
N GLY D 892 -3.68 8.64 -6.19
CA GLY D 892 -5.00 8.67 -6.77
C GLY D 892 -6.05 9.35 -5.93
N ASP D 893 -5.96 10.66 -5.77
CA ASP D 893 -6.88 11.40 -4.91
C ASP D 893 -7.97 12.12 -5.71
N LYS D 894 -7.57 13.00 -6.63
CA LYS D 894 -8.55 13.89 -7.28
C LYS D 894 -9.53 13.11 -8.14
N PHE D 895 -9.01 12.25 -9.03
CA PHE D 895 -9.89 11.52 -9.94
C PHE D 895 -10.77 10.54 -9.19
N ARG D 896 -10.21 9.87 -8.17
CA ARG D 896 -11.00 8.95 -7.36
C ARG D 896 -12.11 9.69 -6.63
N LYS D 897 -11.80 10.85 -6.05
CA LYS D 897 -12.82 11.62 -5.34
C LYS D 897 -13.90 12.11 -6.28
N PHE D 898 -13.53 12.51 -7.50
CA PHE D 898 -14.54 12.90 -8.47
C PHE D 898 -15.41 11.72 -8.87
N ALA D 899 -14.81 10.54 -9.05
CA ALA D 899 -15.56 9.39 -9.53
C ALA D 899 -16.48 8.81 -8.46
N GLN D 900 -16.09 8.89 -7.18
CA GLN D 900 -16.89 8.26 -6.15
C GLN D 900 -18.20 8.98 -5.85
N GLY D 901 -18.41 10.17 -6.45
CA GLY D 901 -19.69 10.84 -6.25
C GLY D 901 -20.85 10.05 -6.82
N LEU D 902 -20.65 9.43 -7.98
CA LEU D 902 -21.72 8.69 -8.63
C LEU D 902 -22.14 7.45 -7.85
N THR D 903 -21.25 6.88 -7.03
CA THR D 903 -21.63 5.78 -6.16
C THR D 903 -22.03 6.23 -4.77
N LEU D 904 -21.57 7.40 -4.32
CA LEU D 904 -22.09 7.97 -3.09
C LEU D 904 -23.55 8.37 -3.25
N ASP D 905 -23.94 8.77 -4.46
CA ASP D 905 -25.36 9.04 -4.73
C ASP D 905 -26.19 7.78 -4.50
N ASN D 906 -25.74 6.64 -5.04
CA ASN D 906 -26.45 5.38 -4.81
C ASN D 906 -26.44 4.99 -3.33
N LEU D 907 -25.30 5.20 -2.66
CA LEU D 907 -25.21 4.85 -1.25
C LEU D 907 -26.17 5.67 -0.41
N VAL D 908 -26.27 6.99 -0.68
CA VAL D 908 -27.19 7.82 0.09
C VAL D 908 -28.64 7.51 -0.29
N HIS D 909 -28.89 7.12 -1.54
CA HIS D 909 -30.23 6.68 -1.92
C HIS D 909 -30.66 5.46 -1.13
N LEU D 910 -29.74 4.51 -0.95
CA LEU D 910 -30.04 3.35 -0.12
C LEU D 910 -30.17 3.73 1.35
N ALA D 911 -29.33 4.65 1.82
CA ALA D 911 -29.33 5.05 3.22
C ALA D 911 -30.63 5.73 3.61
N ASN D 912 -31.17 6.57 2.71
CA ASN D 912 -32.45 7.23 3.01
C ASN D 912 -33.56 6.20 3.18
N GLN D 913 -33.63 5.22 2.27
CA GLN D 913 -34.66 4.19 2.38
C GLN D 913 -34.50 3.37 3.65
N GLN D 914 -33.24 3.06 4.02
CA GLN D 914 -33.02 2.32 5.26
C GLN D 914 -33.41 3.14 6.47
N LEU D 915 -33.09 4.43 6.47
CA LEU D 915 -33.30 5.28 7.65
C LEU D 915 -34.76 5.68 7.84
N THR D 916 -35.55 5.71 6.75
CA THR D 916 -36.95 6.11 6.89
C THR D 916 -37.70 5.23 7.87
N ARG D 917 -37.46 3.93 7.87
CA ARG D 917 -38.09 3.03 8.82
C ARG D 917 -37.39 2.99 10.17
N LEU D 918 -36.20 3.58 10.27
CA LEU D 918 -35.44 3.58 11.51
C LEU D 918 -35.59 4.90 12.26
N HIS D 919 -35.51 6.02 11.55
CA HIS D 919 -35.71 7.33 12.16
C HIS D 919 -36.14 8.28 11.05
N GLY D 920 -37.40 8.66 11.04
CA GLY D 920 -37.96 9.46 9.98
C GLY D 920 -37.74 10.95 10.06
N ARG D 921 -37.03 11.42 11.09
CA ARG D 921 -36.81 12.86 11.23
C ARG D 921 -35.80 13.40 10.24
N TYR D 922 -34.96 12.55 9.65
CA TYR D 922 -33.85 13.00 8.82
C TYR D 922 -33.75 12.18 7.55
N LEU D 923 -33.44 12.86 6.45
CA LEU D 923 -33.16 12.22 5.16
C LEU D 923 -31.80 12.71 4.68
N LEU D 924 -30.85 11.79 4.53
CA LEU D 924 -29.52 12.17 4.09
C LEU D 924 -29.53 12.59 2.62
N GLN D 925 -28.55 13.41 2.25
CA GLN D 925 -28.45 13.91 0.89
C GLN D 925 -26.98 14.12 0.55
N ARG D 926 -26.69 14.13 -0.75
CA ARG D 926 -25.33 14.37 -1.24
C ARG D 926 -25.24 15.83 -1.66
N LYS D 927 -24.60 16.65 -0.83
CA LYS D 927 -24.45 18.06 -1.14
C LYS D 927 -23.39 18.27 -2.21
N ALA D 928 -23.53 19.38 -2.94
CA ALA D 928 -22.61 19.74 -4.01
C ALA D 928 -21.31 20.26 -3.39
N SER D 929 -20.43 19.33 -3.03
CA SER D 929 -19.14 19.63 -2.44
C SER D 929 -18.05 18.91 -3.20
N GLU D 930 -16.91 19.58 -3.37
CA GLU D 930 -15.77 18.96 -4.04
C GLU D 930 -15.29 17.73 -3.27
N ALA D 931 -15.19 17.85 -1.94
CA ALA D 931 -14.92 16.70 -1.08
C ALA D 931 -16.26 16.08 -0.72
N LEU D 932 -16.50 14.87 -1.20
CA LEU D 932 -17.81 14.25 -1.06
C LEU D 932 -18.19 14.06 0.41
N GLU D 933 -19.41 14.47 0.74
CA GLU D 933 -19.93 14.40 2.10
C GLU D 933 -21.43 14.18 2.03
N VAL D 934 -21.97 13.62 3.11
CA VAL D 934 -23.41 13.44 3.23
C VAL D 934 -24.01 14.67 3.91
N GLU D 935 -25.19 15.07 3.46
CA GLU D 935 -25.84 16.29 3.93
C GLU D 935 -27.20 15.93 4.51
N VAL D 936 -27.50 16.49 5.67
CA VAL D 936 -28.71 16.13 6.41
C VAL D 936 -29.83 17.10 6.04
N VAL D 937 -30.98 16.53 5.68
CA VAL D 937 -32.19 17.30 5.39
C VAL D 937 -33.20 17.02 6.48
N ASP D 938 -33.75 18.09 7.06
CA ASP D 938 -34.67 17.99 8.19
C ASP D 938 -36.11 18.03 7.67
N THR D 939 -36.87 16.97 7.94
CA THR D 939 -38.26 16.92 7.50
C THR D 939 -39.15 17.82 8.35
N TRP D 940 -38.95 17.81 9.66
CA TRP D 940 -39.80 18.60 10.55
C TRP D 940 -39.59 20.10 10.35
N GLN D 941 -38.36 20.52 10.08
CA GLN D 941 -38.02 21.92 9.91
C GLN D 941 -38.27 22.43 8.49
N ALA D 942 -39.14 21.78 7.73
CA ALA D 942 -39.48 22.18 6.37
C ALA D 942 -38.25 22.20 5.46
N ASP D 943 -37.68 21.01 5.28
CA ASP D 943 -36.54 20.80 4.39
C ASP D 943 -35.35 21.68 4.75
N ALA D 944 -35.09 21.81 6.05
CA ALA D 944 -33.90 22.51 6.51
C ALA D 944 -32.66 21.69 6.16
N VAL D 945 -31.62 22.38 5.72
CA VAL D 945 -30.38 21.75 5.27
C VAL D 945 -29.24 22.26 6.14
N ARG D 946 -28.45 21.33 6.68
CA ARG D 946 -27.35 21.71 7.56
C ARG D 946 -26.31 20.58 7.55
N ASP D 947 -25.10 20.93 7.98
CA ASP D 947 -23.98 20.00 7.94
C ASP D 947 -24.16 18.88 8.97
N THR D 948 -23.53 17.74 8.67
CA THR D 948 -23.60 16.58 9.57
C THR D 948 -22.86 16.82 10.88
N ARG D 949 -21.83 17.69 10.88
CA ARG D 949 -21.03 17.89 12.08
C ARG D 949 -21.84 18.49 13.23
N THR D 950 -22.90 19.23 12.93
CA THR D 950 -23.71 19.86 13.98
C THR D 950 -24.94 19.00 14.30
N LEU D 951 -24.67 17.79 14.78
CA LEU D 951 -25.72 16.87 15.20
C LEU D 951 -25.43 16.33 16.59
N SER D 952 -26.49 15.97 17.30
CA SER D 952 -26.34 15.41 18.64
C SER D 952 -25.76 14.00 18.57
N GLY D 953 -25.34 13.49 19.72
CA GLY D 953 -24.70 12.18 19.74
C GLY D 953 -25.61 11.06 19.27
N GLY D 954 -26.84 11.03 19.78
CA GLY D 954 -27.74 9.95 19.41
C GLY D 954 -28.13 9.97 17.94
N GLU D 955 -28.50 11.15 17.43
CA GLU D 955 -28.88 11.25 16.02
C GLU D 955 -27.67 11.00 15.11
N SER D 956 -26.48 11.45 15.52
CA SER D 956 -25.29 11.13 14.73
C SER D 956 -25.02 9.63 14.72
N PHE D 957 -25.22 8.97 15.85
CA PHE D 957 -25.09 7.51 15.90
C PHE D 957 -26.07 6.85 14.95
N LEU D 958 -27.32 7.34 14.93
CA LEU D 958 -28.32 6.77 14.04
C LEU D 958 -27.93 6.96 12.58
N VAL D 959 -27.45 8.15 12.22
CA VAL D 959 -27.04 8.41 10.85
C VAL D 959 -25.87 7.51 10.46
N SER D 960 -24.89 7.39 11.35
CA SER D 960 -23.73 6.53 11.07
C SER D 960 -24.14 5.08 10.92
N LEU D 961 -25.04 4.60 11.78
CA LEU D 961 -25.51 3.22 11.68
C LEU D 961 -26.27 2.99 10.38
N ALA D 962 -27.12 3.93 9.98
CA ALA D 962 -27.83 3.79 8.72
C ALA D 962 -26.87 3.77 7.54
N LEU D 963 -25.85 4.65 7.56
CA LEU D 963 -24.88 4.67 6.47
C LEU D 963 -24.08 3.37 6.41
N ALA D 964 -23.66 2.85 7.58
CA ALA D 964 -22.93 1.60 7.60
C ALA D 964 -23.79 0.45 7.10
N LEU D 965 -25.07 0.42 7.48
CA LEU D 965 -25.96 -0.63 7.02
C LEU D 965 -26.15 -0.57 5.52
N ALA D 966 -26.33 0.64 4.97
CA ALA D 966 -26.47 0.79 3.53
C ALA D 966 -25.20 0.37 2.80
N LEU D 967 -24.04 0.71 3.37
CA LEU D 967 -22.78 0.27 2.80
C LEU D 967 -22.67 -1.25 2.78
N SER D 968 -23.09 -1.89 3.87
CA SER D 968 -23.08 -3.35 3.92
C SER D 968 -24.03 -3.95 2.87
N ASP D 969 -25.20 -3.34 2.71
CA ASP D 969 -26.19 -3.85 1.76
C ASP D 969 -25.90 -3.44 0.32
N LEU D 970 -24.90 -2.60 0.08
CA LEU D 970 -24.57 -2.21 -1.29
C LEU D 970 -23.85 -3.33 -2.04
N VAL D 971 -23.09 -4.16 -1.33
CA VAL D 971 -22.31 -5.23 -1.93
C VAL D 971 -23.12 -6.52 -1.85
N SER D 972 -24.41 -6.39 -1.56
CA SER D 972 -25.25 -7.56 -1.31
C SER D 972 -25.33 -8.46 -2.54
N HIS D 973 -25.45 -7.85 -3.73
CA HIS D 973 -25.61 -8.66 -4.94
C HIS D 973 -24.40 -9.54 -5.21
N LYS D 974 -23.20 -9.10 -4.80
CA LYS D 974 -22.02 -9.93 -4.97
C LYS D 974 -21.90 -10.95 -3.84
N THR D 975 -21.79 -10.48 -2.60
CA THR D 975 -21.70 -11.34 -1.43
C THR D 975 -22.65 -10.83 -0.36
N ARG D 976 -23.20 -11.76 0.40
CA ARG D 976 -24.17 -11.45 1.45
C ARG D 976 -23.50 -11.45 2.80
N ILE D 977 -23.63 -10.34 3.53
CA ILE D 977 -23.09 -10.20 4.88
C ILE D 977 -24.28 -10.30 5.85
N ASP D 978 -24.22 -11.29 6.74
CA ASP D 978 -25.33 -11.59 7.64
C ASP D 978 -24.89 -11.53 9.10
N SER D 979 -24.11 -10.51 9.45
CA SER D 979 -23.68 -10.35 10.83
C SER D 979 -23.38 -8.88 11.09
N LEU D 980 -23.61 -8.47 12.34
CA LEU D 980 -23.34 -7.08 12.75
C LEU D 980 -23.28 -7.05 14.26
N PHE D 981 -22.13 -6.64 14.82
CA PHE D 981 -21.96 -6.52 16.26
C PHE D 981 -21.67 -5.06 16.59
N LEU D 982 -22.73 -4.29 16.86
CA LEU D 982 -22.59 -2.90 17.27
C LEU D 982 -22.23 -2.85 18.75
N ASP D 983 -21.21 -2.07 19.09
CA ASP D 983 -20.65 -2.01 20.42
C ASP D 983 -21.26 -0.83 21.19
N GLU D 984 -20.66 -0.50 22.34
CA GLU D 984 -21.14 0.58 23.18
C GLU D 984 -21.29 1.88 22.38
N GLY D 985 -22.22 2.71 22.82
CA GLY D 985 -22.63 3.90 22.08
C GLY D 985 -24.09 3.89 21.69
N PHE D 986 -24.77 2.74 21.75
CA PHE D 986 -26.19 2.65 21.46
C PHE D 986 -27.06 3.11 22.62
N GLY D 987 -26.52 3.18 23.83
CA GLY D 987 -27.29 3.54 25.00
C GLY D 987 -27.49 5.02 25.25
N THR D 988 -26.87 5.88 24.44
CA THR D 988 -27.03 7.32 24.63
C THR D 988 -28.43 7.81 24.29
N LEU D 989 -29.21 7.00 23.56
CA LEU D 989 -30.53 7.42 23.11
C LEU D 989 -31.50 7.50 24.28
N ASP D 990 -32.58 8.26 24.07
CA ASP D 990 -33.68 8.31 25.01
C ASP D 990 -34.51 7.03 24.93
N SER D 991 -35.27 6.77 25.99
CA SER D 991 -36.00 5.51 26.11
C SER D 991 -36.91 5.27 24.92
N GLU D 992 -37.72 6.27 24.56
CA GLU D 992 -38.61 6.11 23.41
C GLU D 992 -37.83 5.97 22.11
N THR D 993 -36.79 6.79 21.92
CA THR D 993 -35.94 6.66 20.74
C THR D 993 -35.20 5.33 20.74
N LEU D 994 -34.70 4.92 21.91
CA LEU D 994 -34.05 3.61 22.00
C LEU D 994 -35.02 2.49 21.71
N ASP D 995 -36.27 2.63 22.18
CA ASP D 995 -37.29 1.63 21.88
C ASP D 995 -37.57 1.55 20.38
N THR D 996 -37.67 2.70 19.72
CA THR D 996 -37.89 2.71 18.28
C THR D 996 -36.70 2.08 17.55
N ALA D 997 -35.48 2.38 17.98
CA ALA D 997 -34.30 1.80 17.36
C ALA D 997 -34.29 0.28 17.53
N LEU D 998 -34.64 -0.20 18.73
CA LEU D 998 -34.69 -1.64 18.96
C LEU D 998 -35.78 -2.29 18.10
N ASP D 999 -36.92 -1.64 17.96
CA ASP D 999 -37.98 -2.18 17.11
C ASP D 999 -37.54 -2.26 15.66
N ALA D 1000 -36.84 -1.22 15.19
CA ALA D 1000 -36.33 -1.25 13.81
C ALA D 1000 -35.27 -2.34 13.64
N LEU D 1001 -34.43 -2.54 14.64
CA LEU D 1001 -33.45 -3.62 14.58
C LEU D 1001 -34.14 -4.98 14.56
N ASP D 1002 -35.22 -5.12 15.33
CA ASP D 1002 -36.00 -6.37 15.30
C ASP D 1002 -36.62 -6.59 13.93
N ALA D 1003 -37.15 -5.53 13.32
CA ALA D 1003 -37.70 -5.66 11.97
C ALA D 1003 -36.63 -6.06 10.97
N LEU D 1004 -35.43 -5.49 11.11
CA LEU D 1004 -34.32 -5.91 10.27
C LEU D 1004 -33.96 -7.37 10.50
N ASN D 1005 -34.07 -7.83 11.75
CA ASN D 1005 -33.69 -9.18 12.12
C ASN D 1005 -34.60 -10.24 11.50
N ALA D 1006 -35.72 -9.84 10.91
CA ALA D 1006 -36.53 -10.78 10.15
C ALA D 1006 -35.75 -11.36 8.98
N SER D 1007 -34.75 -10.62 8.49
CA SER D 1007 -33.86 -11.12 7.46
C SER D 1007 -32.78 -12.00 8.10
N GLY D 1008 -31.74 -12.32 7.34
CA GLY D 1008 -30.70 -13.20 7.83
C GLY D 1008 -29.66 -12.58 8.74
N LYS D 1009 -29.74 -11.27 9.00
CA LYS D 1009 -28.76 -10.60 9.82
C LYS D 1009 -28.89 -11.01 11.28
N THR D 1010 -27.80 -11.51 11.87
CA THR D 1010 -27.77 -11.91 13.27
C THR D 1010 -27.13 -10.79 14.08
N ILE D 1011 -27.92 -9.76 14.36
CA ILE D 1011 -27.43 -8.58 15.05
C ILE D 1011 -27.05 -8.93 16.48
N GLY D 1012 -25.88 -8.48 16.91
CA GLY D 1012 -25.47 -8.56 18.30
C GLY D 1012 -25.25 -7.16 18.85
N VAL D 1013 -25.79 -6.89 20.02
CA VAL D 1013 -25.77 -5.55 20.61
C VAL D 1013 -25.04 -5.62 21.94
N ILE D 1014 -24.02 -4.77 22.10
CA ILE D 1014 -23.23 -4.68 23.32
C ILE D 1014 -23.45 -3.29 23.90
N SER D 1015 -24.08 -3.21 25.06
CA SER D 1015 -24.32 -1.94 25.73
C SER D 1015 -24.64 -2.21 27.20
N HIS D 1016 -25.13 -1.19 27.90
CA HIS D 1016 -25.33 -1.25 29.33
C HIS D 1016 -26.73 -0.83 29.76
N VAL D 1017 -27.67 -0.69 28.83
CA VAL D 1017 -29.01 -0.22 29.18
C VAL D 1017 -29.74 -1.33 29.94
N GLU D 1018 -30.27 -0.97 31.11
CA GLU D 1018 -31.00 -1.95 31.93
C GLU D 1018 -32.28 -2.42 31.24
N ALA D 1019 -33.05 -1.48 30.69
CA ALA D 1019 -34.28 -1.85 30.02
C ALA D 1019 -34.00 -2.73 28.80
N MET D 1020 -32.98 -2.36 28.01
CA MET D 1020 -32.64 -3.15 26.84
C MET D 1020 -32.15 -4.54 27.22
N LYS D 1021 -31.31 -4.63 28.26
CA LYS D 1021 -30.81 -5.94 28.65
C LYS D 1021 -31.92 -6.83 29.22
N GLU D 1022 -32.92 -6.22 29.89
CA GLU D 1022 -34.09 -6.99 30.29
C GLU D 1022 -34.89 -7.45 29.07
N ARG D 1023 -35.00 -6.59 28.06
CA ARG D 1023 -35.79 -6.93 26.87
C ARG D 1023 -35.12 -8.04 26.07
N ILE D 1024 -33.80 -8.02 25.97
CA ILE D 1024 -33.10 -8.99 25.11
C ILE D 1024 -33.15 -10.37 25.74
N PRO D 1025 -33.56 -11.41 25.01
CA PRO D 1025 -33.68 -12.75 25.61
C PRO D 1025 -32.34 -13.36 26.00
N VAL D 1026 -31.38 -13.37 25.08
CA VAL D 1026 -30.12 -14.07 25.27
C VAL D 1026 -29.09 -13.10 25.84
N GLN D 1027 -28.41 -13.52 26.91
CA GLN D 1027 -27.38 -12.71 27.54
C GLN D 1027 -26.17 -13.59 27.82
N ILE D 1028 -25.04 -13.25 27.22
CA ILE D 1028 -23.77 -13.95 27.50
C ILE D 1028 -23.14 -13.18 28.66
N LYS D 1029 -23.54 -13.55 29.87
CA LYS D 1029 -23.09 -12.84 31.05
C LYS D 1029 -21.62 -13.13 31.34
N VAL D 1030 -20.91 -12.11 31.81
CA VAL D 1030 -19.53 -12.24 32.26
C VAL D 1030 -19.48 -11.87 33.73
N LYS D 1031 -18.74 -12.66 34.50
CA LYS D 1031 -18.65 -12.49 35.95
C LYS D 1031 -17.26 -12.00 36.31
N LYS D 1032 -17.19 -10.83 36.93
CA LYS D 1032 -15.91 -10.29 37.39
C LYS D 1032 -15.46 -11.00 38.66
N ILE D 1033 -14.15 -11.14 38.81
CA ILE D 1033 -13.56 -11.80 39.96
C ILE D 1033 -13.50 -10.82 41.12
N ASN D 1034 -13.26 -11.33 42.33
CA ASN D 1034 -13.27 -10.50 43.53
C ASN D 1034 -11.97 -9.74 43.80
N GLY D 1035 -11.46 -9.07 42.78
CA GLY D 1035 -10.27 -8.24 42.93
C GLY D 1035 -8.99 -8.84 42.39
N LEU D 1036 -9.02 -10.10 41.95
CA LEU D 1036 -7.83 -10.70 41.35
C LEU D 1036 -7.49 -10.08 39.99
N GLY D 1037 -8.46 -9.43 39.35
CA GLY D 1037 -8.23 -8.77 38.07
C GLY D 1037 -8.72 -9.53 36.86
N TYR D 1038 -9.09 -10.79 37.01
CA TYR D 1038 -9.51 -11.60 35.87
C TYR D 1038 -11.03 -11.60 35.75
N SER D 1039 -11.52 -12.28 34.71
CA SER D 1039 -12.96 -12.38 34.45
C SER D 1039 -13.29 -13.78 33.98
N LYS D 1040 -14.54 -14.17 34.16
CA LYS D 1040 -14.99 -15.52 33.81
C LYS D 1040 -16.31 -15.44 33.06
N LEU D 1041 -16.57 -16.49 32.29
CA LEU D 1041 -17.83 -16.67 31.59
C LEU D 1041 -18.70 -17.66 32.35
N GLU D 1042 -19.83 -18.03 31.76
CA GLU D 1042 -20.67 -19.06 32.34
C GLU D 1042 -20.00 -20.42 32.26
N SER D 1043 -20.41 -21.32 33.15
CA SER D 1043 -19.82 -22.65 33.19
C SER D 1043 -20.16 -23.50 31.96
N THR D 1044 -21.12 -23.09 31.15
CA THR D 1044 -21.45 -23.80 29.93
C THR D 1044 -20.52 -23.45 28.77
N PHE D 1045 -19.71 -22.40 28.91
CA PHE D 1045 -18.79 -21.99 27.85
C PHE D 1045 -17.35 -22.39 28.12
N ALA D 1046 -16.93 -22.41 29.38
CA ALA D 1046 -15.57 -22.78 29.72
C ALA D 1046 -15.30 -24.24 29.35
N VAL D 1047 -14.06 -24.50 28.93
CA VAL D 1047 -13.67 -25.86 28.55
C VAL D 1047 -12.15 -26.02 28.70
N MET E 1 -12.31 31.28 37.91
CA MET E 1 -12.73 31.06 36.54
C MET E 1 -14.18 30.55 36.53
N LYS E 2 -14.75 30.44 37.73
CA LYS E 2 -16.13 29.99 37.86
C LYS E 2 -17.08 30.91 37.10
N ILE E 3 -18.00 30.31 36.35
CA ILE E 3 -18.94 31.07 35.54
C ILE E 3 -20.03 31.63 36.45
N LEU E 4 -20.37 32.90 36.22
CA LEU E 4 -21.39 33.58 37.02
C LEU E 4 -22.75 33.61 36.35
N SER E 5 -22.80 33.75 35.03
CA SER E 5 -24.08 33.85 34.34
C SER E 5 -23.92 33.35 32.91
N LEU E 6 -25.05 33.05 32.29
CA LEU E 6 -25.10 32.63 30.89
C LEU E 6 -26.26 33.34 30.22
N ARG E 7 -26.10 33.65 28.94
CA ARG E 7 -27.15 34.28 28.16
C ARG E 7 -26.96 33.90 26.70
N LEU E 8 -28.01 33.35 26.10
CA LEU E 8 -27.94 32.89 24.72
C LEU E 8 -29.19 33.33 23.98
N LYS E 9 -29.18 33.14 22.67
CA LYS E 9 -30.31 33.53 21.82
C LYS E 9 -30.18 32.81 20.49
N ASN E 10 -31.21 32.03 20.13
CA ASN E 10 -31.30 31.37 18.83
C ASN E 10 -30.09 30.47 18.57
N LEU E 11 -29.69 29.70 19.59
CA LEU E 11 -28.56 28.75 19.41
C LEU E 11 -29.11 27.31 19.29
N ASN E 12 -28.92 26.68 18.12
CA ASN E 12 -29.35 25.27 17.92
C ASN E 12 -30.86 25.11 18.19
N SER E 13 -31.22 24.09 18.97
CA SER E 13 -32.66 23.83 19.26
C SER E 13 -33.28 25.00 20.04
N LEU E 14 -32.53 25.58 20.99
CA LEU E 14 -33.07 26.67 21.84
C LEU E 14 -33.40 27.90 20.99
N LYS E 15 -34.46 28.65 21.37
CA LYS E 15 -34.89 29.82 20.61
C LYS E 15 -35.46 30.86 21.57
N GLY E 16 -34.67 31.89 21.86
CA GLY E 16 -35.18 33.08 22.50
C GLY E 16 -34.75 33.37 23.92
N GLU E 17 -33.75 34.25 24.05
CA GLU E 17 -33.42 34.95 25.30
C GLU E 17 -33.48 34.06 26.54
N TRP E 18 -32.71 32.97 26.52
CA TRP E 18 -32.60 32.10 27.68
C TRP E 18 -31.38 32.53 28.50
N LYS E 19 -31.63 33.04 29.71
CA LYS E 19 -30.57 33.52 30.58
C LYS E 19 -30.59 32.72 31.88
N ILE E 20 -29.43 32.19 32.27
CA ILE E 20 -29.27 31.52 33.56
C ILE E 20 -28.06 32.12 34.25
N ASP E 21 -28.17 32.32 35.56
CA ASP E 21 -27.09 32.85 36.37
C ASP E 21 -26.94 32.00 37.62
N PHE E 22 -25.69 31.67 37.95
CA PHE E 22 -25.39 30.81 39.09
C PHE E 22 -25.30 31.59 40.40
N THR E 23 -25.47 32.91 40.37
CA THR E 23 -25.49 33.68 41.60
C THR E 23 -26.76 33.43 42.42
N ARG E 24 -27.82 32.93 41.78
CA ARG E 24 -29.06 32.67 42.47
C ARG E 24 -28.88 31.57 43.51
N GLU E 25 -29.91 31.42 44.36
CA GLU E 25 -29.83 30.46 45.47
C GLU E 25 -29.64 29.01 45.02
N PRO E 26 -30.41 28.48 44.06
CA PRO E 26 -30.27 27.04 43.74
C PRO E 26 -28.87 26.65 43.28
N PHE E 27 -28.18 27.51 42.56
CA PHE E 27 -26.84 27.20 42.10
C PHE E 27 -25.76 27.63 43.08
N ALA E 28 -26.01 28.68 43.87
CA ALA E 28 -25.04 29.13 44.87
C ALA E 28 -25.10 28.31 46.15
N SER E 29 -26.09 27.43 46.29
CA SER E 29 -26.16 26.60 47.50
C SER E 29 -24.94 25.71 47.63
N ASN E 30 -24.61 24.97 46.58
CA ASN E 30 -23.46 24.07 46.59
C ASN E 30 -22.56 24.19 45.37
N GLY E 31 -23.06 24.69 44.24
CA GLY E 31 -22.28 24.80 43.04
C GLY E 31 -22.26 23.58 42.15
N LEU E 32 -22.88 22.48 42.58
CA LEU E 32 -22.96 21.26 41.79
C LEU E 32 -24.38 21.06 41.31
N PHE E 33 -24.52 20.69 40.04
CA PHE E 33 -25.84 20.51 39.44
C PHE E 33 -25.72 19.52 38.29
N ALA E 34 -26.86 19.20 37.68
CA ALA E 34 -26.91 18.30 36.55
C ALA E 34 -27.93 18.82 35.55
N ILE E 35 -27.80 18.35 34.31
CA ILE E 35 -28.68 18.73 33.21
C ILE E 35 -29.17 17.47 32.53
N THR E 36 -30.45 17.45 32.16
CA THR E 36 -31.05 16.28 31.56
C THR E 36 -32.10 16.71 30.54
N GLY E 37 -32.57 15.74 29.77
CA GLY E 37 -33.56 15.98 28.75
C GLY E 37 -33.42 15.01 27.59
N PRO E 38 -34.32 15.11 26.61
CA PRO E 38 -34.23 14.25 25.43
C PRO E 38 -33.00 14.58 24.60
N THR E 39 -32.55 13.58 23.84
CA THR E 39 -31.41 13.78 22.95
C THR E 39 -31.74 14.83 21.90
N GLY E 40 -30.81 15.77 21.70
CA GLY E 40 -31.04 16.87 20.78
C GLY E 40 -31.81 18.04 21.34
N ALA E 41 -32.17 18.01 22.62
CA ALA E 41 -32.95 19.11 23.19
C ALA E 41 -32.11 20.36 23.38
N GLY E 42 -30.80 20.21 23.59
CA GLY E 42 -29.95 21.37 23.79
C GLY E 42 -29.05 21.24 25.00
N LYS E 43 -28.92 20.02 25.54
CA LYS E 43 -28.05 19.81 26.70
C LYS E 43 -26.61 20.19 26.39
N THR E 44 -26.11 19.76 25.23
CA THR E 44 -24.76 20.14 24.83
C THR E 44 -24.73 21.60 24.37
N THR E 45 -25.85 22.12 23.86
CA THR E 45 -25.88 23.49 23.35
C THR E 45 -25.71 24.50 24.47
N LEU E 46 -26.42 24.31 25.58
CA LEU E 46 -26.33 25.26 26.69
C LEU E 46 -25.00 25.19 27.41
N LEU E 47 -24.17 24.18 27.13
CA LEU E 47 -22.80 24.13 27.62
C LEU E 47 -21.79 24.60 26.59
N ASP E 48 -22.11 24.48 25.31
CA ASP E 48 -21.27 25.02 24.25
C ASP E 48 -21.45 26.53 24.07
N ALA E 49 -22.52 27.10 24.64
CA ALA E 49 -22.72 28.54 24.54
C ALA E 49 -21.57 29.30 25.20
N ILE E 50 -21.13 28.85 26.39
CA ILE E 50 -20.01 29.52 27.05
C ILE E 50 -18.73 29.34 26.25
N CYS E 51 -18.53 28.17 25.66
CA CYS E 51 -17.35 27.94 24.83
C CYS E 51 -17.34 28.89 23.63
N LEU E 52 -18.49 29.08 23.00
CA LEU E 52 -18.58 30.04 21.91
C LEU E 52 -18.28 31.45 22.39
N ALA E 53 -18.88 31.85 23.51
CA ALA E 53 -18.68 33.21 24.01
C ALA E 53 -17.23 33.45 24.40
N LEU E 54 -16.51 32.40 24.78
CA LEU E 54 -15.12 32.58 25.21
C LEU E 54 -14.11 32.49 24.07
N TYR E 55 -14.29 31.55 23.13
CA TYR E 55 -13.27 31.28 22.14
C TYR E 55 -13.76 31.20 20.70
N HIS E 56 -14.98 31.65 20.40
CA HIS E 56 -15.46 31.84 19.03
C HIS E 56 -15.38 30.55 18.22
N GLU E 57 -15.61 29.43 18.89
CA GLU E 57 -15.48 28.12 18.25
C GLU E 57 -16.16 27.08 19.12
N THR E 58 -16.64 26.01 18.49
CA THR E 58 -17.34 24.92 19.14
C THR E 58 -16.63 23.60 18.88
N PRO E 59 -16.80 22.62 19.77
CA PRO E 59 -16.21 21.29 19.52
C PRO E 59 -16.74 20.61 18.27
N ARG E 60 -17.91 20.99 17.78
CA ARG E 60 -18.50 20.36 16.61
C ARG E 60 -18.30 21.14 15.32
N LEU E 61 -17.98 22.43 15.41
CA LEU E 61 -17.78 23.28 14.25
C LEU E 61 -16.37 23.84 14.26
N SER E 62 -15.67 23.72 13.13
CA SER E 62 -14.29 24.19 13.07
C SER E 62 -14.20 25.69 13.31
N ASN E 63 -15.11 26.47 12.72
CA ASN E 63 -15.09 27.91 12.88
C ASN E 63 -16.45 28.51 12.54
N VAL E 64 -16.68 29.71 13.07
CA VAL E 64 -17.86 30.51 12.73
C VAL E 64 -17.37 31.90 12.32
N SER E 65 -17.85 32.36 11.17
CA SER E 65 -17.35 33.61 10.60
C SER E 65 -18.41 34.16 9.65
N GLN E 66 -18.02 35.10 8.80
CA GLN E 66 -18.94 35.70 7.84
C GLN E 66 -19.50 34.68 6.86
N SER E 67 -18.87 33.51 6.74
CA SER E 67 -19.33 32.46 5.86
C SER E 67 -19.60 31.19 6.67
N GLN E 68 -20.26 30.23 6.01
CA GLN E 68 -20.51 28.87 6.52
C GLN E 68 -21.03 28.88 7.96
N ASN E 69 -21.75 29.93 8.35
CA ASN E 69 -22.33 29.99 9.68
C ASN E 69 -23.65 29.25 9.71
N ASP E 70 -23.76 28.26 10.61
CA ASP E 70 -24.97 27.45 10.69
C ASP E 70 -25.39 27.14 12.12
N LEU E 71 -24.72 27.71 13.13
CA LEU E 71 -25.07 27.40 14.50
C LEU E 71 -26.38 28.04 14.94
N MET E 72 -26.82 29.10 14.26
CA MET E 72 -28.09 29.71 14.60
C MET E 72 -29.24 28.76 14.28
N THR E 73 -30.33 28.93 15.02
CA THR E 73 -31.54 28.17 14.74
C THR E 73 -32.06 28.50 13.35
N ARG E 74 -32.59 27.49 12.67
CA ARG E 74 -33.07 27.70 11.31
C ARG E 74 -34.18 28.74 11.27
N ASP E 75 -34.10 29.64 10.28
CA ASP E 75 -35.07 30.70 10.07
C ASP E 75 -35.18 31.62 11.30
N THR E 76 -34.08 32.30 11.60
CA THR E 76 -34.05 33.33 12.62
C THR E 76 -33.15 34.47 12.14
N ALA E 77 -33.22 35.60 12.84
CA ALA E 77 -32.51 36.79 12.43
C ALA E 77 -31.15 36.92 13.12
N GLU E 78 -31.14 37.00 14.45
CA GLU E 78 -29.93 37.28 15.20
C GLU E 78 -29.70 36.21 16.25
N CYS E 79 -28.44 35.79 16.39
CA CYS E 79 -28.04 34.85 17.43
C CYS E 79 -26.89 35.47 18.21
N LEU E 80 -26.98 35.41 19.54
CA LEU E 80 -25.94 35.97 20.38
C LEU E 80 -25.77 35.10 21.62
N ALA E 81 -24.56 35.10 22.16
CA ALA E 81 -24.22 34.38 23.38
C ALA E 81 -23.33 35.26 24.24
N GLU E 82 -23.80 35.59 25.43
CA GLU E 82 -23.07 36.45 26.35
C GLU E 82 -22.94 35.76 27.70
N VAL E 83 -21.73 35.79 28.26
CA VAL E 83 -21.44 35.16 29.54
C VAL E 83 -20.68 36.13 30.41
N GLU E 84 -20.75 35.90 31.72
CA GLU E 84 -20.00 36.66 32.71
C GLU E 84 -19.21 35.69 33.58
N PHE E 85 -17.91 35.96 33.74
CA PHE E 85 -17.03 35.08 34.49
C PHE E 85 -16.17 35.92 35.43
N GLU E 86 -15.73 35.29 36.52
CA GLU E 86 -14.89 36.01 37.52
C GLU E 86 -13.49 35.41 37.55
N VAL E 87 -12.49 36.18 37.15
CA VAL E 87 -11.08 35.69 37.26
C VAL E 87 -10.45 36.45 38.44
N LYS E 88 -9.75 35.76 39.32
CA LYS E 88 -9.22 36.40 40.56
C LYS E 88 -10.40 36.97 41.35
N GLY E 89 -10.34 38.24 41.75
CA GLY E 89 -11.40 38.84 42.58
C GLY E 89 -12.38 39.69 41.79
N GLU E 90 -12.27 39.73 40.45
CA GLU E 90 -13.13 40.65 39.66
C GLU E 90 -13.88 39.88 38.55
N ALA E 91 -15.13 40.26 38.28
CA ALA E 91 -15.90 39.60 37.23
C ALA E 91 -15.85 40.42 35.94
N TYR E 92 -15.82 39.71 34.82
CA TYR E 92 -15.77 40.30 33.49
C TYR E 92 -17.02 39.90 32.70
N ARG E 93 -17.05 40.31 31.43
CA ARG E 93 -18.16 39.98 30.55
C ARG E 93 -17.62 39.76 29.14
N ALA E 94 -18.08 38.69 28.49
CA ALA E 94 -17.73 38.37 27.12
C ALA E 94 -19.00 38.33 26.27
N PHE E 95 -18.94 38.87 25.06
CA PHE E 95 -20.11 39.03 24.22
C PHE E 95 -19.80 38.62 22.80
N TRP E 96 -20.77 37.94 22.17
CA TRP E 96 -20.70 37.57 20.76
C TRP E 96 -22.11 37.68 20.17
N SER E 97 -22.18 38.13 18.92
CA SER E 97 -23.46 38.26 18.24
C SER E 97 -23.25 38.18 16.74
N GLN E 98 -24.34 37.88 16.04
CA GLN E 98 -24.30 37.73 14.59
C GLN E 98 -25.68 38.06 14.03
N ASN E 99 -25.70 38.74 12.89
CA ASN E 99 -26.94 39.19 12.27
C ASN E 99 -26.98 38.74 10.82
N ARG E 100 -28.18 38.63 10.29
CA ARG E 100 -28.39 38.24 8.91
C ARG E 100 -28.23 39.47 8.01
N ALA E 101 -28.63 39.33 6.75
CA ALA E 101 -28.49 40.44 5.80
C ALA E 101 -29.32 41.64 6.23
N ARG E 102 -30.62 41.43 6.49
CA ARG E 102 -31.49 42.51 6.92
C ARG E 102 -32.47 42.03 8.00
N ASN E 103 -32.02 41.11 8.86
CA ASN E 103 -32.84 40.41 9.86
C ASN E 103 -33.88 39.50 9.21
N GLN E 104 -33.80 39.30 7.90
CA GLN E 104 -34.68 38.38 7.21
C GLN E 104 -34.26 36.93 7.47
N PRO E 105 -35.16 35.97 7.29
CA PRO E 105 -34.79 34.56 7.47
C PRO E 105 -33.79 34.05 6.44
N ASP E 106 -33.41 34.86 5.45
CA ASP E 106 -32.42 34.46 4.46
C ASP E 106 -31.66 35.69 4.00
N GLY E 107 -30.46 35.45 3.46
CA GLY E 107 -29.60 36.50 2.95
C GLY E 107 -28.18 36.26 3.36
N ASN E 108 -27.34 37.27 3.09
CA ASN E 108 -25.92 37.18 3.41
C ASN E 108 -25.70 37.25 4.93
N LEU E 109 -24.58 36.68 5.36
CA LEU E 109 -24.16 36.74 6.75
C LEU E 109 -23.22 37.91 6.94
N GLN E 110 -23.39 38.62 8.05
CA GLN E 110 -22.57 39.78 8.36
C GLN E 110 -21.41 39.40 9.27
N VAL E 111 -20.47 40.32 9.40
CA VAL E 111 -19.28 40.07 10.23
C VAL E 111 -19.71 39.95 11.69
N PRO E 112 -19.09 39.07 12.47
CA PRO E 112 -19.47 38.94 13.88
C PRO E 112 -19.07 40.17 14.69
N ARG E 113 -19.81 40.41 15.76
CA ARG E 113 -19.53 41.50 16.68
C ARG E 113 -19.13 40.91 18.02
N VAL E 114 -17.97 41.32 18.53
CA VAL E 114 -17.41 40.78 19.77
C VAL E 114 -17.06 41.94 20.69
N GLU E 115 -17.36 41.78 21.98
CA GLU E 115 -17.02 42.77 22.99
C GLU E 115 -16.67 42.05 24.29
N LEU E 116 -15.48 42.34 24.81
CA LEU E 116 -15.04 41.85 26.11
C LEU E 116 -14.89 43.05 27.03
N ALA E 117 -15.60 43.03 28.15
CA ALA E 117 -15.64 44.17 29.05
C ALA E 117 -15.73 43.71 30.49
N ARG E 118 -15.35 44.60 31.40
CA ARG E 118 -15.45 44.35 32.82
C ARG E 118 -16.86 44.65 33.31
N CYS E 119 -17.40 43.75 34.13
CA CYS E 119 -18.74 43.93 34.66
C CYS E 119 -18.79 45.10 35.63
N ALA E 120 -19.81 45.94 35.48
CA ALA E 120 -20.04 47.11 36.34
C ALA E 120 -18.83 48.04 36.35
N ASP E 121 -18.14 48.17 35.22
CA ASP E 121 -17.02 49.08 35.11
C ASP E 121 -17.13 49.94 33.87
N GLY E 122 -17.79 49.43 32.84
CA GLY E 122 -17.97 50.17 31.60
C GLY E 122 -16.77 50.23 30.70
N LYS E 123 -15.70 49.50 31.02
CA LYS E 123 -14.47 49.53 30.22
C LYS E 123 -14.51 48.43 29.17
N ILE E 124 -14.52 48.83 27.90
CA ILE E 124 -14.47 47.88 26.80
C ILE E 124 -13.01 47.49 26.60
N LEU E 125 -12.62 46.35 27.17
CA LEU E 125 -11.22 45.93 27.12
C LEU E 125 -10.78 45.58 25.70
N ALA E 126 -11.71 45.14 24.85
CA ALA E 126 -11.37 44.79 23.48
C ALA E 126 -12.59 44.95 22.59
N ASP E 127 -12.35 45.26 21.32
CA ASP E 127 -13.42 45.47 20.36
C ASP E 127 -13.23 44.69 19.06
N LYS E 128 -12.09 44.03 18.86
CA LYS E 128 -11.84 43.24 17.68
C LYS E 128 -11.59 41.78 18.08
N VAL E 129 -11.76 40.89 17.10
CA VAL E 129 -11.74 39.46 17.39
C VAL E 129 -10.37 39.02 17.90
N LYS E 130 -9.32 39.36 17.17
CA LYS E 130 -7.98 38.89 17.53
C LYS E 130 -7.51 39.50 18.84
N ASP E 131 -7.76 40.80 19.04
CA ASP E 131 -7.38 41.44 20.28
C ASP E 131 -8.16 40.86 21.45
N LYS E 132 -9.45 40.57 21.25
CA LYS E 132 -10.24 39.93 22.29
C LYS E 132 -9.69 38.56 22.64
N LEU E 133 -9.32 37.78 21.63
CA LEU E 133 -8.74 36.46 21.90
C LEU E 133 -7.45 36.58 22.70
N GLU E 134 -6.57 37.50 22.31
CA GLU E 134 -5.31 37.65 23.01
C GLU E 134 -5.54 38.08 24.46
N LEU E 135 -6.42 39.07 24.67
CA LEU E 135 -6.67 39.56 26.02
C LEU E 135 -7.31 38.49 26.89
N THR E 136 -8.30 37.77 26.36
CA THR E 136 -8.95 36.75 27.18
C THR E 136 -8.00 35.60 27.48
N ALA E 137 -7.13 35.25 26.53
CA ALA E 137 -6.12 34.22 26.81
C ALA E 137 -5.18 34.67 27.91
N THR E 138 -4.72 35.92 27.83
CA THR E 138 -3.80 36.42 28.85
C THR E 138 -4.45 36.47 30.23
N LEU E 139 -5.72 36.89 30.30
CA LEU E 139 -6.32 37.09 31.62
C LEU E 139 -6.83 35.77 32.21
N THR E 140 -7.46 34.91 31.41
CA THR E 140 -7.95 33.64 31.92
C THR E 140 -6.85 32.62 32.12
N GLY E 141 -5.76 32.72 31.35
CA GLY E 141 -4.75 31.68 31.37
C GLY E 141 -5.14 30.44 30.59
N LEU E 142 -6.20 30.48 29.80
CA LEU E 142 -6.72 29.32 29.08
C LEU E 142 -6.94 29.69 27.63
N ASP E 143 -6.12 29.15 26.74
CA ASP E 143 -6.45 29.13 25.32
C ASP E 143 -7.56 28.11 25.08
N TYR E 144 -8.04 28.03 23.83
CA TYR E 144 -9.03 27.02 23.51
C TYR E 144 -8.46 25.63 23.68
N GLY E 145 -7.23 25.40 23.21
CA GLY E 145 -6.61 24.09 23.30
C GLY E 145 -6.39 23.62 24.72
N ARG E 146 -6.34 24.54 25.68
CA ARG E 146 -6.22 24.17 27.08
C ARG E 146 -7.59 24.08 27.76
N PHE E 147 -8.51 24.97 27.40
CA PHE E 147 -9.83 24.98 28.01
C PHE E 147 -10.63 23.74 27.63
N THR E 148 -10.65 23.40 26.34
CA THR E 148 -11.50 22.31 25.84
C THR E 148 -11.06 20.94 26.34
N ARG E 149 -9.95 20.84 27.08
CA ARG E 149 -9.57 19.56 27.68
C ARG E 149 -9.02 19.74 29.09
N SER E 150 -9.21 20.90 29.71
CA SER E 150 -8.93 21.08 31.12
C SER E 150 -10.14 21.53 31.93
N MET E 151 -11.09 22.22 31.31
CA MET E 151 -12.27 22.71 32.03
C MET E 151 -13.57 22.09 31.52
N LEU E 152 -13.70 21.90 30.21
CA LEU E 152 -14.88 21.28 29.62
C LEU E 152 -14.42 20.01 28.90
N LEU E 153 -15.15 18.91 29.12
CA LEU E 153 -14.86 17.63 28.49
C LEU E 153 -16.07 17.24 27.63
N SER E 154 -16.05 17.67 26.38
CA SER E 154 -17.13 17.34 25.46
C SER E 154 -17.15 15.84 25.17
N GLN E 155 -18.33 15.34 24.86
CA GLN E 155 -18.49 13.91 24.58
C GLN E 155 -17.75 13.52 23.31
N GLY E 156 -17.23 12.30 23.30
CA GLY E 156 -16.50 11.75 22.17
C GLY E 156 -15.01 12.05 22.16
N GLN E 157 -14.63 13.22 22.67
CA GLN E 157 -13.23 13.63 22.72
C GLN E 157 -12.67 13.63 24.14
N PHE E 158 -13.33 12.96 25.08
CA PHE E 158 -12.82 12.91 26.44
C PHE E 158 -11.50 12.15 26.51
N ALA E 159 -11.29 11.19 25.61
CA ALA E 159 -10.05 10.42 25.55
C ALA E 159 -9.02 11.04 24.62
N ALA E 160 -9.27 12.24 24.11
CA ALA E 160 -8.35 12.86 23.16
C ALA E 160 -6.99 13.09 23.79
N PHE E 161 -6.95 13.55 25.04
CA PHE E 161 -5.67 13.82 25.69
C PHE E 161 -4.84 12.56 25.82
N LEU E 162 -5.48 11.43 26.17
CA LEU E 162 -4.76 10.17 26.23
C LEU E 162 -4.37 9.68 24.84
N ASN E 163 -5.15 10.02 23.81
CA ASN E 163 -4.88 9.58 22.45
C ASN E 163 -4.23 10.66 21.61
N ALA E 164 -3.76 11.75 22.22
CA ALA E 164 -3.14 12.84 21.48
C ALA E 164 -1.68 12.52 21.16
N LYS E 165 -1.28 12.79 19.92
CA LYS E 165 0.10 12.63 19.54
C LYS E 165 0.97 13.66 20.27
N PRO E 166 2.26 13.36 20.47
CA PRO E 166 3.12 14.30 21.20
C PRO E 166 3.20 15.68 20.57
N LYS E 167 3.02 15.77 19.25
CA LYS E 167 3.11 17.07 18.57
C LYS E 167 2.08 18.05 19.13
N GLU E 168 0.86 17.58 19.40
CA GLU E 168 -0.17 18.41 20.00
C GLU E 168 -0.25 18.28 21.51
N ARG E 169 0.29 17.20 22.07
CA ARG E 169 0.25 17.01 23.53
C ARG E 169 1.26 17.91 24.23
N ALA E 170 2.45 18.07 23.64
CA ALA E 170 3.49 18.86 24.29
C ALA E 170 3.17 20.34 24.29
N GLU E 171 2.41 20.83 23.30
CA GLU E 171 2.11 22.25 23.22
C GLU E 171 1.29 22.71 24.41
N LEU E 172 0.35 21.88 24.87
CA LEU E 172 -0.46 22.24 26.02
C LEU E 172 0.39 22.42 27.27
N LEU E 173 1.29 21.46 27.53
CA LEU E 173 2.16 21.56 28.69
C LEU E 173 3.15 22.72 28.55
N GLU E 174 3.54 23.05 27.31
CA GLU E 174 4.39 24.22 27.09
C GLU E 174 3.64 25.51 27.43
N GLU E 175 2.39 25.61 26.98
CA GLU E 175 1.60 26.80 27.28
C GLU E 175 1.36 26.95 28.77
N LEU E 176 1.06 25.84 29.45
CA LEU E 176 0.91 25.89 30.90
C LEU E 176 2.27 26.05 31.58
N THR E 177 2.25 26.66 32.75
CA THR E 177 3.43 26.84 33.61
C THR E 177 4.55 27.61 32.91
N GLY E 178 4.21 28.46 31.94
CA GLY E 178 5.20 29.29 31.29
C GLY E 178 6.20 28.48 30.47
N THR E 179 7.41 29.04 30.34
CA THR E 179 8.50 28.41 29.60
C THR E 179 8.12 28.13 28.14
N GLU E 180 7.86 29.22 27.41
CA GLU E 180 7.56 29.15 25.99
C GLU E 180 8.80 29.34 25.10
N ILE E 181 9.97 29.53 25.70
CA ILE E 181 11.16 29.87 24.92
C ILE E 181 11.78 28.67 24.24
N TYR E 182 11.46 27.45 24.68
CA TYR E 182 12.11 26.26 24.12
C TYR E 182 11.75 26.08 22.64
N GLY E 183 10.45 26.17 22.33
CA GLY E 183 10.05 26.08 20.93
C GLY E 183 10.62 27.20 20.08
N GLN E 184 10.70 28.40 20.65
CA GLN E 184 11.27 29.54 19.92
C GLN E 184 12.73 29.30 19.57
N ILE E 185 13.52 28.85 20.56
CA ILE E 185 14.94 28.64 20.29
C ILE E 185 15.12 27.47 19.32
N SER E 186 14.27 26.44 19.41
CA SER E 186 14.38 25.33 18.48
C SER E 186 14.09 25.78 17.05
N ALA E 187 13.03 26.56 16.86
CA ALA E 187 12.69 27.05 15.52
C ALA E 187 13.79 27.95 14.98
N MET E 188 14.31 28.84 15.83
CA MET E 188 15.37 29.74 15.38
C MET E 188 16.63 28.97 15.01
N VAL E 189 16.97 27.95 15.81
CA VAL E 189 18.14 27.13 15.51
C VAL E 189 17.98 26.43 14.16
N PHE E 190 16.79 25.87 13.92
CA PHE E 190 16.56 25.22 12.63
C PHE E 190 16.66 26.22 11.49
N GLU E 191 16.11 27.43 11.68
CA GLU E 191 16.14 28.43 10.62
C GLU E 191 17.57 28.85 10.30
N GLN E 192 18.38 29.11 11.33
CA GLN E 192 19.77 29.52 11.07
C GLN E 192 20.59 28.37 10.49
N HIS E 193 20.32 27.13 10.91
CA HIS E 193 21.01 26.00 10.29
C HIS E 193 20.63 25.85 8.83
N LYS E 194 19.35 26.05 8.50
CA LYS E 194 18.92 26.00 7.11
C LYS E 194 19.61 27.08 6.29
N SER E 195 19.74 28.28 6.85
CA SER E 195 20.45 29.35 6.15
C SER E 195 21.91 28.99 5.94
N ALA E 196 22.59 28.54 7.00
CA ALA E 196 24.01 28.20 6.93
C ALA E 196 24.27 26.97 6.06
N ARG E 197 23.25 26.16 5.78
CA ARG E 197 23.39 25.05 4.86
C ARG E 197 23.08 25.43 3.41
N THR E 198 22.08 26.30 3.20
CA THR E 198 21.75 26.71 1.85
C THR E 198 22.80 27.67 1.29
N GLU E 199 23.51 28.37 2.16
CA GLU E 199 24.61 29.21 1.68
C GLU E 199 25.75 28.35 1.12
N LEU E 200 26.01 27.19 1.74
CA LEU E 200 27.07 26.32 1.28
C LEU E 200 26.70 25.62 -0.01
N GLU E 201 25.41 25.30 -0.19
CA GLU E 201 24.97 24.57 -1.38
C GLU E 201 25.22 25.39 -2.65
N LYS E 202 24.98 26.71 -2.58
CA LYS E 202 25.18 27.55 -3.76
C LYS E 202 26.64 27.61 -4.16
N LEU E 203 27.54 27.54 -3.19
CA LEU E 203 28.97 27.47 -3.51
C LEU E 203 29.29 26.18 -4.26
N GLN E 204 28.64 25.08 -3.89
CA GLN E 204 28.79 23.84 -4.65
C GLN E 204 28.29 24.00 -6.07
N ALA E 205 27.18 24.72 -6.26
CA ALA E 205 26.68 24.98 -7.61
C ALA E 205 27.69 25.78 -8.42
N GLN E 206 28.31 26.79 -7.80
CA GLN E 206 29.36 27.53 -8.49
C GLN E 206 30.59 26.66 -8.71
N ALA E 207 30.84 25.71 -7.79
CA ALA E 207 31.98 24.81 -7.94
C ALA E 207 31.84 23.94 -9.17
N SER E 208 30.63 23.44 -9.45
CA SER E 208 30.38 22.56 -10.57
C SER E 208 29.92 23.30 -11.83
N GLY E 209 29.93 24.63 -11.80
CA GLY E 209 29.53 25.40 -12.96
C GLY E 209 30.70 25.96 -13.74
N VAL E 210 31.92 25.71 -13.24
CA VAL E 210 33.13 26.20 -13.89
C VAL E 210 33.65 25.11 -14.81
N THR E 211 33.79 25.43 -16.09
CA THR E 211 34.29 24.47 -17.08
C THR E 211 35.81 24.36 -16.94
N LEU E 212 36.31 23.13 -16.86
CA LEU E 212 37.74 22.87 -16.75
C LEU E 212 38.23 22.07 -17.95
N LEU E 213 39.34 22.51 -18.54
CA LEU E 213 39.94 21.78 -19.64
C LEU E 213 40.64 20.53 -19.13
N THR E 214 40.45 19.42 -19.84
CA THR E 214 41.04 18.16 -19.43
C THR E 214 42.55 18.18 -19.61
N PRO E 215 43.28 17.40 -18.82
CA PRO E 215 44.75 17.34 -19.00
C PRO E 215 45.17 16.93 -20.40
N GLU E 216 44.42 16.03 -21.04
CA GLU E 216 44.71 15.68 -22.43
C GLU E 216 44.54 16.90 -23.33
N GLN E 217 43.48 17.67 -23.12
CA GLN E 217 43.30 18.91 -23.88
C GLN E 217 44.41 19.91 -23.58
N VAL E 218 44.82 20.00 -22.30
CA VAL E 218 45.89 20.92 -21.92
C VAL E 218 47.19 20.54 -22.62
N GLN E 219 47.55 19.26 -22.59
CA GLN E 219 48.78 18.83 -23.23
C GLN E 219 48.70 18.94 -24.75
N SER E 220 47.55 18.58 -25.32
CA SER E 220 47.38 18.68 -26.77
C SER E 220 47.50 20.13 -27.24
N LEU E 221 46.90 21.06 -26.49
CA LEU E 221 47.05 22.47 -26.82
C LEU E 221 48.50 22.91 -26.67
N THR E 222 49.17 22.47 -25.59
CA THR E 222 50.57 22.80 -25.40
C THR E 222 51.45 22.20 -26.49
N ALA E 223 51.15 20.96 -26.89
CA ALA E 223 51.91 20.32 -27.95
C ALA E 223 51.80 21.09 -29.26
N SER E 224 50.60 21.62 -29.56
CA SER E 224 50.41 22.39 -30.78
C SER E 224 51.24 23.68 -30.76
N LEU E 225 51.42 24.27 -29.57
CA LEU E 225 52.25 25.47 -29.47
C LEU E 225 53.67 25.20 -29.91
N GLN E 226 54.24 24.07 -29.49
CA GLN E 226 55.59 23.72 -29.91
C GLN E 226 55.64 23.48 -31.42
N VAL E 227 54.61 22.81 -31.96
CA VAL E 227 54.56 22.54 -33.40
C VAL E 227 54.48 23.86 -34.17
N LEU E 228 53.63 24.78 -33.72
CA LEU E 228 53.52 26.07 -34.37
C LEU E 228 54.82 26.87 -34.27
N THR E 229 55.46 26.82 -33.11
CA THR E 229 56.69 27.58 -32.91
C THR E 229 57.85 26.99 -33.71
N ASP E 230 57.95 25.66 -33.74
CA ASP E 230 59.02 25.00 -34.50
C ASP E 230 58.89 25.23 -35.99
N GLU E 231 57.67 25.17 -36.53
CA GLU E 231 57.47 25.44 -37.95
C GLU E 231 57.83 26.87 -38.29
N GLU E 232 57.63 27.78 -37.32
CA GLU E 232 58.01 29.18 -37.53
C GLU E 232 59.53 29.33 -37.67
N LYS E 233 60.29 28.63 -36.83
CA LYS E 233 61.74 28.79 -36.86
C LYS E 233 62.36 28.16 -38.10
N GLN E 234 61.60 27.33 -38.82
CA GLN E 234 62.13 26.67 -40.02
C GLN E 234 62.20 27.60 -41.22
N LEU E 235 61.82 28.88 -41.07
CA LEU E 235 61.91 29.83 -42.16
C LEU E 235 63.26 30.54 -42.17
N THR E 835 56.38 33.43 -47.17
CA THR E 835 56.86 33.50 -45.79
C THR E 835 55.89 34.28 -44.91
N HIS E 836 55.53 35.49 -45.37
CA HIS E 836 54.68 36.36 -44.58
C HIS E 836 53.32 35.73 -44.32
N GLN E 837 52.84 34.91 -45.26
CA GLN E 837 51.53 34.27 -45.09
C GLN E 837 51.54 33.32 -43.90
N LYS E 838 52.57 32.49 -43.78
CA LYS E 838 52.58 31.48 -42.73
C LYS E 838 53.06 32.06 -41.40
N LEU E 839 53.61 33.27 -41.41
CA LEU E 839 53.97 33.94 -40.16
C LEU E 839 52.74 34.16 -39.30
N ARG E 840 51.74 34.84 -39.84
CA ARG E 840 50.52 35.11 -39.08
C ARG E 840 49.71 33.83 -38.88
N GLU E 841 49.84 32.88 -39.80
CA GLU E 841 49.05 31.65 -39.70
C GLU E 841 49.40 30.87 -38.44
N ASN E 842 50.69 30.63 -38.21
CA ASN E 842 51.11 29.99 -36.97
C ASN E 842 50.88 30.89 -35.77
N THR E 843 51.15 32.19 -35.95
CA THR E 843 51.03 33.13 -34.82
C THR E 843 49.59 33.25 -34.34
N THR E 844 48.63 33.27 -35.27
CA THR E 844 47.22 33.33 -34.88
C THR E 844 46.84 32.11 -34.04
N SER E 845 47.26 30.91 -34.48
CA SER E 845 46.97 29.70 -33.73
C SER E 845 47.71 29.69 -32.41
N GLN E 846 48.89 30.33 -32.35
CA GLN E 846 49.62 30.43 -31.10
C GLN E 846 48.84 31.24 -30.07
N GLY E 847 48.22 32.34 -30.50
CA GLY E 847 47.43 33.14 -29.58
C GLY E 847 46.19 32.41 -29.09
N GLU E 848 45.59 31.58 -29.95
CA GLU E 848 44.40 30.85 -29.56
C GLU E 848 44.68 29.91 -28.39
N ILE E 849 45.82 29.22 -28.43
CA ILE E 849 46.15 28.27 -27.37
C ILE E 849 46.48 29.00 -26.08
N ARG E 850 47.18 30.13 -26.17
CA ARG E 850 47.64 30.83 -24.98
C ARG E 850 46.47 31.26 -24.10
N GLN E 851 45.41 31.79 -24.72
CA GLN E 851 44.25 32.20 -23.94
C GLN E 851 43.57 31.02 -23.28
N GLN E 852 43.47 29.90 -24.00
CA GLN E 852 42.80 28.72 -23.45
C GLN E 852 43.52 28.20 -22.21
N LEU E 853 44.86 28.16 -22.25
CA LEU E 853 45.62 27.81 -21.05
C LEU E 853 45.44 28.86 -19.97
N LYS E 854 45.43 30.14 -20.35
CA LYS E 854 45.20 31.20 -19.37
C LYS E 854 43.80 31.10 -18.78
N GLN E 855 42.80 30.84 -19.62
CA GLN E 855 41.44 30.67 -19.11
C GLN E 855 41.32 29.44 -18.23
N ASP E 856 41.99 28.35 -18.61
CA ASP E 856 41.98 27.15 -17.79
C ASP E 856 42.61 27.42 -16.43
N ALA E 857 43.74 28.14 -16.41
CA ALA E 857 44.36 28.52 -15.14
C ALA E 857 43.45 29.42 -14.34
N ASP E 858 42.79 30.38 -15.00
CA ASP E 858 41.86 31.26 -14.31
C ASP E 858 40.67 30.49 -13.77
N ASN E 859 40.16 29.53 -14.54
CA ASN E 859 39.07 28.69 -14.07
C ASN E 859 39.49 27.86 -12.87
N ARG E 860 40.70 27.30 -12.91
CA ARG E 860 41.22 26.56 -11.77
C ARG E 860 41.49 27.47 -10.59
N GLN E 861 41.98 28.68 -10.86
CA GLN E 861 42.29 29.62 -9.79
C GLN E 861 41.03 30.00 -9.00
N GLN E 862 39.93 30.26 -9.71
CA GLN E 862 38.68 30.58 -9.04
C GLN E 862 38.17 29.39 -8.23
N GLN E 863 38.29 28.18 -8.79
CA GLN E 863 37.84 26.99 -8.09
C GLN E 863 38.65 26.75 -6.82
N GLN E 864 39.98 26.92 -6.90
CA GLN E 864 40.84 26.63 -5.76
C GLN E 864 40.51 27.53 -4.58
N THR E 865 40.30 28.83 -4.84
CA THR E 865 39.92 29.74 -3.76
C THR E 865 38.57 29.37 -3.17
N LEU E 866 37.60 29.02 -4.01
CA LEU E 866 36.26 28.68 -3.51
C LEU E 866 36.30 27.38 -2.71
N MET E 867 37.07 26.39 -3.15
CA MET E 867 37.23 25.17 -2.38
C MET E 867 37.86 25.46 -1.02
N GLN E 868 38.82 26.40 -0.97
CA GLN E 868 39.35 26.81 0.32
C GLN E 868 38.27 27.43 1.19
N GLN E 869 37.45 28.30 0.61
CA GLN E 869 36.34 28.88 1.37
C GLN E 869 35.35 27.80 1.80
N ILE E 870 35.00 26.90 0.88
CA ILE E 870 34.02 25.86 1.20
C ILE E 870 34.50 25.01 2.37
N ALA E 871 35.81 24.73 2.40
CA ALA E 871 36.36 23.93 3.48
C ALA E 871 36.21 24.63 4.83
N GLN E 872 36.40 25.95 4.86
CA GLN E 872 36.40 26.67 6.14
C GLN E 872 35.01 26.67 6.78
N MET E 873 33.96 27.03 6.04
CA MET E 873 32.63 27.03 6.62
C MET E 873 31.99 25.65 6.64
N THR E 874 32.61 24.65 6.01
CA THR E 874 32.12 23.28 6.13
C THR E 874 32.24 22.79 7.56
N GLN E 875 33.36 23.10 8.21
CA GLN E 875 33.58 22.62 9.58
C GLN E 875 32.55 23.20 10.54
N GLN E 876 32.11 24.43 10.30
CA GLN E 876 31.13 25.06 11.17
C GLN E 876 29.73 24.45 10.99
N VAL E 877 29.32 24.24 9.73
CA VAL E 877 27.99 23.74 9.45
C VAL E 877 27.85 22.30 9.95
N GLU E 878 28.98 21.58 10.05
CA GLU E 878 28.94 20.27 10.66
C GLU E 878 28.44 20.34 12.09
N ASP E 879 29.00 21.26 12.89
CA ASP E 879 28.57 21.43 14.26
C ASP E 879 27.16 22.00 14.34
N TRP E 880 26.78 22.85 13.39
CA TRP E 880 25.41 23.35 13.37
C TRP E 880 24.41 22.22 13.18
N GLY E 881 24.70 21.32 12.24
CA GLY E 881 23.84 20.15 12.06
C GLY E 881 23.84 19.24 13.26
N TYR E 882 25.01 19.05 13.88
CA TYR E 882 25.09 18.21 15.08
C TYR E 882 24.25 18.77 16.20
N LEU E 883 24.30 20.10 16.40
CA LEU E 883 23.45 20.74 17.40
C LEU E 883 21.98 20.61 17.03
N ASN E 884 21.64 20.80 15.76
CA ASN E 884 20.26 20.67 15.31
C ASN E 884 19.73 19.26 15.56
N SER E 885 20.61 18.25 15.53
CA SER E 885 20.19 16.87 15.71
C SER E 885 19.66 16.58 17.12
N LEU E 886 19.86 17.48 18.08
CA LEU E 886 19.40 17.23 19.43
C LEU E 886 18.79 18.45 20.11
N ILE E 887 18.43 19.50 19.37
CA ILE E 887 17.78 20.66 19.95
C ILE E 887 16.42 20.95 19.32
N GLY E 888 16.14 20.49 18.12
CA GLY E 888 14.82 20.58 17.54
C GLY E 888 14.83 21.30 16.20
N SER E 889 13.63 21.37 15.62
CA SER E 889 13.47 21.99 14.31
C SER E 889 12.02 22.40 14.13
N LYS E 890 11.83 23.55 13.46
CA LYS E 890 10.51 24.10 13.13
C LYS E 890 9.71 24.25 14.43
N GLU E 891 8.47 23.77 14.49
CA GLU E 891 7.58 24.05 15.62
C GLU E 891 7.89 23.09 16.77
N GLY E 892 9.09 23.24 17.33
CA GLY E 892 9.48 22.48 18.50
C GLY E 892 9.42 20.98 18.31
N ASP E 893 9.93 20.48 17.17
CA ASP E 893 9.85 19.05 16.89
C ASP E 893 10.61 18.23 17.92
N LYS E 894 11.80 18.70 18.31
CA LYS E 894 12.62 18.00 19.29
C LYS E 894 12.98 18.96 20.41
N PHE E 895 13.30 18.36 21.57
CA PHE E 895 13.75 19.04 22.77
C PHE E 895 12.63 19.81 23.46
N ARG E 896 11.49 19.98 22.78
CA ARG E 896 10.32 20.52 23.47
C ARG E 896 9.72 19.47 24.39
N LYS E 897 9.60 18.24 23.90
CA LYS E 897 9.22 17.14 24.76
C LYS E 897 10.27 16.89 25.83
N PHE E 898 11.55 17.09 25.49
CA PHE E 898 12.62 16.95 26.47
C PHE E 898 12.45 17.93 27.62
N ALA E 899 12.12 19.19 27.30
CA ALA E 899 11.89 20.18 28.34
C ALA E 899 10.62 19.88 29.13
N GLN E 900 9.55 19.49 28.44
CA GLN E 900 8.25 19.30 29.08
C GLN E 900 8.12 17.96 29.80
N GLY E 901 9.11 17.08 29.69
CA GLY E 901 9.06 15.82 30.42
C GLY E 901 8.96 16.02 31.92
N LEU E 902 9.66 17.02 32.45
CA LEU E 902 9.59 17.28 33.89
C LEU E 902 8.21 17.78 34.30
N THR E 903 7.60 18.65 33.49
CA THR E 903 6.25 19.10 33.78
C THR E 903 5.27 17.95 33.72
N LEU E 904 5.44 17.05 32.74
CA LEU E 904 4.58 15.88 32.66
C LEU E 904 4.78 14.96 33.86
N ASP E 905 6.02 14.87 34.36
CA ASP E 905 6.28 14.07 35.56
C ASP E 905 5.57 14.65 36.76
N ASN E 906 5.62 15.98 36.93
CA ASN E 906 4.90 16.60 38.04
C ASN E 906 3.40 16.40 37.89
N LEU E 907 2.88 16.54 36.67
CA LEU E 907 1.45 16.36 36.44
C LEU E 907 1.01 14.93 36.76
N VAL E 908 1.81 13.94 36.35
CA VAL E 908 1.44 12.56 36.64
C VAL E 908 1.61 12.25 38.12
N HIS E 909 2.56 12.91 38.79
CA HIS E 909 2.69 12.74 40.23
C HIS E 909 1.46 13.24 40.96
N LEU E 910 0.92 14.38 40.53
CA LEU E 910 -0.32 14.87 41.13
C LEU E 910 -1.51 14.00 40.74
N ALA E 911 -1.55 13.53 39.50
CA ALA E 911 -2.64 12.69 39.04
C ALA E 911 -2.67 11.37 39.78
N ASN E 912 -1.51 10.85 40.19
CA ASN E 912 -1.48 9.62 40.96
C ASN E 912 -2.19 9.79 42.30
N GLN E 913 -1.86 10.86 43.04
CA GLN E 913 -2.46 11.07 44.34
C GLN E 913 -3.94 11.42 44.22
N GLN E 914 -4.35 12.05 43.11
CA GLN E 914 -5.77 12.32 42.94
C GLN E 914 -6.52 11.04 42.55
N LEU E 915 -5.91 10.20 41.72
CA LEU E 915 -6.57 8.98 41.26
C LEU E 915 -6.66 7.94 42.37
N THR E 916 -5.71 7.93 43.30
CA THR E 916 -5.85 7.05 44.46
C THR E 916 -7.08 7.42 45.28
N ARG E 917 -7.34 8.72 45.45
CA ARG E 917 -8.55 9.14 46.12
C ARG E 917 -9.79 8.78 45.30
N LEU E 918 -9.71 8.92 43.98
CA LEU E 918 -10.85 8.60 43.13
C LEU E 918 -11.21 7.11 43.22
N HIS E 919 -10.22 6.23 42.99
CA HIS E 919 -10.40 4.79 43.08
C HIS E 919 -9.05 4.09 42.95
N GLY E 920 -8.83 3.04 43.72
CA GLY E 920 -7.53 2.40 43.79
C GLY E 920 -7.31 1.28 42.81
N ARG E 921 -7.63 1.50 41.53
CA ARG E 921 -7.44 0.44 40.54
C ARG E 921 -6.12 0.57 39.79
N TYR E 922 -5.71 1.78 39.44
CA TYR E 922 -4.51 1.99 38.64
C TYR E 922 -3.70 3.16 39.17
N LEU E 923 -2.42 3.13 38.87
CA LEU E 923 -1.51 4.25 39.08
C LEU E 923 -0.81 4.57 37.77
N LEU E 924 -0.42 5.84 37.60
CA LEU E 924 0.11 6.32 36.35
C LEU E 924 1.55 6.80 36.53
N GLN E 925 2.39 6.55 35.53
CA GLN E 925 3.74 7.07 35.52
C GLN E 925 4.25 7.07 34.08
N ARG E 926 5.29 7.86 33.84
CA ARG E 926 5.85 7.98 32.50
C ARG E 926 6.61 6.73 32.12
N LYS E 927 6.41 6.28 30.88
CA LYS E 927 7.05 5.08 30.37
C LYS E 927 8.35 5.42 29.65
N ALA E 928 9.22 4.41 29.55
CA ALA E 928 10.53 4.58 28.92
C ALA E 928 10.38 4.58 27.39
N SER E 929 9.83 5.67 26.89
CA SER E 929 9.72 5.91 25.45
C SER E 929 10.13 7.34 25.16
N GLU E 930 10.58 7.56 23.91
CA GLU E 930 10.98 8.90 23.50
C GLU E 930 9.77 9.85 23.51
N ALA E 931 8.61 9.37 23.10
CA ALA E 931 7.41 10.20 23.08
C ALA E 931 6.89 10.42 24.49
N LEU E 932 6.15 11.52 24.65
CA LEU E 932 5.57 11.86 25.95
C LEU E 932 4.34 10.97 26.16
N GLU E 933 4.54 9.87 26.91
CA GLU E 933 3.48 8.91 27.15
C GLU E 933 3.39 8.58 28.62
N VAL E 934 2.19 8.24 29.06
CA VAL E 934 1.91 7.81 30.43
C VAL E 934 1.26 6.43 30.36
N GLU E 935 1.74 5.53 31.22
CA GLU E 935 1.25 4.15 31.24
C GLU E 935 0.67 3.84 32.61
N VAL E 936 -0.35 2.99 32.62
CA VAL E 936 -1.08 2.64 33.84
C VAL E 936 -0.40 1.47 34.53
N VAL E 937 -0.49 1.44 35.85
CA VAL E 937 0.09 0.38 36.66
C VAL E 937 -1.04 -0.36 37.34
N ASP E 938 -1.08 -1.68 37.16
CA ASP E 938 -2.14 -2.51 37.72
C ASP E 938 -1.82 -2.77 39.19
N THR E 939 -2.58 -2.12 40.09
CA THR E 939 -2.33 -2.29 41.52
C THR E 939 -2.60 -3.71 41.97
N TRP E 940 -3.68 -4.32 41.49
CA TRP E 940 -4.04 -5.66 41.92
C TRP E 940 -2.97 -6.67 41.52
N GLN E 941 -2.45 -6.56 40.30
CA GLN E 941 -1.32 -7.41 39.90
C GLN E 941 -0.01 -6.92 40.52
N ALA E 942 0.09 -5.63 40.81
CA ALA E 942 1.22 -4.96 41.46
C ALA E 942 2.47 -4.94 40.60
N ASP E 943 2.45 -5.53 39.40
CA ASP E 943 3.62 -5.56 38.53
C ASP E 943 3.32 -5.22 37.08
N ALA E 944 2.08 -5.32 36.62
CA ALA E 944 1.76 -5.11 35.22
C ALA E 944 2.07 -3.66 34.80
N VAL E 945 2.79 -3.52 33.70
CA VAL E 945 3.14 -2.22 33.14
C VAL E 945 2.62 -2.23 31.70
N ARG E 946 1.44 -1.66 31.49
CA ARG E 946 0.79 -1.65 30.20
C ARG E 946 0.44 -0.22 29.80
N ASP E 947 0.42 0.02 28.49
CA ASP E 947 0.10 1.34 27.98
C ASP E 947 -1.40 1.58 28.03
N THR E 948 -1.77 2.86 27.94
CA THR E 948 -3.17 3.27 28.02
C THR E 948 -4.00 2.78 26.85
N ARG E 949 -3.38 2.30 25.77
CA ARG E 949 -4.11 1.90 24.59
C ARG E 949 -4.98 0.66 24.84
N THR E 950 -4.67 -0.13 25.87
CA THR E 950 -5.38 -1.37 26.13
C THR E 950 -6.40 -1.24 27.24
N LEU E 951 -6.66 -0.03 27.73
CA LEU E 951 -7.60 0.15 28.83
C LEU E 951 -9.04 -0.05 28.35
N SER E 952 -9.91 -0.38 29.31
CA SER E 952 -11.34 -0.43 29.05
C SER E 952 -11.89 0.99 28.91
N GLY E 953 -13.11 1.09 28.36
CA GLY E 953 -13.68 2.40 28.12
C GLY E 953 -13.91 3.20 29.40
N GLY E 954 -14.50 2.56 30.40
CA GLY E 954 -14.74 3.26 31.65
C GLY E 954 -13.48 3.66 32.37
N GLU E 955 -12.50 2.75 32.41
CA GLU E 955 -11.23 3.08 33.05
C GLU E 955 -10.49 4.18 32.30
N SER E 956 -10.58 4.18 30.97
CA SER E 956 -9.97 5.25 30.19
C SER E 956 -10.64 6.58 30.47
N PHE E 957 -11.98 6.58 30.60
CA PHE E 957 -12.69 7.81 30.93
C PHE E 957 -12.27 8.31 32.31
N LEU E 958 -12.16 7.40 33.28
CA LEU E 958 -11.73 7.81 34.62
C LEU E 958 -10.31 8.34 34.62
N VAL E 959 -9.41 7.71 33.86
CA VAL E 959 -8.03 8.19 33.76
C VAL E 959 -7.99 9.59 33.14
N SER E 960 -8.79 9.79 32.08
CA SER E 960 -8.84 11.10 31.44
C SER E 960 -9.37 12.16 32.38
N LEU E 961 -10.42 11.83 33.14
CA LEU E 961 -10.97 12.78 34.10
C LEU E 961 -9.95 13.11 35.20
N ALA E 962 -9.24 12.09 35.68
CA ALA E 962 -8.22 12.31 36.69
C ALA E 962 -7.10 13.21 36.15
N LEU E 963 -6.67 12.94 34.92
CA LEU E 963 -5.63 13.77 34.30
C LEU E 963 -6.10 15.21 34.14
N ALA E 964 -7.35 15.40 33.72
CA ALA E 964 -7.89 16.74 33.56
C ALA E 964 -7.94 17.47 34.91
N LEU E 965 -8.38 16.78 35.96
CA LEU E 965 -8.45 17.41 37.27
C LEU E 965 -7.06 17.79 37.77
N ALA E 966 -6.10 16.88 37.65
CA ALA E 966 -4.74 17.19 38.09
C ALA E 966 -4.13 18.32 37.26
N LEU E 967 -4.40 18.33 35.96
CA LEU E 967 -3.89 19.40 35.10
C LEU E 967 -4.49 20.74 35.50
N SER E 968 -5.79 20.77 35.79
CA SER E 968 -6.42 22.01 36.24
C SER E 968 -5.84 22.48 37.57
N ASP E 969 -5.61 21.54 38.50
CA ASP E 969 -5.07 21.91 39.80
C ASP E 969 -3.59 22.29 39.74
N LEU E 970 -2.88 21.87 38.68
CA LEU E 970 -1.47 22.21 38.55
C LEU E 970 -1.27 23.71 38.41
N VAL E 971 -2.16 24.38 37.69
CA VAL E 971 -1.99 25.79 37.38
C VAL E 971 -2.83 26.63 38.34
N SER E 972 -3.13 26.07 39.51
CA SER E 972 -3.88 26.83 40.52
C SER E 972 -3.11 28.04 41.01
N HIS E 973 -1.77 28.04 40.90
CA HIS E 973 -0.98 29.15 41.38
C HIS E 973 -1.24 30.43 40.58
N LYS E 974 -1.34 30.33 39.26
CA LYS E 974 -1.58 31.48 38.40
C LYS E 974 -2.80 31.22 37.55
N THR E 975 -3.74 32.18 37.53
CA THR E 975 -5.01 32.05 36.83
C THR E 975 -5.75 30.79 37.29
N ARG E 976 -6.13 30.82 38.56
CA ARG E 976 -6.76 29.67 39.20
C ARG E 976 -8.04 29.26 38.48
N ILE E 977 -8.27 27.95 38.41
CA ILE E 977 -9.46 27.38 37.77
C ILE E 977 -10.29 26.69 38.84
N ASP E 978 -11.56 27.08 38.93
CA ASP E 978 -12.47 26.55 39.94
C ASP E 978 -13.80 26.15 39.31
N SER E 979 -13.75 25.49 38.15
CA SER E 979 -14.96 25.04 37.48
C SER E 979 -14.65 23.80 36.66
N LEU E 980 -15.70 23.06 36.32
CA LEU E 980 -15.56 21.84 35.54
C LEU E 980 -16.91 21.48 34.95
N PHE E 981 -16.89 20.97 33.72
CA PHE E 981 -18.10 20.52 33.04
C PHE E 981 -17.81 19.20 32.33
N LEU E 982 -18.75 18.26 32.41
CA LEU E 982 -18.61 16.94 31.82
C LEU E 982 -19.85 16.65 30.99
N ASP E 983 -19.71 16.72 29.66
CA ASP E 983 -20.86 16.50 28.78
C ASP E 983 -21.37 15.07 28.88
N GLU E 984 -20.47 14.09 28.89
CA GLU E 984 -20.85 12.68 28.91
C GLU E 984 -19.64 11.86 29.28
N GLY E 985 -19.87 10.58 29.58
CA GLY E 985 -18.81 9.67 29.95
C GLY E 985 -19.22 8.71 31.06
N PHE E 986 -20.24 9.09 31.83
CA PHE E 986 -20.73 8.25 32.92
C PHE E 986 -21.53 7.06 32.43
N GLY E 987 -21.93 7.03 31.17
CA GLY E 987 -22.74 5.94 30.67
C GLY E 987 -22.02 4.60 30.73
N THR E 988 -20.73 4.58 30.35
CA THR E 988 -19.98 3.34 30.31
C THR E 988 -19.71 2.76 31.69
N LEU E 989 -19.96 3.51 32.75
CA LEU E 989 -19.70 3.05 34.11
C LEU E 989 -20.90 2.31 34.67
N ASP E 990 -20.62 1.23 35.42
CA ASP E 990 -21.69 0.51 36.11
C ASP E 990 -22.10 1.25 37.38
N SER E 991 -23.20 0.79 37.97
CA SER E 991 -23.73 1.44 39.18
C SER E 991 -22.79 1.29 40.37
N GLU E 992 -21.99 0.22 40.42
CA GLU E 992 -21.12 -0.02 41.55
C GLU E 992 -19.84 0.82 41.51
N THR E 993 -19.57 1.49 40.40
CA THR E 993 -18.46 2.41 40.26
C THR E 993 -18.90 3.85 40.05
N LEU E 994 -20.03 4.05 39.36
CA LEU E 994 -20.56 5.40 39.15
C LEU E 994 -20.85 6.08 40.49
N ASP E 995 -21.29 5.32 41.49
CA ASP E 995 -21.49 5.89 42.81
C ASP E 995 -20.19 6.43 43.39
N THR E 996 -19.11 5.68 43.25
CA THR E 996 -17.81 6.14 43.73
C THR E 996 -17.36 7.38 42.96
N ALA E 997 -17.60 7.40 41.65
CA ALA E 997 -17.25 8.59 40.86
C ALA E 997 -18.01 9.82 41.34
N LEU E 998 -19.32 9.67 41.58
CA LEU E 998 -20.11 10.79 42.09
C LEU E 998 -19.64 11.21 43.48
N ASP E 999 -19.26 10.26 44.32
CA ASP E 999 -18.72 10.60 45.63
C ASP E 999 -17.43 11.42 45.49
N ALA E 1000 -16.57 11.04 44.55
CA ALA E 1000 -15.34 11.80 44.33
C ALA E 1000 -15.65 13.21 43.84
N LEU E 1001 -16.59 13.34 42.90
CA LEU E 1001 -16.96 14.67 42.43
C LEU E 1001 -17.57 15.50 43.54
N ASP E 1002 -18.32 14.88 44.45
CA ASP E 1002 -18.85 15.59 45.61
C ASP E 1002 -17.71 16.04 46.53
N ALA E 1003 -16.70 15.19 46.70
CA ALA E 1003 -15.54 15.57 47.51
C ALA E 1003 -14.82 16.78 46.91
N LEU E 1004 -14.67 16.80 45.58
CA LEU E 1004 -14.09 17.97 44.93
C LEU E 1004 -14.98 19.20 45.08
N ASN E 1005 -16.30 19.04 44.92
CA ASN E 1005 -17.22 20.16 45.04
C ASN E 1005 -17.38 20.65 46.48
N ALA E 1006 -16.90 19.88 47.46
CA ALA E 1006 -16.93 20.37 48.84
C ALA E 1006 -16.16 21.67 48.99
N SER E 1007 -15.17 21.89 48.14
CA SER E 1007 -14.44 23.15 48.10
C SER E 1007 -15.20 24.15 47.24
N GLY E 1008 -14.55 25.26 46.88
CA GLY E 1008 -15.18 26.26 46.05
C GLY E 1008 -15.35 25.90 44.59
N LYS E 1009 -14.80 24.77 44.16
CA LYS E 1009 -14.93 24.34 42.77
C LYS E 1009 -16.38 23.98 42.46
N THR E 1010 -16.85 24.39 41.29
CA THR E 1010 -18.20 24.10 40.83
C THR E 1010 -18.14 23.11 39.67
N ILE E 1011 -18.94 22.04 39.76
CA ILE E 1011 -18.95 20.99 38.75
C ILE E 1011 -20.37 20.83 38.25
N GLY E 1012 -20.55 20.92 36.92
CA GLY E 1012 -21.84 20.69 36.31
C GLY E 1012 -21.78 19.57 35.29
N VAL E 1013 -22.46 18.45 35.59
CA VAL E 1013 -22.37 17.27 34.76
C VAL E 1013 -23.63 17.13 33.92
N ILE E 1014 -23.51 16.37 32.84
CA ILE E 1014 -24.64 16.02 31.98
C ILE E 1014 -24.59 14.51 31.77
N SER E 1015 -25.73 13.84 31.95
CA SER E 1015 -25.77 12.39 31.82
C SER E 1015 -27.18 11.95 31.46
N HIS E 1016 -27.27 10.98 30.55
CA HIS E 1016 -28.55 10.35 30.24
C HIS E 1016 -28.90 9.22 31.20
N VAL E 1017 -27.94 8.81 32.04
CA VAL E 1017 -28.19 7.74 33.00
C VAL E 1017 -28.99 8.29 34.17
N GLU E 1018 -30.06 7.58 34.55
CA GLU E 1018 -30.96 8.01 35.60
C GLU E 1018 -30.46 7.67 37.00
N ALA E 1019 -29.28 7.06 37.12
CA ALA E 1019 -28.77 6.61 38.41
C ALA E 1019 -28.32 7.75 39.31
N MET E 1020 -28.26 8.99 38.81
CA MET E 1020 -27.85 10.12 39.62
C MET E 1020 -28.93 11.20 39.73
N LYS E 1021 -30.16 10.91 39.32
CA LYS E 1021 -31.21 11.92 39.40
C LYS E 1021 -31.53 12.29 40.85
N GLU E 1022 -31.28 11.41 41.80
CA GLU E 1022 -31.46 11.72 43.21
C GLU E 1022 -30.17 12.13 43.90
N ARG E 1023 -29.02 11.69 43.40
CA ARG E 1023 -27.74 12.15 43.95
C ARG E 1023 -27.56 13.65 43.73
N ILE E 1024 -27.92 14.14 42.56
CA ILE E 1024 -27.76 15.56 42.21
C ILE E 1024 -29.08 16.27 42.54
N PRO E 1025 -29.06 17.28 43.41
CA PRO E 1025 -30.33 17.94 43.75
C PRO E 1025 -30.87 18.83 42.64
N VAL E 1026 -30.00 19.58 41.97
CA VAL E 1026 -30.41 20.58 40.99
C VAL E 1026 -30.40 19.95 39.60
N GLN E 1027 -31.51 20.08 38.88
CA GLN E 1027 -31.63 19.59 37.51
C GLN E 1027 -32.20 20.70 36.63
N ILE E 1028 -31.54 20.97 35.51
CA ILE E 1028 -32.02 21.94 34.53
C ILE E 1028 -32.77 21.13 33.46
N LYS E 1029 -34.07 20.94 33.69
CA LYS E 1029 -34.87 20.17 32.76
C LYS E 1029 -35.01 20.90 31.42
N VAL E 1030 -34.85 20.16 30.33
CA VAL E 1030 -35.00 20.68 28.98
C VAL E 1030 -36.04 19.81 28.26
N LYS E 1031 -36.99 20.47 27.58
CA LYS E 1031 -38.11 19.78 26.97
C LYS E 1031 -38.23 20.16 25.51
N LYS E 1032 -38.68 19.20 24.70
CA LYS E 1032 -39.06 19.48 23.33
C LYS E 1032 -40.49 20.02 23.28
N ILE E 1033 -40.93 20.44 22.10
CA ILE E 1033 -42.25 21.01 21.91
C ILE E 1033 -42.93 20.33 20.72
N ASN E 1034 -43.69 19.27 21.01
CA ASN E 1034 -44.61 18.64 20.05
C ASN E 1034 -43.96 18.36 18.70
N GLY E 1035 -42.66 18.07 18.72
CA GLY E 1035 -41.96 17.78 17.49
C GLY E 1035 -41.93 18.91 16.49
N LEU E 1036 -42.03 20.16 16.97
CA LEU E 1036 -41.97 21.31 16.08
C LEU E 1036 -40.57 21.58 15.56
N GLY E 1037 -39.55 20.91 16.08
CA GLY E 1037 -38.18 21.16 15.71
C GLY E 1037 -37.45 22.14 16.59
N TYR E 1038 -38.05 22.57 17.69
CA TYR E 1038 -37.43 23.49 18.64
C TYR E 1038 -37.51 22.87 20.02
N SER E 1039 -37.01 23.60 21.02
CA SER E 1039 -37.01 23.11 22.38
C SER E 1039 -37.05 24.29 23.34
N LYS E 1040 -37.42 23.99 24.59
CA LYS E 1040 -37.52 24.99 25.63
C LYS E 1040 -37.09 24.37 26.95
N LEU E 1041 -37.17 25.16 28.02
CA LEU E 1041 -36.77 24.72 29.36
C LEU E 1041 -37.64 25.46 30.37
N GLU E 1042 -37.22 25.42 31.63
CA GLU E 1042 -38.00 26.01 32.71
C GLU E 1042 -38.25 27.49 32.46
N SER E 1043 -39.48 27.93 32.73
CA SER E 1043 -39.87 29.31 32.48
C SER E 1043 -39.14 30.30 33.37
N THR E 1044 -38.56 29.84 34.49
CA THR E 1044 -37.86 30.77 35.38
C THR E 1044 -36.61 31.34 34.72
N PHE E 1045 -36.01 30.62 33.77
CA PHE E 1045 -34.81 31.10 33.09
C PHE E 1045 -35.11 31.83 31.79
N ALA E 1046 -36.37 31.85 31.36
CA ALA E 1046 -36.71 32.55 30.12
C ALA E 1046 -36.76 34.06 30.34
N VAL E 1047 -36.59 34.80 29.25
CA VAL E 1047 -36.64 36.25 29.29
C VAL E 1047 -37.44 36.78 28.11
#